data_7FIG
#
_entry.id   7FIG
#
loop_
_entity.id
_entity.type
_entity.pdbx_description
1 polymer 'Engineered guanine nucleotide-binding protein G(s) subunit alpha'
2 polymer 'Guanine nucleotide-binding protein G(I)/G(S)/G(T) subunit beta-1'
3 polymer 'Guanine nucleotide-binding protein G(I)/G(S)/G(O) subunit gamma-2'
4 polymer 'Camelid antibody VHH fragment Nb35'
5 polymer 'Lutropin-choriogonadotropic hormone receptor'
6 polymer 'Glycoprotein hormones alpha chain'
7 polymer 'Choriogonadotropin subunit beta 3'
8 non-polymer 2-acetamido-2-deoxy-beta-D-glucopyranose
#
loop_
_entity_poly.entity_id
_entity_poly.type
_entity_poly.pdbx_seq_one_letter_code
_entity_poly.pdbx_strand_id
1 'polypeptide(L)'
;MGCTLSAEDKAAVERSKMIEKQLQKDKQVYRATHRLLLLGADNSGKSTIVKQMRIYHVNGYSEEECKQYKAVVYSNTIQS
IIAIIRAMGRLKIDFGDSARADDARQLFVLAGAAEEGFMTAELAGVIKRLWKDSGVQACFNRSREYQLNDSAAYYLNDLD
RIAQPNYIPTQQDVLRTRVKTSGIFETKFQVDKVNFHMFDVGAQRDERRKWIQCFNDVTAIIFVVDSSDYNRLQEALNDF
KSIWNNRWLRTISVILFLNKQDLLAEKVLAGKSKIEDYFPEFARYTTPEDATPEPGEDPRVTRAKYFIRDEFLRISTASG
DGRHYCYPHFTCSVDTENARRIFNDCRDIIQRMHLRQYELL
;
A
2 'polypeptide(L)'
;HHHHHHGSLLQSELDQLRQEAEQLKNQIRDARKACADATLSQITNNIDPVGRIQMRTRRTLRGHLAKIYAMHWGTDSRLL
VSASQDGKLIIWDSYTTNKVHAIPLRSSWVMTCAYAPSGNYVACGGLDNICSIYNLKTREGNVRVSRELAGHTGYLSCCR
FLDDNQIVTSSGDTTCALWDIETGQQTTTFTGHTGDVMSLSLAPDTRLFVSGACDASAKLWDVREGMCRQTFTGHESDIN
AICFFPNGNAFATGSDDATCRLFDLRADQELMTYSHDNIICGITSVSFSKSGRLLLAGYDDFNCNVWDALKADRAGVLAG
HDNRVSCLGVTDDGMAVATGSWDSFLKIWN
;
B
3 'polypeptide(L)' MASNNTASIAQARKLVEQLKMEANIDRIKVSKAAADLMAYCEAHAKEDPLLTPVPASENPFREKKFFCAIL G
4 'polypeptide(L)'
;QVQLQESGGGLVQPGGSLRLSCAASGFTFSNYKMNWVRQAPGKGLEWVSDISQSGASISYTGSVKGRFTISRDNAKNTLY
LQMNSLKPEDTAVYYCARCPAPFTRDCFDVTSTTYAYRGQGTQVTVSSHHHHHH
;
N
5 'polypeptide(L)'
;DYKDDDDVENLYFQGASALCPEPCNCVPDGALRCPGPTAGLTRLSLAYLPVKVIPSQAFRGLNEVIKIEISQIDSLERIE
ANAFDNLLNLSEILIQNTKNLRYIEPGAFINLPRLKYLSICNTGIRKFPDVTKVFSSESNFILEICDNLHITTIPGNAFQ
GMNNESVTLKLYGNGFEEVQSHAFNGTTLTSLELKENVHLEKMHNGAFRGATGPKTLDISSTKLQALPSYGLESIQRLIA
TSSYSLKKLPSRETFVNLLEATLTYPIHCCAFRNLPTKEQNFSHSISENFSKQCESTVRKVNNKTLYSSMLAESELSGWD
YEYGFCLPKTPRCAPEPDAFNPCEDIMGYDFLRVLIWLINILAIMGNMTVLFVLLTSRYKLTVPRFLMCNLSFADFCMGL
YLLLIASVDSQTKGQYYNHAIDWQTGSGCSTAGFFTVFASELSVYTLTVITLERWHTITYAIHLDQKLRLRHAILIMLGG
WLFSSLIAMLPLVGVSNYMKVSICFPMDVETTLSQVYILTILILNVVAFFIICACYIKIYFAVRNPELMATNKDTKIAKK
MAILIFTDFTCMAPISFFAISAAFKVPLITVTNSKVLLVLFYPINSCANPFLYAIFTKTFQRDFFLLLSKFGCCKRRAEL
YRRKDFSAYTSNCKNGFTGSNKPSQSTLKLSTLHCQGTALLDKTRYTECHHHHHHHH
;
R
6 'polypeptide(L)'
;MDYYRKYAAIFLVTLSVFLHVLHSAPDVQDCPECTLQENPFFSQPGAPILQCMGCCFSRAYPTPLRSKKTMLVQKNVTSE
STCCVAKSYNRVTVMGGFKVENHTACHCSTCYYHKS
;
X
7 'polypeptide(L)'
;MEMFQGLLLLLLLSMGGTWASKEPLRPRCRPINATLAVEKEGCPVCITVNTTICAGYCPTMTRVLQGVLPALPQVVCNYR
DVRFESIRLPGCPRGVNPVVSYAVALSCQCALCRRSTTDCGGPKDHPLTCDDPRFQDSSSSKAPPPSLPSPSRLPGPSDT
PILPQ
;
Y
#
# COMPACT_ATOMS: atom_id res chain seq x y z
N CYS A 3 21.01 -19.62 -13.67
CA CYS A 3 21.05 -19.11 -15.07
C CYS A 3 22.36 -19.50 -15.74
N THR A 4 22.38 -19.43 -17.08
CA THR A 4 23.56 -19.77 -17.85
C THR A 4 23.72 -18.77 -18.99
N LEU A 5 24.97 -18.40 -19.27
CA LEU A 5 25.29 -17.42 -20.29
C LEU A 5 26.59 -17.80 -20.98
N SER A 6 26.69 -17.45 -22.26
CA SER A 6 27.99 -17.38 -22.91
C SER A 6 28.73 -16.11 -22.46
N ALA A 7 30.03 -16.09 -22.76
CA ALA A 7 30.82 -14.89 -22.53
C ALA A 7 30.30 -13.70 -23.33
N GLU A 8 29.71 -13.94 -24.50
CA GLU A 8 29.14 -12.85 -25.28
C GLU A 8 27.94 -12.23 -24.57
N ASP A 9 27.03 -13.07 -24.09
CA ASP A 9 25.87 -12.57 -23.35
C ASP A 9 26.29 -11.88 -22.05
N LYS A 10 27.21 -12.50 -21.31
CA LYS A 10 27.72 -11.88 -20.09
C LYS A 10 28.31 -10.49 -20.35
N ALA A 11 29.16 -10.37 -21.37
CA ALA A 11 29.71 -9.06 -21.69
C ALA A 11 28.62 -8.05 -22.03
N ALA A 12 27.64 -8.44 -22.84
CA ALA A 12 26.53 -7.55 -23.16
C ALA A 12 25.68 -7.24 -21.93
N VAL A 13 25.50 -8.22 -21.04
CA VAL A 13 24.80 -7.96 -19.79
C VAL A 13 25.59 -7.00 -18.91
N GLU A 14 26.90 -7.15 -18.85
CA GLU A 14 27.70 -6.18 -18.11
C GLU A 14 27.68 -4.81 -18.77
N ARG A 15 27.67 -4.75 -20.10
CA ARG A 15 27.40 -3.49 -20.77
C ARG A 15 26.02 -2.96 -20.39
N SER A 16 25.02 -3.82 -20.40
CA SER A 16 23.67 -3.41 -20.02
C SER A 16 23.63 -2.87 -18.59
N LYS A 17 24.29 -3.56 -17.66
CA LYS A 17 24.30 -3.06 -16.29
C LYS A 17 25.16 -1.81 -16.14
N MET A 18 26.28 -1.75 -16.86
CA MET A 18 27.08 -0.52 -16.86
C MET A 18 26.26 0.65 -17.41
N ILE A 19 25.60 0.43 -18.56
CA ILE A 19 24.73 1.46 -19.13
C ILE A 19 23.58 1.78 -18.19
N GLU A 20 23.00 0.76 -17.55
CA GLU A 20 21.94 1.00 -16.58
C GLU A 20 22.40 1.91 -15.44
N LYS A 21 23.57 1.61 -14.87
CA LYS A 21 24.08 2.45 -13.79
C LYS A 21 24.30 3.88 -14.26
N GLN A 22 24.80 4.05 -15.48
CA GLN A 22 24.93 5.40 -16.05
C GLN A 22 23.56 6.07 -16.18
N LEU A 23 22.60 5.37 -16.77
CA LEU A 23 21.26 5.90 -16.91
C LEU A 23 20.64 6.23 -15.56
N GLN A 24 20.83 5.36 -14.57
CA GLN A 24 20.30 5.63 -13.24
C GLN A 24 20.94 6.86 -12.60
N LYS A 25 22.22 7.12 -12.89
CA LYS A 25 22.81 8.39 -12.47
C LYS A 25 22.15 9.58 -13.17
N ASP A 26 21.89 9.46 -14.47
CA ASP A 26 21.21 10.55 -15.18
C ASP A 26 19.77 10.72 -14.74
N LYS A 27 19.10 9.63 -14.35
CA LYS A 27 17.74 9.75 -13.82
C LYS A 27 17.69 10.71 -12.64
N GLN A 28 18.69 10.67 -11.75
CA GLN A 28 18.74 11.63 -10.66
C GLN A 28 18.82 13.06 -11.17
N VAL A 29 19.69 13.32 -12.15
CA VAL A 29 19.80 14.68 -12.72
C VAL A 29 18.51 15.07 -13.39
N TYR A 30 17.88 14.17 -14.13
CA TYR A 30 16.63 14.49 -14.81
C TYR A 30 15.54 14.88 -13.83
N ARG A 31 15.25 14.01 -12.86
CA ARG A 31 14.23 14.31 -11.87
C ARG A 31 14.54 15.57 -11.09
N ALA A 32 15.81 15.83 -10.82
CA ALA A 32 16.19 17.03 -10.07
C ALA A 32 15.99 18.34 -10.84
N THR A 33 15.74 18.29 -12.16
CA THR A 33 15.54 19.48 -12.98
C THR A 33 14.09 19.73 -13.25
N HIS A 34 13.58 20.90 -12.90
CA HIS A 34 12.23 21.29 -13.29
C HIS A 34 12.26 21.87 -14.69
N ARG A 35 11.89 21.07 -15.67
CA ARG A 35 11.79 21.55 -17.05
C ARG A 35 10.62 22.51 -17.15
N LEU A 36 10.82 23.64 -17.83
CA LEU A 36 9.96 24.79 -17.63
C LEU A 36 9.87 25.58 -18.94
N LEU A 37 8.88 25.24 -19.77
CA LEU A 37 8.72 25.90 -21.05
C LEU A 37 8.45 27.38 -20.86
N LEU A 38 9.08 28.21 -21.66
CA LEU A 38 8.87 29.65 -21.71
C LEU A 38 8.18 30.00 -23.03
N LEU A 39 7.15 30.83 -23.00
CA LEU A 39 6.46 31.31 -24.18
C LEU A 39 6.28 32.82 -24.06
N GLY A 40 5.94 33.44 -25.19
CA GLY A 40 5.57 34.84 -25.20
C GLY A 40 5.82 35.48 -26.55
N ALA A 41 4.89 36.32 -27.00
CA ALA A 41 5.11 37.07 -28.23
C ALA A 41 6.36 37.93 -28.10
N ASP A 42 7.13 38.01 -29.19
CA ASP A 42 8.52 38.43 -29.07
C ASP A 42 8.66 39.89 -28.66
N ASN A 43 7.61 40.69 -28.82
CA ASN A 43 7.58 42.01 -28.20
C ASN A 43 7.51 41.95 -26.69
N SER A 44 7.23 40.78 -26.12
CA SER A 44 7.09 40.64 -24.67
C SER A 44 8.43 40.56 -23.95
N GLY A 45 9.54 40.68 -24.65
CA GLY A 45 10.83 40.80 -24.01
C GLY A 45 11.23 39.58 -23.22
N LYS A 46 10.74 38.40 -23.63
CA LYS A 46 11.07 37.17 -22.93
C LYS A 46 12.58 36.95 -22.86
N SER A 47 13.31 37.41 -23.87
CA SER A 47 14.77 37.45 -23.80
C SER A 47 15.24 38.16 -22.53
N THR A 48 14.73 39.34 -22.24
CA THR A 48 15.15 40.13 -21.09
C THR A 48 14.82 39.42 -19.79
N ILE A 49 13.75 38.61 -19.78
CA ILE A 49 13.44 37.73 -18.65
C ILE A 49 14.52 36.67 -18.49
N VAL A 50 14.95 35.97 -19.54
CA VAL A 50 16.00 34.94 -19.40
C VAL A 50 17.37 35.53 -19.03
N LYS A 51 17.63 36.80 -19.35
CA LYS A 51 18.79 37.52 -18.79
C LYS A 51 18.70 37.67 -17.26
N GLN A 52 17.51 37.90 -16.71
CA GLN A 52 17.28 37.91 -15.26
C GLN A 52 17.35 36.52 -14.63
N MET A 53 17.29 35.44 -15.42
CA MET A 53 17.68 34.10 -14.97
C MET A 53 19.20 33.89 -15.07
N ARG A 54 19.83 34.32 -16.18
CA ARG A 54 21.27 34.13 -16.42
C ARG A 54 22.15 34.82 -15.37
N ILE A 55 21.69 35.87 -14.69
CA ILE A 55 22.40 36.46 -13.54
C ILE A 55 22.58 35.48 -12.36
N TYR A 56 21.70 34.48 -12.19
CA TYR A 56 21.85 33.41 -11.19
C TYR A 56 22.75 32.27 -11.71
N HIS A 57 22.79 32.09 -13.02
CA HIS A 57 23.72 31.19 -13.70
C HIS A 57 25.07 31.88 -13.99
N VAL A 58 25.77 32.32 -12.94
CA VAL A 58 27.01 33.11 -13.05
C VAL A 58 28.25 32.31 -13.49
N ASN A 59 28.29 31.00 -13.26
CA ASN A 59 29.49 30.17 -13.38
C ASN A 59 29.23 28.84 -14.10
N GLY A 60 30.21 28.34 -14.86
CA GLY A 60 30.10 27.09 -15.64
C GLY A 60 29.59 25.91 -14.80
N TYR A 61 28.56 25.21 -15.30
CA TYR A 61 27.65 24.40 -14.47
C TYR A 61 28.37 23.28 -13.67
N SER A 62 29.11 22.40 -14.35
CA SER A 62 29.93 21.35 -13.71
C SER A 62 30.96 20.79 -14.69
N GLU A 63 31.97 20.04 -14.23
CA GLU A 63 32.98 19.42 -15.08
C GLU A 63 32.35 18.55 -16.18
N GLU A 64 31.24 17.87 -15.87
CA GLU A 64 30.50 17.03 -16.81
C GLU A 64 29.76 17.85 -17.89
N GLU A 65 29.22 19.01 -17.53
CA GLU A 65 28.66 19.95 -18.51
C GLU A 65 29.75 20.59 -19.37
N CYS A 66 30.87 20.94 -18.75
CA CYS A 66 32.04 21.47 -19.43
C CYS A 66 32.61 20.47 -20.45
N LYS A 67 32.69 19.18 -20.14
CA LYS A 67 33.02 18.12 -21.12
C LYS A 67 32.04 18.07 -22.29
N GLN A 68 30.74 18.16 -22.01
CA GLN A 68 29.71 18.17 -23.05
C GLN A 68 29.91 19.36 -24.00
N TYR A 69 30.23 20.55 -23.49
CA TYR A 69 30.57 21.67 -24.38
C TYR A 69 31.97 21.60 -24.98
N LYS A 70 32.95 20.89 -24.41
CA LYS A 70 34.24 20.66 -25.09
C LYS A 70 34.04 19.90 -26.39
N ALA A 71 33.28 18.83 -26.36
CA ALA A 71 32.91 18.09 -27.56
C ALA A 71 32.18 18.97 -28.59
N VAL A 72 31.41 19.97 -28.16
CA VAL A 72 30.74 20.93 -29.04
C VAL A 72 31.73 21.96 -29.61
N VAL A 73 32.62 22.52 -28.78
CA VAL A 73 33.68 23.42 -29.22
C VAL A 73 34.56 22.76 -30.26
N TYR A 74 35.01 21.53 -29.99
CA TYR A 74 35.78 20.74 -30.95
C TYR A 74 34.95 20.45 -32.20
N SER A 75 33.68 20.08 -32.08
CA SER A 75 32.84 19.84 -33.26
C SER A 75 32.67 21.09 -34.12
N ASN A 76 32.57 22.28 -33.54
CA ASN A 76 32.49 23.53 -34.31
C ASN A 76 33.85 23.98 -34.81
N THR A 77 34.93 23.64 -34.12
CA THR A 77 36.30 23.83 -34.62
C THR A 77 36.53 22.96 -35.87
N ILE A 78 36.21 21.68 -35.80
CA ILE A 78 36.27 20.74 -36.92
C ILE A 78 35.29 21.14 -38.02
N GLN A 79 34.01 21.40 -37.71
CA GLN A 79 33.04 21.74 -38.75
C GLN A 79 33.38 23.05 -39.46
N SER A 80 33.89 24.08 -38.77
CA SER A 80 34.33 25.31 -39.43
C SER A 80 35.61 25.13 -40.27
N ILE A 81 36.60 24.36 -39.82
CA ILE A 81 37.83 24.15 -40.64
C ILE A 81 37.64 23.14 -41.77
N ILE A 82 36.83 22.09 -41.62
CA ILE A 82 36.54 21.17 -42.73
C ILE A 82 35.58 21.78 -43.75
N ALA A 83 34.63 22.64 -43.35
CA ALA A 83 33.82 23.42 -44.29
C ALA A 83 34.72 24.27 -45.20
N ILE A 84 35.75 24.89 -44.63
CA ILE A 84 36.81 25.58 -45.38
C ILE A 84 37.68 24.58 -46.18
N ILE A 85 38.06 23.43 -45.64
CA ILE A 85 38.91 22.47 -46.36
C ILE A 85 38.23 21.90 -47.61
N ARG A 86 36.92 21.62 -47.55
CA ARG A 86 36.18 21.23 -48.76
C ARG A 86 35.88 22.42 -49.66
N ALA A 87 35.64 23.62 -49.13
CA ALA A 87 35.47 24.80 -49.97
C ALA A 87 36.74 25.10 -50.78
N MET A 88 37.92 25.01 -50.19
CA MET A 88 39.22 25.14 -50.87
C MET A 88 39.58 23.93 -51.77
N GLY A 89 38.69 22.93 -51.89
CA GLY A 89 38.70 21.91 -52.95
C GLY A 89 37.64 22.15 -54.02
N ARG A 90 36.44 22.57 -53.62
CA ARG A 90 35.27 22.86 -54.48
C ARG A 90 35.39 24.14 -55.30
N LEU A 91 36.04 25.17 -54.76
CA LEU A 91 36.32 26.42 -55.48
C LEU A 91 37.17 26.19 -56.74
N LYS A 92 36.93 26.99 -57.80
CA LYS A 92 37.59 26.83 -59.11
C LYS A 92 39.10 27.12 -59.06
N ILE A 93 39.54 28.00 -58.17
CA ILE A 93 40.97 28.21 -57.88
C ILE A 93 41.60 26.91 -57.35
N ASP A 94 42.78 26.54 -57.87
CA ASP A 94 43.58 25.41 -57.40
C ASP A 94 44.24 25.72 -56.04
N PHE A 95 43.45 25.89 -54.99
CA PHE A 95 43.88 26.34 -53.66
C PHE A 95 44.56 25.23 -52.82
N GLY A 96 45.37 24.38 -53.45
CA GLY A 96 46.45 23.70 -52.74
C GLY A 96 47.40 24.74 -52.13
N ASP A 97 47.86 24.56 -50.90
CA ASP A 97 48.52 25.65 -50.17
C ASP A 97 49.88 26.07 -50.76
N SER A 98 50.39 27.20 -50.29
CA SER A 98 51.74 27.74 -50.48
C SER A 98 52.86 26.69 -50.28
N ALA A 99 52.66 25.71 -49.40
CA ALA A 99 53.55 24.58 -49.16
C ALA A 99 52.78 23.25 -49.15
N ARG A 100 53.35 22.19 -49.77
CA ARG A 100 52.69 20.87 -49.88
C ARG A 100 52.37 20.21 -48.54
N ALA A 101 53.14 20.47 -47.49
CA ALA A 101 52.91 19.94 -46.14
C ALA A 101 51.51 20.28 -45.58
N ASP A 102 50.92 21.42 -45.93
CA ASP A 102 49.57 21.79 -45.46
C ASP A 102 48.47 20.98 -46.18
N ASP A 103 48.70 20.62 -47.45
CA ASP A 103 47.84 19.69 -48.18
C ASP A 103 48.01 18.23 -47.69
N ALA A 104 49.18 17.86 -47.15
CA ALA A 104 49.39 16.58 -46.48
C ALA A 104 48.76 16.56 -45.06
N ARG A 105 48.93 17.63 -44.29
CA ARG A 105 48.33 17.79 -42.95
C ARG A 105 46.81 17.91 -42.98
N GLN A 106 46.24 18.45 -44.06
CA GLN A 106 44.80 18.39 -44.39
C GLN A 106 44.24 16.96 -44.46
N LEU A 107 45.00 15.99 -44.92
CA LEU A 107 44.57 14.58 -44.97
C LEU A 107 44.53 13.99 -43.56
N PHE A 108 45.57 14.23 -42.77
CA PHE A 108 45.64 13.77 -41.37
C PHE A 108 44.72 14.54 -40.43
N VAL A 109 44.21 15.71 -40.82
CA VAL A 109 43.02 16.34 -40.21
C VAL A 109 41.77 15.52 -40.50
N LEU A 110 41.44 15.21 -41.76
CA LEU A 110 40.26 14.42 -42.08
C LEU A 110 40.29 13.00 -41.48
N ALA A 111 41.46 12.36 -41.44
CA ALA A 111 41.64 11.09 -40.74
C ALA A 111 41.52 11.24 -39.21
N GLY A 112 42.21 12.22 -38.62
CA GLY A 112 42.30 12.44 -37.16
C GLY A 112 41.06 13.03 -36.48
N ALA A 113 40.17 13.65 -37.25
CA ALA A 113 38.86 14.09 -36.79
C ALA A 113 37.89 12.92 -36.51
N ALA A 114 38.15 11.72 -37.04
CA ALA A 114 37.26 10.58 -36.92
C ALA A 114 37.24 9.92 -35.53
N GLU A 115 38.23 10.17 -34.68
CA GLU A 115 38.30 9.68 -33.31
C GLU A 115 37.15 10.19 -32.41
N GLU A 116 36.53 9.25 -31.70
CA GLU A 116 35.55 9.46 -30.61
C GLU A 116 36.24 9.71 -29.25
N GLY A 117 37.22 10.63 -29.22
CA GLY A 117 38.03 11.03 -28.08
C GLY A 117 38.45 12.51 -28.14
N PHE A 118 39.21 12.98 -27.15
CA PHE A 118 39.60 14.40 -27.01
C PHE A 118 40.40 14.92 -28.22
N MET A 119 40.36 16.23 -28.49
CA MET A 119 41.12 16.87 -29.56
C MET A 119 42.64 16.81 -29.29
N THR A 120 43.36 15.93 -29.98
CA THR A 120 44.80 15.75 -29.80
C THR A 120 45.59 16.94 -30.39
N ALA A 121 46.77 17.21 -29.81
CA ALA A 121 47.59 18.40 -30.10
C ALA A 121 48.01 18.55 -31.56
N GLU A 122 48.08 17.46 -32.32
CA GLU A 122 48.38 17.46 -33.75
C GLU A 122 47.37 18.30 -34.55
N LEU A 123 46.07 18.11 -34.32
CA LEU A 123 45.01 18.81 -35.05
C LEU A 123 45.07 20.32 -34.81
N ALA A 124 45.24 20.73 -33.54
CA ALA A 124 45.41 22.13 -33.20
C ALA A 124 46.65 22.75 -33.88
N GLY A 125 47.77 22.04 -33.88
CA GLY A 125 49.01 22.43 -34.53
C GLY A 125 48.86 22.64 -36.03
N VAL A 126 48.09 21.78 -36.71
CA VAL A 126 47.79 21.92 -38.13
C VAL A 126 46.92 23.16 -38.41
N ILE A 127 45.77 23.29 -37.74
CA ILE A 127 44.74 24.26 -38.16
C ILE A 127 45.15 25.72 -37.90
N LYS A 128 45.98 25.99 -36.87
CA LYS A 128 46.60 27.31 -36.68
C LYS A 128 47.58 27.67 -37.80
N ARG A 129 48.38 26.72 -38.29
CA ARG A 129 49.31 26.91 -39.41
C ARG A 129 48.59 27.13 -40.75
N LEU A 130 47.44 26.49 -40.94
CA LEU A 130 46.51 26.76 -42.06
C LEU A 130 45.95 28.19 -41.95
N TRP A 131 45.29 28.54 -40.85
CA TRP A 131 44.58 29.80 -40.67
C TRP A 131 45.50 31.04 -40.63
N LYS A 132 46.80 30.85 -40.38
CA LYS A 132 47.87 31.85 -40.61
C LYS A 132 48.01 32.31 -42.07
N ASP A 133 47.65 31.50 -43.07
CA ASP A 133 47.60 31.96 -44.47
C ASP A 133 46.41 32.92 -44.64
N SER A 134 46.68 34.21 -44.86
CA SER A 134 45.65 35.23 -45.09
C SER A 134 44.74 34.93 -46.30
N GLY A 135 45.20 34.10 -47.24
CA GLY A 135 44.37 33.56 -48.31
C GLY A 135 43.23 32.65 -47.83
N VAL A 136 43.33 32.05 -46.63
CA VAL A 136 42.24 31.31 -45.98
C VAL A 136 41.22 32.26 -45.37
N GLN A 137 41.67 33.38 -44.80
CA GLN A 137 40.79 34.48 -44.36
C GLN A 137 40.05 35.10 -45.57
N ALA A 138 40.71 35.26 -46.71
CA ALA A 138 40.06 35.66 -47.95
C ALA A 138 39.07 34.59 -48.47
N CYS A 139 39.39 33.30 -48.39
CA CYS A 139 38.43 32.21 -48.69
C CYS A 139 37.22 32.18 -47.73
N PHE A 140 37.43 32.50 -46.45
CA PHE A 140 36.36 32.72 -45.46
C PHE A 140 35.45 33.91 -45.83
N ASN A 141 35.98 34.95 -46.49
CA ASN A 141 35.19 36.05 -47.04
C ASN A 141 34.61 35.79 -48.47
N ARG A 142 35.21 34.91 -49.27
CA ARG A 142 34.67 34.39 -50.55
C ARG A 142 33.46 33.48 -50.34
N SER A 143 33.52 32.64 -49.31
CA SER A 143 32.48 31.69 -48.87
C SER A 143 31.49 32.29 -47.85
N ARG A 144 31.49 33.63 -47.68
CA ARG A 144 30.72 34.38 -46.67
C ARG A 144 29.21 34.11 -46.65
N GLU A 145 28.66 33.60 -47.75
CA GLU A 145 27.23 33.25 -47.87
C GLU A 145 26.97 31.76 -48.20
N TYR A 146 28.02 30.92 -48.25
CA TYR A 146 27.92 29.45 -48.26
C TYR A 146 27.67 28.91 -46.83
N GLN A 147 27.44 27.60 -46.69
CA GLN A 147 27.22 26.96 -45.38
C GLN A 147 28.53 26.96 -44.56
N LEU A 148 28.61 27.82 -43.53
CA LEU A 148 29.75 27.97 -42.62
C LEU A 148 29.26 28.52 -41.25
N ASN A 149 29.95 28.21 -40.14
CA ASN A 149 29.64 28.79 -38.83
C ASN A 149 30.14 30.25 -38.81
N ASP A 150 29.24 31.24 -38.74
CA ASP A 150 29.57 32.67 -38.91
C ASP A 150 30.60 33.20 -37.91
N SER A 151 30.70 32.64 -36.70
CA SER A 151 31.68 33.03 -35.67
C SER A 151 32.97 32.18 -35.67
N ALA A 152 33.28 31.47 -36.75
CA ALA A 152 34.49 30.64 -36.89
C ALA A 152 35.80 31.39 -36.64
N ALA A 153 35.87 32.67 -37.01
CA ALA A 153 37.01 33.51 -36.73
C ALA A 153 37.26 33.70 -35.23
N TYR A 154 36.26 33.50 -34.36
CA TYR A 154 36.49 33.45 -32.92
C TYR A 154 37.19 32.15 -32.54
N TYR A 155 36.64 30.99 -32.92
CA TYR A 155 37.18 29.69 -32.52
C TYR A 155 38.61 29.49 -33.03
N LEU A 156 38.90 29.82 -34.29
CA LEU A 156 40.23 29.63 -34.89
C LEU A 156 41.28 30.66 -34.41
N ASN A 157 40.86 31.75 -33.79
CA ASN A 157 41.76 32.69 -33.11
C ASN A 157 41.95 32.34 -31.62
N ASP A 158 40.89 31.91 -30.94
CA ASP A 158 40.96 31.44 -29.56
C ASP A 158 41.64 30.06 -29.44
N LEU A 159 41.75 29.31 -30.56
CA LEU A 159 42.39 27.99 -30.68
C LEU A 159 43.72 27.89 -29.94
N ASP A 160 44.54 28.93 -30.02
CA ASP A 160 45.80 29.09 -29.30
C ASP A 160 45.70 28.77 -27.78
N ARG A 161 44.60 29.20 -27.16
CA ARG A 161 44.23 28.97 -25.75
C ARG A 161 43.46 27.65 -25.55
N ILE A 162 42.67 27.21 -26.54
CA ILE A 162 41.98 25.90 -26.56
C ILE A 162 42.95 24.71 -26.54
N ALA A 163 44.10 24.83 -27.23
CA ALA A 163 44.94 23.71 -27.65
C ALA A 163 45.69 22.92 -26.54
N GLN A 164 45.37 23.09 -25.25
CA GLN A 164 46.12 22.50 -24.13
C GLN A 164 45.19 22.05 -22.97
N PRO A 165 45.57 21.01 -22.20
CA PRO A 165 44.69 20.39 -21.21
C PRO A 165 44.16 21.33 -20.12
N ASN A 166 42.97 21.04 -19.62
CA ASN A 166 42.34 21.75 -18.51
C ASN A 166 42.14 23.27 -18.74
N TYR A 167 42.10 23.72 -20.00
CA TYR A 167 41.62 25.07 -20.36
C TYR A 167 40.10 25.18 -20.13
N ILE A 168 39.63 26.41 -19.87
CA ILE A 168 38.19 26.72 -19.73
C ILE A 168 37.85 27.98 -20.55
N PRO A 169 36.81 27.98 -21.41
CA PRO A 169 36.20 29.17 -21.99
C PRO A 169 35.18 29.79 -21.03
N THR A 170 34.98 31.11 -21.11
CA THR A 170 33.88 31.77 -20.38
C THR A 170 32.55 31.53 -21.08
N GLN A 171 31.47 31.38 -20.31
CA GLN A 171 30.23 30.75 -20.80
C GLN A 171 29.61 31.50 -21.99
N GLN A 172 29.78 32.81 -22.14
CA GLN A 172 29.28 33.52 -23.31
C GLN A 172 29.92 33.07 -24.63
N ASP A 173 31.18 32.62 -24.63
CA ASP A 173 31.80 32.02 -25.81
C ASP A 173 31.15 30.68 -26.18
N VAL A 174 30.73 29.91 -25.18
CA VAL A 174 30.06 28.61 -25.35
C VAL A 174 28.65 28.80 -25.91
N LEU A 175 27.89 29.70 -25.28
CA LEU A 175 26.54 30.08 -25.71
C LEU A 175 26.57 30.66 -27.13
N ARG A 176 27.51 31.56 -27.43
CA ARG A 176 27.74 32.09 -28.79
C ARG A 176 28.15 31.01 -29.79
N THR A 177 28.95 30.02 -29.38
CA THR A 177 29.29 28.86 -30.22
C THR A 177 28.03 28.07 -30.61
N ARG A 178 27.13 27.83 -29.66
CA ARG A 178 25.92 27.03 -29.86
C ARG A 178 24.81 27.74 -30.64
N VAL A 179 24.62 29.05 -30.44
CA VAL A 179 23.50 29.80 -31.04
C VAL A 179 23.69 29.97 -32.55
N LYS A 180 22.68 29.52 -33.30
CA LYS A 180 22.57 29.50 -34.76
C LYS A 180 21.09 29.73 -35.13
N THR A 181 20.57 29.15 -36.20
CA THR A 181 19.11 28.97 -36.40
C THR A 181 18.55 27.83 -35.51
N SER A 182 18.63 28.00 -34.19
CA SER A 182 18.56 26.93 -33.19
C SER A 182 17.20 26.25 -32.98
N GLY A 183 16.08 26.98 -32.89
CA GLY A 183 14.75 26.43 -32.66
C GLY A 183 14.30 26.38 -31.19
N ILE A 184 15.22 26.19 -30.25
CA ILE A 184 15.05 26.36 -28.80
C ILE A 184 16.33 26.94 -28.18
N PHE A 185 16.22 27.49 -26.97
CA PHE A 185 17.37 27.81 -26.12
C PHE A 185 17.11 27.31 -24.71
N GLU A 186 18.03 26.54 -24.14
CA GLU A 186 17.90 26.00 -22.78
C GLU A 186 18.56 26.94 -21.77
N THR A 187 17.88 28.04 -21.49
CA THR A 187 18.33 29.15 -20.63
C THR A 187 18.35 28.77 -19.15
N LYS A 188 19.19 27.80 -18.77
CA LYS A 188 19.35 27.22 -17.43
C LYS A 188 19.57 28.26 -16.33
N PHE A 189 19.02 27.97 -15.16
CA PHE A 189 19.29 28.68 -13.91
C PHE A 189 18.93 27.84 -12.70
N GLN A 190 19.17 28.37 -11.50
CA GLN A 190 18.86 27.63 -10.26
C GLN A 190 18.63 28.58 -9.08
N VAL A 191 17.65 28.24 -8.23
CA VAL A 191 17.30 28.99 -7.03
C VAL A 191 17.30 28.01 -5.86
N ASP A 192 18.02 28.34 -4.78
CA ASP A 192 18.11 27.55 -3.55
C ASP A 192 18.52 26.12 -3.83
N LYS A 193 19.43 25.95 -4.80
CA LYS A 193 19.87 24.63 -5.25
C LYS A 193 18.74 23.81 -5.87
N VAL A 194 17.72 24.47 -6.41
CA VAL A 194 16.75 23.82 -7.29
C VAL A 194 17.03 24.30 -8.71
N ASN A 195 17.20 23.36 -9.64
CA ASN A 195 17.67 23.63 -11.00
C ASN A 195 16.52 23.68 -12.02
N PHE A 196 16.43 24.76 -12.77
CA PHE A 196 15.46 24.91 -13.84
C PHE A 196 16.15 24.85 -15.20
N HIS A 197 15.87 23.82 -15.98
CA HIS A 197 16.14 23.87 -17.41
C HIS A 197 14.95 24.59 -18.05
N MET A 198 14.93 25.91 -17.96
CA MET A 198 13.94 26.65 -18.71
C MET A 198 14.24 26.54 -20.19
N PHE A 199 13.26 26.17 -21.01
CA PHE A 199 13.39 26.11 -22.46
C PHE A 199 12.63 27.24 -23.09
N ASP A 200 13.32 28.18 -23.70
CA ASP A 200 12.72 29.14 -24.61
C ASP A 200 12.51 28.48 -25.97
N VAL A 201 11.50 28.91 -26.69
CA VAL A 201 11.26 28.56 -28.08
C VAL A 201 11.37 29.79 -28.95
N GLY A 202 12.26 29.74 -29.94
CA GLY A 202 12.62 30.86 -30.80
C GLY A 202 13.44 30.39 -32.00
N ALA A 203 13.49 31.20 -33.05
CA ALA A 203 14.00 30.78 -34.38
C ALA A 203 13.22 29.55 -34.91
N GLN A 204 11.91 29.57 -34.70
CA GLN A 204 10.98 28.46 -34.84
C GLN A 204 9.66 28.96 -35.45
N ARG A 205 9.02 28.20 -36.33
CA ARG A 205 7.96 28.75 -37.20
C ARG A 205 6.68 29.16 -36.47
N ASP A 206 5.86 29.96 -37.14
CA ASP A 206 4.68 30.66 -36.63
C ASP A 206 3.53 29.76 -36.13
N GLU A 207 3.60 28.45 -36.31
CA GLU A 207 2.55 27.49 -35.93
C GLU A 207 2.97 26.68 -34.70
N ARG A 208 2.09 26.62 -33.69
CA ARG A 208 2.38 25.99 -32.40
C ARG A 208 1.95 24.54 -32.34
N ARG A 209 0.88 24.12 -33.03
CA ARG A 209 0.11 22.95 -32.59
C ARG A 209 0.81 21.59 -32.62
N LYS A 210 2.02 21.48 -33.16
CA LYS A 210 2.80 20.24 -33.14
C LYS A 210 3.96 20.26 -32.15
N TRP A 211 4.81 21.28 -32.12
CA TRP A 211 5.90 21.27 -31.15
C TRP A 211 5.44 21.52 -29.73
N ILE A 212 4.26 22.13 -29.52
CA ILE A 212 3.67 22.22 -28.19
C ILE A 212 3.45 20.82 -27.61
N GLN A 213 3.09 19.85 -28.44
CA GLN A 213 2.92 18.48 -27.96
C GLN A 213 4.21 17.82 -27.50
N CYS A 214 5.36 18.50 -27.59
CA CYS A 214 6.53 18.02 -26.83
C CYS A 214 6.43 18.43 -25.36
N PHE A 215 6.17 19.71 -25.13
CA PHE A 215 6.27 20.30 -23.83
C PHE A 215 5.15 19.87 -22.88
N ASN A 216 4.38 18.86 -23.18
CA ASN A 216 3.31 18.35 -22.33
C ASN A 216 3.74 17.95 -20.91
N ASP A 217 5.03 17.71 -20.67
CA ASP A 217 5.49 17.35 -19.34
C ASP A 217 6.22 18.45 -18.58
N VAL A 218 6.42 19.63 -19.16
CA VAL A 218 7.13 20.68 -18.42
C VAL A 218 6.36 21.00 -17.15
N THR A 219 7.10 21.26 -16.07
CA THR A 219 6.46 21.46 -14.78
C THR A 219 5.55 22.67 -14.77
N ALA A 220 5.89 23.70 -15.55
CA ALA A 220 4.96 24.81 -15.77
C ALA A 220 5.34 25.50 -17.06
N ILE A 221 4.38 26.23 -17.63
CA ILE A 221 4.62 27.10 -18.76
C ILE A 221 4.67 28.53 -18.25
N ILE A 222 5.76 29.24 -18.50
CA ILE A 222 5.78 30.68 -18.27
C ILE A 222 5.23 31.32 -19.54
N PHE A 223 4.02 31.86 -19.45
CA PHE A 223 3.49 32.70 -20.53
C PHE A 223 3.81 34.15 -20.22
N VAL A 224 4.91 34.64 -20.78
CA VAL A 224 5.22 36.05 -20.72
C VAL A 224 4.36 36.78 -21.73
N VAL A 225 3.83 37.94 -21.34
CA VAL A 225 2.99 38.73 -22.24
C VAL A 225 3.22 40.21 -21.98
N ASP A 226 3.08 40.99 -23.05
CA ASP A 226 3.36 42.43 -23.00
C ASP A 226 2.15 43.16 -22.42
N SER A 227 2.34 43.79 -21.26
CA SER A 227 1.30 44.63 -20.69
C SER A 227 0.99 45.83 -21.56
N SER A 228 2.02 46.41 -22.19
CA SER A 228 1.88 47.73 -22.77
C SER A 228 1.30 47.72 -24.19
N ASP A 229 1.70 46.76 -25.03
CA ASP A 229 1.20 46.69 -26.40
C ASP A 229 -0.19 46.07 -26.45
N TYR A 230 -1.14 46.78 -25.84
CA TYR A 230 -2.54 46.55 -26.15
C TYR A 230 -2.79 46.80 -27.64
N ASN A 231 -4.00 46.47 -28.08
CA ASN A 231 -4.28 46.07 -29.45
C ASN A 231 -3.63 44.75 -29.82
N ARG A 232 -2.31 44.65 -29.61
CA ARG A 232 -1.65 43.35 -29.71
C ARG A 232 -2.13 42.43 -28.58
N LEU A 233 -2.35 42.99 -27.39
CA LEU A 233 -2.76 42.21 -26.23
C LEU A 233 -3.91 41.26 -26.51
N GLN A 234 -4.90 41.71 -27.29
CA GLN A 234 -6.02 40.82 -27.59
C GLN A 234 -5.59 39.60 -28.40
N GLU A 235 -4.53 39.67 -29.19
CA GLU A 235 -3.99 38.50 -29.88
C GLU A 235 -3.30 37.57 -28.88
N ALA A 236 -2.56 38.11 -27.91
CA ALA A 236 -1.96 37.29 -26.87
C ALA A 236 -3.00 36.64 -25.97
N LEU A 237 -4.09 37.36 -25.68
CA LEU A 237 -5.19 36.74 -24.95
C LEU A 237 -5.76 35.53 -25.68
N ASN A 238 -5.85 35.55 -27.02
CA ASN A 238 -6.22 34.34 -27.77
C ASN A 238 -5.10 33.29 -27.77
N ASP A 239 -3.83 33.70 -27.83
CA ASP A 239 -2.71 32.79 -27.69
C ASP A 239 -2.77 32.08 -26.34
N PHE A 240 -3.04 32.81 -25.25
CA PHE A 240 -3.20 32.22 -23.93
C PHE A 240 -4.43 31.32 -23.86
N LYS A 241 -5.55 31.73 -24.44
CA LYS A 241 -6.78 30.91 -24.51
C LYS A 241 -6.56 29.59 -25.24
N SER A 242 -5.74 29.62 -26.28
CA SER A 242 -5.35 28.44 -27.06
C SER A 242 -4.44 27.53 -26.26
N ILE A 243 -3.37 28.07 -25.66
CA ILE A 243 -2.46 27.32 -24.77
C ILE A 243 -3.23 26.64 -23.66
N TRP A 244 -4.17 27.36 -23.07
CA TRP A 244 -4.94 26.90 -21.94
C TRP A 244 -5.88 25.74 -22.28
N ASN A 245 -6.72 25.91 -23.28
CA ASN A 245 -7.67 24.88 -23.66
C ASN A 245 -7.06 23.71 -24.46
N ASN A 246 -5.83 23.82 -24.93
CA ASN A 246 -5.24 22.83 -25.82
C ASN A 246 -5.17 21.47 -25.14
N ARG A 247 -5.69 20.41 -25.77
CA ARG A 247 -5.86 19.10 -25.15
C ARG A 247 -4.59 18.62 -24.46
N TRP A 248 -3.45 18.79 -25.10
CA TRP A 248 -2.17 18.31 -24.61
C TRP A 248 -1.47 19.21 -23.59
N LEU A 249 -2.06 20.33 -23.20
CA LEU A 249 -1.58 21.18 -22.12
C LEU A 249 -2.57 21.31 -20.96
N ARG A 250 -3.72 20.65 -21.05
CA ARG A 250 -4.78 20.61 -20.04
C ARG A 250 -4.29 20.43 -18.62
N THR A 251 -3.24 19.63 -18.45
CA THR A 251 -2.70 19.25 -17.16
C THR A 251 -1.61 20.18 -16.63
N ILE A 252 -1.06 21.08 -17.44
CA ILE A 252 0.12 21.86 -17.07
C ILE A 252 -0.34 23.26 -16.70
N SER A 253 0.14 23.75 -15.56
CA SER A 253 -0.23 25.08 -15.10
C SER A 253 0.59 26.15 -15.83
N VAL A 254 -0.03 27.31 -15.99
CA VAL A 254 0.59 28.44 -16.70
C VAL A 254 0.86 29.56 -15.72
N ILE A 255 2.11 29.93 -15.58
CA ILE A 255 2.48 31.21 -14.99
C ILE A 255 2.30 32.28 -16.05
N LEU A 256 1.73 33.42 -15.68
CA LEU A 256 1.77 34.62 -16.51
C LEU A 256 2.73 35.64 -15.92
N PHE A 257 3.61 36.17 -16.74
CA PHE A 257 4.28 37.43 -16.47
C PHE A 257 3.65 38.51 -17.34
N LEU A 258 2.98 39.47 -16.72
CA LEU A 258 2.63 40.71 -17.40
C LEU A 258 3.87 41.59 -17.37
N ASN A 259 4.67 41.49 -18.42
CA ASN A 259 5.90 42.25 -18.53
C ASN A 259 5.64 43.65 -19.07
N LYS A 260 6.63 44.53 -18.94
CA LYS A 260 6.54 45.92 -19.38
C LYS A 260 5.43 46.67 -18.67
N GLN A 261 5.26 46.38 -17.37
CA GLN A 261 4.29 47.10 -16.56
C GLN A 261 4.56 48.61 -16.57
N ASP A 262 5.81 49.01 -16.40
CA ASP A 262 6.15 50.43 -16.38
C ASP A 262 5.82 51.11 -17.70
N LEU A 263 6.02 50.42 -18.82
CA LEU A 263 5.67 51.00 -20.11
C LEU A 263 4.17 51.18 -20.26
N LEU A 264 3.39 50.20 -19.79
CA LEU A 264 1.95 50.40 -19.69
C LEU A 264 1.60 51.57 -18.79
N ALA A 265 2.25 51.64 -17.62
CA ALA A 265 1.96 52.73 -16.69
C ALA A 265 2.17 54.10 -17.31
N GLU A 266 3.31 54.29 -17.98
CA GLU A 266 3.55 55.56 -18.67
C GLU A 266 2.55 55.79 -19.79
N LYS A 267 2.19 54.73 -20.53
CA LYS A 267 1.11 54.87 -21.51
C LYS A 267 -0.19 55.28 -20.85
N VAL A 268 -0.48 54.73 -19.66
CA VAL A 268 -1.70 55.11 -18.96
C VAL A 268 -1.57 56.51 -18.38
N LEU A 269 -0.40 56.86 -17.86
CA LEU A 269 -0.16 58.22 -17.41
C LEU A 269 -0.26 59.22 -18.56
N ALA A 270 0.16 58.82 -19.77
CA ALA A 270 -0.07 59.66 -20.94
C ALA A 270 -1.54 59.79 -21.30
N GLY A 271 -2.42 59.00 -20.71
CA GLY A 271 -3.85 59.18 -20.86
C GLY A 271 -4.43 58.72 -22.18
N LYS A 272 -3.63 58.06 -23.02
CA LYS A 272 -4.16 57.59 -24.30
C LYS A 272 -5.24 56.52 -24.08
N SER A 273 -5.07 55.70 -23.05
CA SER A 273 -6.16 54.91 -22.47
C SER A 273 -6.92 54.14 -23.53
N LYS A 274 -6.21 53.71 -24.58
CA LYS A 274 -6.85 53.06 -25.71
C LYS A 274 -7.49 51.74 -25.29
N ILE A 275 -7.13 51.23 -24.10
CA ILE A 275 -7.85 50.12 -23.50
C ILE A 275 -9.36 50.34 -23.52
N GLU A 276 -9.78 51.59 -23.37
CA GLU A 276 -11.22 51.87 -23.43
C GLU A 276 -11.77 51.53 -24.80
N ASP A 277 -10.99 51.79 -25.85
CA ASP A 277 -11.41 51.47 -27.20
C ASP A 277 -11.28 49.97 -27.47
N TYR A 278 -10.08 49.43 -27.20
CA TYR A 278 -9.85 48.02 -27.44
C TYR A 278 -10.66 47.13 -26.51
N PHE A 279 -11.07 47.64 -25.35
CA PHE A 279 -11.86 46.87 -24.40
C PHE A 279 -12.94 47.73 -23.76
N PRO A 280 -14.13 47.74 -24.34
CA PRO A 280 -15.25 48.47 -23.73
C PRO A 280 -15.53 48.06 -22.29
N GLU A 281 -15.24 46.80 -21.94
CA GLU A 281 -15.42 46.33 -20.57
C GLU A 281 -14.65 47.16 -19.55
N PHE A 282 -13.58 47.85 -19.96
CA PHE A 282 -12.88 48.71 -19.01
C PHE A 282 -13.80 49.76 -18.42
N ALA A 283 -14.79 50.24 -19.19
CA ALA A 283 -15.72 51.23 -18.66
C ALA A 283 -16.58 50.66 -17.55
N ARG A 284 -16.81 49.34 -17.56
CA ARG A 284 -17.55 48.66 -16.50
C ARG A 284 -16.63 48.15 -15.39
N TYR A 285 -15.47 47.62 -15.77
CA TYR A 285 -14.54 47.05 -14.81
C TYR A 285 -13.92 48.13 -13.93
N THR A 286 -13.63 47.76 -12.69
CA THR A 286 -12.98 48.65 -11.74
C THR A 286 -12.00 47.86 -10.89
N THR A 287 -10.99 48.54 -10.39
CA THR A 287 -9.95 47.90 -9.60
C THR A 287 -10.55 47.11 -8.45
N PRO A 288 -10.39 45.78 -8.43
CA PRO A 288 -10.98 45.00 -7.34
C PRO A 288 -10.28 45.26 -6.02
N GLU A 289 -11.02 45.06 -4.93
CA GLU A 289 -10.42 45.16 -3.61
C GLU A 289 -9.48 44.00 -3.32
N ASP A 290 -9.37 43.04 -4.23
CA ASP A 290 -8.24 42.11 -4.23
C ASP A 290 -6.91 42.84 -4.38
N ALA A 291 -6.91 44.05 -4.93
CA ALA A 291 -5.67 44.71 -5.29
C ALA A 291 -4.81 45.01 -4.07
N THR A 292 -3.50 44.95 -4.28
CA THR A 292 -2.51 45.39 -3.30
C THR A 292 -1.45 46.19 -4.04
N PRO A 293 -1.78 47.41 -4.45
CA PRO A 293 -0.91 48.17 -5.34
C PRO A 293 0.37 48.63 -4.66
N GLU A 294 1.33 49.02 -5.50
CA GLU A 294 2.48 49.77 -5.03
C GLU A 294 2.05 51.15 -4.53
N PRO A 295 2.81 51.74 -3.62
CA PRO A 295 2.62 53.15 -3.30
C PRO A 295 2.82 54.04 -4.52
N GLY A 296 1.97 55.05 -4.64
CA GLY A 296 2.08 56.04 -5.69
C GLY A 296 1.56 55.62 -7.05
N GLU A 297 0.91 54.46 -7.16
CA GLU A 297 0.22 54.13 -8.40
C GLU A 297 -0.96 55.06 -8.59
N ASP A 298 -1.11 55.59 -9.80
CA ASP A 298 -2.40 56.10 -10.24
C ASP A 298 -3.41 54.96 -10.23
N PRO A 299 -4.56 55.13 -9.57
CA PRO A 299 -5.59 54.08 -9.62
C PRO A 299 -5.92 53.60 -11.02
N ARG A 300 -5.84 54.50 -12.01
CA ARG A 300 -6.00 54.08 -13.39
C ARG A 300 -4.95 53.04 -13.79
N VAL A 301 -3.71 53.23 -13.37
CA VAL A 301 -2.69 52.22 -13.66
C VAL A 301 -3.05 50.90 -13.00
N THR A 302 -3.50 50.95 -11.75
CA THR A 302 -3.97 49.73 -11.11
C THR A 302 -5.13 49.14 -11.91
N ARG A 303 -6.10 49.99 -12.24
CA ARG A 303 -7.29 49.51 -12.95
C ARG A 303 -6.91 48.89 -14.29
N ALA A 304 -5.95 49.51 -14.99
CA ALA A 304 -5.46 48.92 -16.24
C ALA A 304 -4.80 47.57 -15.99
N LYS A 305 -3.77 47.53 -15.15
CA LYS A 305 -3.03 46.29 -14.97
C LYS A 305 -3.95 45.19 -14.44
N TYR A 306 -4.78 45.52 -13.46
CA TYR A 306 -5.66 44.51 -12.89
C TYR A 306 -6.76 44.12 -13.87
N PHE A 307 -7.24 45.06 -14.68
CA PHE A 307 -8.18 44.66 -15.74
C PHE A 307 -7.54 43.64 -16.66
N ILE A 308 -6.34 43.94 -17.17
CA ILE A 308 -5.69 43.04 -18.11
C ILE A 308 -5.44 41.70 -17.44
N ARG A 309 -4.89 41.73 -16.23
CA ARG A 309 -4.68 40.52 -15.46
C ARG A 309 -5.98 39.74 -15.28
N ASP A 310 -7.05 40.43 -14.89
CA ASP A 310 -8.32 39.75 -14.71
C ASP A 310 -8.89 39.22 -16.03
N GLU A 311 -8.51 39.81 -17.16
CA GLU A 311 -8.90 39.23 -18.43
C GLU A 311 -8.20 37.90 -18.68
N PHE A 312 -6.90 37.81 -18.41
CA PHE A 312 -6.23 36.52 -18.46
C PHE A 312 -6.85 35.54 -17.47
N LEU A 313 -7.11 35.99 -16.24
CA LEU A 313 -7.72 35.11 -15.24
C LEU A 313 -9.11 34.66 -15.66
N ARG A 314 -9.89 35.56 -16.26
CA ARG A 314 -11.20 35.14 -16.77
C ARG A 314 -11.05 33.94 -17.70
N ILE A 315 -10.13 34.03 -18.66
CA ILE A 315 -9.88 32.90 -19.56
C ILE A 315 -9.44 31.69 -18.76
N SER A 316 -8.57 31.89 -17.77
CA SER A 316 -8.13 30.78 -16.94
C SER A 316 -9.29 30.18 -16.15
N THR A 317 -10.27 31.00 -15.77
CA THR A 317 -11.35 30.52 -14.92
C THR A 317 -12.42 29.78 -15.70
N ALA A 318 -12.62 30.16 -16.96
CA ALA A 318 -13.75 29.64 -17.73
C ALA A 318 -13.65 28.14 -17.98
N SER A 319 -12.46 27.53 -18.01
CA SER A 319 -12.32 26.14 -18.44
C SER A 319 -11.13 25.48 -17.76
N GLY A 320 -11.22 24.21 -17.41
CA GLY A 320 -10.10 23.43 -16.90
C GLY A 320 -9.50 23.82 -15.56
N ASP A 321 -9.84 24.97 -14.94
CA ASP A 321 -9.29 25.43 -13.68
C ASP A 321 -9.57 24.46 -12.52
N GLY A 322 -10.47 23.50 -12.72
CA GLY A 322 -10.58 22.40 -11.78
C GLY A 322 -9.34 21.54 -11.67
N ARG A 323 -8.48 21.56 -12.69
CA ARG A 323 -7.31 20.70 -12.72
C ARG A 323 -5.99 21.45 -12.74
N HIS A 324 -5.89 22.57 -13.44
CA HIS A 324 -4.64 23.32 -13.52
C HIS A 324 -4.88 24.79 -13.26
N TYR A 325 -4.02 25.37 -12.44
CA TYR A 325 -4.09 26.78 -12.07
C TYR A 325 -3.32 27.64 -13.06
N CYS A 326 -3.52 28.95 -12.95
CA CYS A 326 -2.62 29.93 -13.54
C CYS A 326 -2.32 31.01 -12.52
N TYR A 327 -1.13 31.58 -12.63
CA TYR A 327 -0.54 32.38 -11.55
C TYR A 327 0.00 33.68 -12.13
N PRO A 328 -0.73 34.78 -11.98
CA PRO A 328 -0.28 36.03 -12.57
C PRO A 328 0.80 36.69 -11.74
N HIS A 329 1.72 37.34 -12.43
CA HIS A 329 2.72 38.18 -11.78
C HIS A 329 2.92 39.45 -12.61
N PHE A 330 3.09 40.57 -11.92
CA PHE A 330 3.38 41.84 -12.56
C PHE A 330 4.88 42.08 -12.45
N THR A 331 5.52 42.39 -13.57
CA THR A 331 6.97 42.53 -13.57
C THR A 331 7.43 43.51 -14.64
N CYS A 332 8.67 43.95 -14.47
CA CYS A 332 9.44 44.55 -15.55
C CYS A 332 10.81 43.87 -15.61
N SER A 333 11.46 44.00 -16.77
CA SER A 333 12.74 43.32 -16.99
C SER A 333 13.78 43.63 -15.93
N VAL A 334 13.63 44.72 -15.19
CA VAL A 334 14.56 45.03 -14.11
C VAL A 334 14.37 44.13 -12.89
N ASP A 335 13.24 43.45 -12.76
CA ASP A 335 12.90 42.75 -11.52
C ASP A 335 13.80 41.53 -11.33
N THR A 336 14.73 41.65 -10.39
CA THR A 336 15.60 40.56 -9.91
C THR A 336 14.79 39.47 -9.23
N GLU A 337 13.63 39.83 -8.69
CA GLU A 337 12.75 38.90 -7.97
C GLU A 337 12.07 37.88 -8.89
N ASN A 338 12.15 38.01 -10.20
CA ASN A 338 11.52 37.06 -11.12
C ASN A 338 11.96 35.62 -10.91
N ALA A 339 13.23 35.34 -10.65
CA ALA A 339 13.61 33.96 -10.35
C ALA A 339 12.89 33.45 -9.09
N ARG A 340 12.75 34.29 -8.07
CA ARG A 340 12.01 33.95 -6.85
C ARG A 340 10.52 33.85 -7.12
N ARG A 341 9.92 34.73 -7.93
CA ARG A 341 8.51 34.60 -8.28
C ARG A 341 8.25 33.27 -8.98
N ILE A 342 9.11 32.89 -9.93
CA ILE A 342 9.01 31.62 -10.66
C ILE A 342 9.11 30.47 -9.68
N PHE A 343 10.06 30.53 -8.77
CA PHE A 343 10.26 29.45 -7.81
C PHE A 343 9.07 29.26 -6.89
N ASN A 344 8.54 30.34 -6.32
CA ASN A 344 7.41 30.20 -5.41
C ASN A 344 6.22 29.50 -6.07
N ASP A 345 5.85 29.94 -7.27
CA ASP A 345 4.70 29.33 -7.91
C ASP A 345 5.03 28.04 -8.65
N CYS A 346 6.31 27.79 -8.95
CA CYS A 346 6.68 26.43 -9.32
C CYS A 346 6.50 25.48 -8.15
N ARG A 347 6.93 25.90 -6.95
CA ARG A 347 6.64 25.10 -5.76
C ARG A 347 5.15 24.87 -5.59
N ASP A 348 4.37 25.95 -5.65
CA ASP A 348 2.93 25.80 -5.49
C ASP A 348 2.32 24.86 -6.52
N ILE A 349 2.78 24.95 -7.77
CA ILE A 349 2.26 24.07 -8.80
C ILE A 349 2.57 22.62 -8.49
N ILE A 350 3.77 22.33 -7.99
CA ILE A 350 4.07 20.97 -7.58
C ILE A 350 3.23 20.58 -6.36
N GLN A 351 3.17 21.44 -5.35
CA GLN A 351 2.37 21.11 -4.17
C GLN A 351 0.92 20.90 -4.54
N ARG A 352 0.30 21.87 -5.21
CA ARG A 352 -1.08 21.77 -5.62
C ARG A 352 -1.32 20.70 -6.67
N MET A 353 -0.26 20.02 -7.13
CA MET A 353 -0.42 18.79 -7.89
C MET A 353 -0.45 17.57 -6.97
N HIS A 354 0.50 17.48 -6.03
CA HIS A 354 0.47 16.37 -5.09
C HIS A 354 -0.86 16.30 -4.35
N LEU A 355 -1.39 17.44 -3.91
CA LEU A 355 -2.67 17.45 -3.23
C LEU A 355 -3.81 16.91 -4.07
N ARG A 356 -3.67 16.88 -5.40
CA ARG A 356 -4.71 16.24 -6.20
C ARG A 356 -4.68 14.74 -6.01
N GLN A 357 -3.49 14.15 -5.90
CA GLN A 357 -3.36 12.70 -5.81
C GLN A 357 -3.38 12.18 -4.37
N TYR A 358 -3.06 13.02 -3.38
CA TYR A 358 -3.41 12.73 -2.00
C TYR A 358 -4.84 13.09 -1.67
N GLU A 359 -5.62 13.51 -2.67
CA GLU A 359 -7.06 13.71 -2.54
C GLU A 359 -7.42 14.73 -1.46
N LEU A 360 -6.46 15.56 -1.05
CA LEU A 360 -6.78 16.60 -0.09
C LEU A 360 -7.58 17.73 -0.72
N LEU A 361 -7.59 17.81 -2.05
CA LEU A 361 -8.41 18.76 -2.77
C LEU A 361 -9.75 18.17 -3.15
N GLU B 13 -2.77 39.41 -62.44
CA GLU B 13 -3.54 39.17 -61.19
C GLU B 13 -3.75 37.68 -60.96
N LEU B 14 -3.83 37.28 -59.69
CA LEU B 14 -3.89 35.86 -59.35
C LEU B 14 -5.15 35.20 -59.87
N ASP B 15 -6.22 35.96 -60.10
CA ASP B 15 -7.52 35.36 -60.39
C ASP B 15 -7.42 34.37 -61.54
N GLN B 16 -6.76 34.78 -62.63
CA GLN B 16 -6.60 33.88 -63.78
C GLN B 16 -5.74 32.68 -63.41
N LEU B 17 -4.73 32.87 -62.57
CA LEU B 17 -3.95 31.74 -62.09
C LEU B 17 -4.77 30.85 -61.15
N ARG B 18 -5.61 31.41 -60.27
CA ARG B 18 -6.48 30.69 -59.36
C ARG B 18 -7.60 30.01 -60.13
N GLN B 19 -8.05 30.57 -61.25
CA GLN B 19 -8.96 29.85 -62.13
C GLN B 19 -8.26 28.75 -62.91
N GLU B 20 -7.03 29.02 -63.36
CA GLU B 20 -6.25 27.97 -64.01
C GLU B 20 -5.92 26.84 -63.04
N ALA B 21 -5.47 27.19 -61.84
CA ALA B 21 -5.22 26.18 -60.81
C ALA B 21 -6.50 25.42 -60.49
N GLU B 22 -7.60 26.14 -60.27
CA GLU B 22 -8.89 25.49 -60.05
C GLU B 22 -9.24 24.54 -61.18
N GLN B 23 -9.08 24.97 -62.43
CA GLN B 23 -9.40 24.10 -63.55
C GLN B 23 -8.51 22.86 -63.58
N LEU B 24 -7.21 23.04 -63.39
CA LEU B 24 -6.31 21.89 -63.32
C LEU B 24 -6.71 20.97 -62.17
N LYS B 25 -6.92 21.54 -60.99
CA LYS B 25 -7.36 20.76 -59.83
C LYS B 25 -8.68 20.06 -60.11
N ASN B 26 -9.62 20.74 -60.76
CA ASN B 26 -10.88 20.08 -61.13
C ASN B 26 -10.66 18.96 -62.11
N GLN B 27 -9.82 19.16 -63.13
CA GLN B 27 -9.53 18.08 -64.06
C GLN B 27 -8.90 16.90 -63.35
N ILE B 28 -7.93 17.16 -62.47
CA ILE B 28 -7.31 16.08 -61.70
C ILE B 28 -8.36 15.37 -60.86
N ARG B 29 -9.15 16.13 -60.10
CA ARG B 29 -10.22 15.56 -59.30
C ARG B 29 -11.17 14.74 -60.17
N ASP B 30 -11.67 15.34 -61.25
CA ASP B 30 -12.64 14.64 -62.10
C ASP B 30 -12.04 13.39 -62.75
N ALA B 31 -10.79 13.47 -63.19
CA ALA B 31 -10.14 12.29 -63.74
C ALA B 31 -10.04 11.17 -62.70
N ARG B 32 -9.72 11.52 -61.46
CA ARG B 32 -9.76 10.53 -60.38
C ARG B 32 -11.15 9.90 -60.26
N LYS B 33 -12.19 10.73 -60.25
CA LYS B 33 -13.55 10.20 -60.16
C LYS B 33 -13.86 9.28 -61.33
N ALA B 34 -13.34 9.59 -62.52
CA ALA B 34 -13.52 8.67 -63.64
C ALA B 34 -12.79 7.36 -63.42
N CYS B 35 -11.57 7.40 -62.88
CA CYS B 35 -10.84 6.18 -62.60
C CYS B 35 -11.38 5.41 -61.40
N ALA B 36 -12.15 6.06 -60.52
CA ALA B 36 -12.78 5.36 -59.40
C ALA B 36 -13.95 4.50 -59.86
N ASP B 37 -13.68 3.50 -60.70
CA ASP B 37 -14.73 2.58 -61.14
C ASP B 37 -15.35 1.81 -59.97
N ALA B 38 -14.56 1.48 -58.95
CA ALA B 38 -15.08 0.85 -57.76
C ALA B 38 -14.20 1.21 -56.58
N THR B 39 -14.71 0.97 -55.38
CA THR B 39 -13.86 0.98 -54.20
C THR B 39 -13.15 -0.35 -54.00
N LEU B 40 -12.07 -0.31 -53.23
CA LEU B 40 -11.42 -1.51 -52.72
C LEU B 40 -12.39 -2.37 -51.92
N SER B 41 -13.21 -1.72 -51.08
CA SER B 41 -14.18 -2.42 -50.25
C SER B 41 -15.24 -3.15 -51.08
N GLN B 42 -15.41 -2.81 -52.35
CA GLN B 42 -16.22 -3.64 -53.22
C GLN B 42 -15.53 -4.95 -53.55
N ILE B 43 -14.35 -4.87 -54.16
CA ILE B 43 -13.73 -6.06 -54.71
C ILE B 43 -13.23 -7.00 -53.62
N THR B 44 -12.85 -6.47 -52.46
CA THR B 44 -12.40 -7.33 -51.36
C THR B 44 -13.51 -8.09 -50.67
N ASN B 45 -14.75 -8.08 -51.15
CA ASN B 45 -15.72 -9.08 -50.79
C ASN B 45 -15.36 -10.48 -51.30
N ASN B 46 -14.41 -10.57 -52.23
CA ASN B 46 -13.76 -11.83 -52.56
C ASN B 46 -12.91 -12.39 -51.42
N ILE B 47 -12.49 -11.57 -50.46
CA ILE B 47 -11.41 -11.93 -49.55
C ILE B 47 -11.99 -12.36 -48.21
N ASP B 48 -11.53 -13.50 -47.73
CA ASP B 48 -11.78 -13.95 -46.36
C ASP B 48 -11.15 -12.99 -45.37
N PRO B 49 -11.92 -12.40 -44.45
CA PRO B 49 -11.31 -11.52 -43.45
C PRO B 49 -10.30 -12.27 -42.59
N VAL B 50 -9.32 -11.51 -42.11
CA VAL B 50 -8.34 -12.06 -41.17
C VAL B 50 -9.02 -12.54 -39.90
N GLY B 51 -8.48 -13.61 -39.33
CA GLY B 51 -8.88 -14.02 -37.99
C GLY B 51 -8.52 -12.94 -36.97
N ARG B 52 -9.45 -12.69 -36.05
CA ARG B 52 -9.31 -11.56 -35.15
C ARG B 52 -8.00 -11.66 -34.37
N ILE B 53 -7.15 -10.67 -34.58
CA ILE B 53 -5.72 -10.77 -34.25
C ILE B 53 -5.51 -10.60 -32.75
N GLN B 54 -4.81 -11.56 -32.15
CA GLN B 54 -4.48 -11.54 -30.74
C GLN B 54 -2.98 -11.38 -30.58
N MET B 55 -2.56 -10.47 -29.69
CA MET B 55 -1.14 -10.32 -29.39
C MET B 55 -0.98 -9.92 -27.93
N ARG B 56 0.20 -10.22 -27.39
CA ARG B 56 0.54 -9.91 -26.02
C ARG B 56 1.90 -9.24 -25.95
N THR B 57 2.13 -8.52 -24.85
CA THR B 57 3.30 -7.66 -24.70
C THR B 57 4.56 -8.47 -24.45
N ARG B 58 4.92 -9.32 -25.40
CA ARG B 58 5.92 -10.36 -25.20
C ARG B 58 7.31 -9.78 -24.89
N ARG B 59 7.43 -8.45 -24.87
CA ARG B 59 8.44 -7.79 -24.06
C ARG B 59 7.88 -6.46 -23.58
N THR B 60 8.43 -5.93 -22.50
CA THR B 60 8.38 -4.49 -22.24
C THR B 60 9.78 -3.97 -21.94
N LEU B 61 10.18 -2.90 -22.64
CA LEU B 61 11.52 -2.35 -22.50
C LEU B 61 11.54 -1.34 -21.36
N ARG B 62 11.44 -1.87 -20.14
CA ARG B 62 11.01 -1.06 -19.00
C ARG B 62 11.94 0.12 -18.73
N GLY B 63 13.24 -0.02 -18.99
CA GLY B 63 14.21 0.87 -18.42
C GLY B 63 14.36 2.25 -19.01
N HIS B 64 13.53 2.66 -19.97
CA HIS B 64 13.59 4.02 -20.43
C HIS B 64 13.14 4.99 -19.33
N LEU B 65 13.51 6.26 -19.49
CA LEU B 65 13.56 7.22 -18.40
C LEU B 65 12.44 8.24 -18.44
N ALA B 66 12.13 8.81 -19.60
CA ALA B 66 10.99 9.70 -19.74
C ALA B 66 10.12 9.18 -20.89
N LYS B 67 9.25 10.02 -21.41
CA LYS B 67 8.31 9.58 -22.43
C LYS B 67 9.01 9.34 -23.76
N ILE B 68 8.92 8.11 -24.25
CA ILE B 68 9.45 7.73 -25.56
C ILE B 68 8.65 8.42 -26.65
N TYR B 69 9.35 9.19 -27.50
CA TYR B 69 8.68 9.90 -28.57
C TYR B 69 8.76 9.22 -29.92
N ALA B 70 9.83 8.46 -30.19
CA ALA B 70 9.93 7.79 -31.49
C ALA B 70 10.80 6.56 -31.37
N MET B 71 10.66 5.66 -32.34
CA MET B 71 11.46 4.46 -32.42
C MET B 71 11.61 4.06 -33.88
N HIS B 72 12.61 3.24 -34.16
CA HIS B 72 12.75 2.64 -35.47
C HIS B 72 13.51 1.34 -35.33
N TRP B 73 13.06 0.31 -36.05
CA TRP B 73 13.78 -0.96 -36.08
C TRP B 73 15.03 -0.85 -36.93
N GLY B 74 16.09 -1.54 -36.50
CA GLY B 74 17.18 -1.83 -37.40
C GLY B 74 16.76 -2.85 -38.45
N THR B 75 17.40 -2.77 -39.61
CA THR B 75 17.04 -3.70 -40.68
C THR B 75 17.30 -5.14 -40.29
N ASP B 76 18.25 -5.37 -39.38
CA ASP B 76 18.48 -6.72 -38.87
C ASP B 76 17.28 -7.25 -38.09
N SER B 77 16.25 -6.42 -37.92
CA SER B 77 15.06 -6.80 -37.17
C SER B 77 15.32 -7.04 -35.69
N ARG B 78 16.59 -7.19 -35.29
CA ARG B 78 16.88 -7.49 -33.90
C ARG B 78 16.89 -6.23 -33.05
N LEU B 79 17.72 -5.27 -33.41
CA LEU B 79 17.85 -4.05 -32.63
C LEU B 79 16.76 -3.07 -32.99
N LEU B 80 16.44 -2.19 -32.04
CA LEU B 80 15.64 -1.02 -32.36
C LEU B 80 16.17 0.18 -31.58
N VAL B 81 16.11 1.32 -32.22
CA VAL B 81 16.38 2.61 -31.58
C VAL B 81 15.09 3.14 -30.97
N SER B 82 15.21 3.84 -29.86
CA SER B 82 14.13 4.61 -29.30
C SER B 82 14.71 5.88 -28.71
N ALA B 83 13.94 6.96 -28.78
CA ALA B 83 14.42 8.26 -28.31
C ALA B 83 13.30 8.98 -27.58
N SER B 84 13.69 9.73 -26.56
CA SER B 84 12.75 10.27 -25.58
C SER B 84 13.21 11.64 -25.18
N GLN B 85 12.27 12.47 -24.77
CA GLN B 85 12.59 13.84 -24.40
C GLN B 85 13.22 13.94 -23.02
N ASP B 86 13.78 12.84 -22.53
CA ASP B 86 14.84 12.90 -21.53
C ASP B 86 16.20 13.16 -22.16
N GLY B 87 16.29 13.10 -23.49
CA GLY B 87 17.53 13.25 -24.20
C GLY B 87 18.39 12.02 -24.31
N LYS B 88 17.85 10.84 -24.05
CA LYS B 88 18.57 9.60 -24.28
C LYS B 88 18.06 8.95 -25.55
N LEU B 89 18.96 8.68 -26.48
CA LEU B 89 18.70 7.73 -27.56
C LEU B 89 19.19 6.37 -27.09
N ILE B 90 18.26 5.45 -26.86
CA ILE B 90 18.56 4.14 -26.29
C ILE B 90 18.37 3.08 -27.37
N ILE B 91 19.37 2.21 -27.51
CA ILE B 91 19.35 1.13 -28.49
C ILE B 91 19.14 -0.17 -27.74
N TRP B 92 18.06 -0.87 -28.06
CA TRP B 92 17.67 -2.08 -27.36
C TRP B 92 17.88 -3.27 -28.28
N ASP B 93 18.40 -4.36 -27.73
CA ASP B 93 18.19 -5.67 -28.35
C ASP B 93 16.79 -6.15 -28.00
N SER B 94 15.96 -6.39 -29.01
CA SER B 94 14.63 -6.89 -28.74
C SER B 94 14.67 -8.29 -28.14
N TYR B 95 15.70 -9.06 -28.44
CA TYR B 95 15.78 -10.43 -27.94
C TYR B 95 16.08 -10.45 -26.44
N THR B 96 17.20 -9.86 -26.04
CA THR B 96 17.63 -9.89 -24.65
C THR B 96 17.09 -8.74 -23.81
N THR B 97 16.46 -7.74 -24.43
CA THR B 97 16.14 -6.45 -23.81
C THR B 97 17.39 -5.78 -23.23
N ASN B 98 18.56 -6.13 -23.74
CA ASN B 98 19.80 -5.42 -23.41
C ASN B 98 19.77 -4.01 -23.99
N LYS B 99 20.16 -3.03 -23.18
CA LYS B 99 20.34 -1.65 -23.64
C LYS B 99 21.71 -1.51 -24.28
N VAL B 100 21.83 -2.06 -25.48
CA VAL B 100 23.14 -2.18 -26.14
C VAL B 100 23.84 -0.83 -26.24
N HIS B 101 23.09 0.25 -26.38
CA HIS B 101 23.67 1.59 -26.25
C HIS B 101 22.65 2.53 -25.63
N ALA B 102 23.16 3.57 -24.98
CA ALA B 102 22.32 4.68 -24.52
C ALA B 102 23.10 5.97 -24.73
N ILE B 103 22.68 6.76 -25.70
CA ILE B 103 23.46 7.88 -26.24
C ILE B 103 22.85 9.17 -25.73
N PRO B 104 23.60 10.00 -24.99
CA PRO B 104 23.15 11.33 -24.61
C PRO B 104 23.14 12.27 -25.80
N LEU B 105 22.27 13.28 -25.78
CA LEU B 105 21.98 14.15 -26.92
C LEU B 105 22.24 15.63 -26.62
N ARG B 106 22.73 16.37 -27.62
CA ARG B 106 23.23 17.76 -27.48
C ARG B 106 22.16 18.73 -26.98
N SER B 107 20.89 18.42 -27.17
CA SER B 107 19.81 18.92 -26.31
C SER B 107 18.65 17.94 -26.28
N SER B 108 17.87 17.93 -25.20
CA SER B 108 17.02 16.80 -24.87
C SER B 108 15.87 16.54 -25.84
N TRP B 109 15.32 17.58 -26.46
CA TRP B 109 13.97 17.58 -27.02
C TRP B 109 13.83 16.87 -28.36
N VAL B 110 14.16 15.58 -28.44
CA VAL B 110 14.00 14.77 -29.63
C VAL B 110 12.53 14.75 -30.04
N MET B 111 12.29 14.68 -31.34
CA MET B 111 10.99 14.31 -31.87
C MET B 111 11.03 13.12 -32.83
N THR B 112 12.21 12.68 -33.25
CA THR B 112 12.28 11.58 -34.18
C THR B 112 13.64 10.91 -34.08
N CYS B 113 13.69 9.67 -34.56
CA CYS B 113 14.95 8.97 -34.70
C CYS B 113 14.82 7.93 -35.78
N ALA B 114 15.95 7.45 -36.28
CA ALA B 114 15.95 6.46 -37.34
C ALA B 114 17.23 5.64 -37.26
N TYR B 115 17.16 4.44 -37.81
CA TYR B 115 18.27 3.50 -37.85
C TYR B 115 18.76 3.41 -39.29
N ALA B 116 20.07 3.54 -39.48
CA ALA B 116 20.62 3.34 -40.80
C ALA B 116 20.29 1.93 -41.30
N PRO B 117 20.09 1.76 -42.61
CA PRO B 117 19.66 0.44 -43.10
C PRO B 117 20.68 -0.63 -42.86
N SER B 118 21.96 -0.27 -42.73
CA SER B 118 22.99 -1.22 -42.35
C SER B 118 22.98 -1.52 -40.86
N GLY B 119 22.38 -0.66 -40.04
CA GLY B 119 22.63 -0.66 -38.63
C GLY B 119 23.89 0.07 -38.22
N ASN B 120 24.61 0.67 -39.15
CA ASN B 120 25.88 1.31 -38.81
C ASN B 120 25.66 2.62 -38.06
N TYR B 121 24.58 3.35 -38.36
CA TYR B 121 24.36 4.67 -37.82
C TYR B 121 22.94 4.80 -37.31
N VAL B 122 22.74 5.77 -36.44
CA VAL B 122 21.42 6.17 -35.96
C VAL B 122 21.35 7.69 -36.00
N ALA B 123 20.14 8.21 -36.13
CA ALA B 123 19.92 9.64 -36.29
C ALA B 123 18.77 10.06 -35.39
N CYS B 124 18.77 11.35 -35.03
CA CYS B 124 17.64 11.90 -34.32
C CYS B 124 17.70 13.42 -34.43
N GLY B 125 16.59 14.05 -34.08
CA GLY B 125 16.50 15.49 -34.06
C GLY B 125 15.17 15.89 -33.44
N GLY B 126 14.97 17.18 -33.31
CA GLY B 126 13.76 17.63 -32.64
C GLY B 126 13.52 19.12 -32.69
N LEU B 127 13.09 19.70 -31.58
CA LEU B 127 12.80 21.13 -31.52
C LEU B 127 14.05 21.98 -31.60
N ASP B 128 15.17 21.44 -31.16
CA ASP B 128 16.46 21.91 -31.61
C ASP B 128 16.65 21.39 -33.03
N ASN B 129 16.60 22.27 -34.02
CA ASN B 129 16.40 21.93 -35.44
C ASN B 129 17.52 21.07 -36.03
N ILE B 130 18.61 20.94 -35.29
CA ILE B 130 19.79 20.12 -35.56
C ILE B 130 19.38 18.67 -35.79
N CYS B 131 19.73 18.11 -36.93
CA CYS B 131 19.87 16.67 -37.04
C CYS B 131 21.25 16.28 -36.55
N SER B 132 21.36 15.10 -35.95
CA SER B 132 22.66 14.51 -35.69
C SER B 132 22.70 13.07 -36.14
N ILE B 133 23.88 12.62 -36.54
CA ILE B 133 24.13 11.24 -36.93
C ILE B 133 25.15 10.65 -35.96
N TYR B 134 24.98 9.40 -35.55
CA TYR B 134 25.91 8.71 -34.68
C TYR B 134 26.39 7.43 -35.36
N ASN B 135 27.64 7.06 -35.06
CA ASN B 135 28.23 5.83 -35.56
C ASN B 135 28.21 4.80 -34.44
N LEU B 136 27.58 3.65 -34.70
CA LEU B 136 27.59 2.56 -33.74
C LEU B 136 28.84 1.69 -33.88
N LYS B 137 29.40 1.61 -35.08
CA LYS B 137 30.70 0.98 -35.27
C LYS B 137 31.82 1.96 -34.90
N THR B 138 31.79 2.37 -33.63
CA THR B 138 32.89 2.99 -32.92
C THR B 138 34.14 2.12 -32.97
N ARG B 139 35.30 2.78 -32.96
CA ARG B 139 36.64 2.18 -32.81
C ARG B 139 36.99 1.86 -31.35
N GLU B 140 36.27 2.42 -30.38
CA GLU B 140 36.69 2.55 -28.97
C GLU B 140 35.55 2.39 -27.94
N GLY B 141 34.38 1.89 -28.33
CA GLY B 141 33.24 1.65 -27.43
C GLY B 141 32.48 2.89 -26.94
N ASN B 142 32.84 4.07 -27.46
CA ASN B 142 32.19 5.35 -27.21
C ASN B 142 31.45 5.82 -28.47
N VAL B 143 30.15 6.03 -28.41
CA VAL B 143 29.36 6.54 -29.54
C VAL B 143 29.17 8.04 -29.40
N ARG B 144 29.48 8.79 -30.47
CA ARG B 144 29.49 10.27 -30.54
C ARG B 144 29.00 10.76 -31.91
N VAL B 145 28.64 12.03 -32.05
CA VAL B 145 28.10 12.56 -33.30
C VAL B 145 29.11 12.45 -34.44
N SER B 146 28.80 11.72 -35.50
CA SER B 146 29.61 11.70 -36.71
C SER B 146 29.47 13.02 -37.47
N ARG B 147 28.24 13.49 -37.72
CA ARG B 147 27.97 14.83 -38.27
C ARG B 147 26.67 15.42 -37.73
N GLU B 148 26.64 16.74 -37.63
CA GLU B 148 25.54 17.56 -37.19
C GLU B 148 24.94 18.22 -38.43
N LEU B 149 23.92 17.63 -39.04
CA LEU B 149 23.42 18.03 -40.35
C LEU B 149 22.44 19.21 -40.27
N ALA B 150 22.84 20.24 -39.54
CA ALA B 150 22.03 21.42 -39.30
C ALA B 150 21.78 22.27 -40.56
N GLY B 151 20.81 23.17 -40.49
CA GLY B 151 20.47 24.09 -41.58
C GLY B 151 18.96 24.31 -41.80
N HIS B 152 18.10 23.48 -41.23
CA HIS B 152 16.66 23.73 -41.20
C HIS B 152 16.32 25.01 -40.47
N THR B 153 15.12 25.52 -40.72
CA THR B 153 14.56 26.70 -40.04
C THR B 153 13.39 26.38 -39.13
N GLY B 154 13.02 25.10 -39.01
CA GLY B 154 12.02 24.56 -38.09
C GLY B 154 12.42 23.19 -37.54
N TYR B 155 11.67 22.72 -36.56
CA TYR B 155 11.94 21.44 -35.90
C TYR B 155 11.97 20.28 -36.90
N LEU B 156 12.91 19.36 -36.75
CA LEU B 156 13.08 18.22 -37.64
C LEU B 156 12.11 17.12 -37.23
N SER B 157 11.01 17.02 -37.96
CA SER B 157 9.87 16.21 -37.52
C SER B 157 10.07 14.72 -37.75
N CYS B 158 10.82 14.31 -38.76
CA CYS B 158 11.05 12.88 -38.96
C CYS B 158 12.24 12.66 -39.88
N CYS B 159 13.07 11.68 -39.52
CA CYS B 159 14.24 11.31 -40.29
C CYS B 159 14.07 9.90 -40.84
N ARG B 160 14.72 9.64 -41.96
CA ARG B 160 14.99 8.27 -42.39
C ARG B 160 16.32 8.27 -43.13
N PHE B 161 17.10 7.21 -43.00
CA PHE B 161 18.28 7.02 -43.81
C PHE B 161 17.91 6.38 -45.13
N LEU B 162 18.36 6.97 -46.24
CA LEU B 162 18.35 6.29 -47.54
C LEU B 162 19.51 5.32 -47.61
N ASP B 163 20.66 5.78 -47.15
CA ASP B 163 21.95 5.09 -47.14
C ASP B 163 22.81 5.67 -46.02
N ASP B 164 23.85 4.98 -45.61
CA ASP B 164 24.82 5.45 -44.64
C ASP B 164 25.57 6.73 -45.06
N ASN B 165 25.42 7.18 -46.31
CA ASN B 165 25.84 8.51 -46.74
C ASN B 165 24.70 9.43 -47.24
N GLN B 166 23.43 9.05 -47.08
CA GLN B 166 22.26 9.85 -47.50
C GLN B 166 21.09 9.73 -46.53
N ILE B 167 20.55 10.86 -46.07
CA ILE B 167 19.45 10.93 -45.11
C ILE B 167 18.43 11.98 -45.53
N VAL B 168 17.14 11.67 -45.47
CA VAL B 168 16.06 12.62 -45.72
C VAL B 168 15.44 13.01 -44.40
N THR B 169 15.05 14.27 -44.31
CA THR B 169 14.52 14.86 -43.08
C THR B 169 13.30 15.71 -43.41
N SER B 170 12.24 15.54 -42.63
CA SER B 170 11.11 16.45 -42.66
C SER B 170 11.42 17.68 -41.85
N SER B 171 10.50 18.65 -41.87
CA SER B 171 10.61 19.76 -40.93
C SER B 171 9.27 20.43 -40.73
N GLY B 172 9.18 21.14 -39.60
CA GLY B 172 8.17 22.16 -39.40
C GLY B 172 8.27 23.35 -40.32
N ASP B 173 9.45 23.63 -40.86
CA ASP B 173 9.60 24.69 -41.85
C ASP B 173 9.06 24.30 -43.22
N THR B 174 8.17 23.31 -43.34
CA THR B 174 7.56 22.91 -44.60
C THR B 174 8.51 22.14 -45.52
N THR B 175 9.82 22.25 -45.39
CA THR B 175 10.76 21.60 -46.31
C THR B 175 11.05 20.16 -45.91
N CYS B 176 10.84 19.20 -46.81
CA CYS B 176 11.66 18.00 -46.74
C CYS B 176 13.02 18.36 -47.33
N ALA B 177 14.09 17.76 -46.83
CA ALA B 177 15.41 17.90 -47.40
C ALA B 177 16.16 16.58 -47.36
N LEU B 178 16.93 16.28 -48.40
CA LEU B 178 17.89 15.18 -48.43
C LEU B 178 19.28 15.77 -48.27
N TRP B 179 20.07 15.19 -47.38
CA TRP B 179 21.47 15.51 -47.16
C TRP B 179 22.36 14.36 -47.68
N ASP B 180 23.34 14.66 -48.53
CA ASP B 180 24.52 13.80 -48.62
C ASP B 180 25.27 14.01 -47.30
N ILE B 181 25.43 12.96 -46.52
CA ILE B 181 25.86 13.08 -45.14
C ILE B 181 27.27 13.65 -45.08
N GLU B 182 28.19 13.15 -45.89
CA GLU B 182 29.57 13.60 -45.91
C GLU B 182 29.70 15.10 -46.24
N THR B 183 28.92 15.61 -47.18
CA THR B 183 28.86 17.04 -47.51
C THR B 183 28.13 17.85 -46.44
N GLY B 184 26.94 17.42 -46.03
CA GLY B 184 26.12 18.09 -45.04
C GLY B 184 25.56 19.46 -45.44
N GLN B 185 25.26 19.71 -46.72
CA GLN B 185 24.82 21.04 -47.22
C GLN B 185 23.45 20.99 -47.94
N GLN B 186 22.46 20.34 -47.34
CA GLN B 186 21.04 20.37 -47.75
C GLN B 186 20.85 19.98 -49.24
N THR B 187 21.52 18.88 -49.61
CA THR B 187 21.84 18.40 -50.94
C THR B 187 20.67 18.27 -51.93
N THR B 188 19.43 18.16 -51.48
CA THR B 188 18.22 18.46 -52.27
C THR B 188 17.13 18.97 -51.34
N THR B 189 16.22 19.81 -51.81
CA THR B 189 15.11 20.32 -50.99
C THR B 189 13.80 20.22 -51.75
N PHE B 190 12.70 19.88 -51.08
CA PHE B 190 11.44 19.48 -51.68
C PHE B 190 10.27 20.37 -51.18
N THR B 191 10.37 21.67 -51.42
CA THR B 191 9.66 22.73 -50.65
C THR B 191 8.13 22.78 -50.78
N GLY B 192 7.50 21.95 -51.59
CA GLY B 192 6.15 22.20 -52.13
C GLY B 192 4.94 22.14 -51.18
N HIS B 193 5.13 21.84 -49.89
CA HIS B 193 4.04 21.75 -48.91
C HIS B 193 3.50 23.10 -48.42
N THR B 194 2.51 23.05 -47.54
CA THR B 194 2.09 24.16 -46.65
C THR B 194 2.01 23.68 -45.21
N GLY B 195 2.36 24.54 -44.25
CA GLY B 195 2.46 24.15 -42.86
C GLY B 195 3.66 23.25 -42.60
N ASP B 196 3.64 22.62 -41.42
CA ASP B 196 4.68 21.65 -41.10
C ASP B 196 4.60 20.44 -42.03
N VAL B 197 5.62 19.61 -41.96
CA VAL B 197 5.59 18.26 -42.51
C VAL B 197 5.88 17.28 -41.39
N MET B 198 4.96 16.34 -41.17
CA MET B 198 5.00 15.54 -39.95
C MET B 198 5.95 14.37 -40.09
N SER B 199 5.80 13.56 -41.14
CA SER B 199 6.40 12.24 -41.14
C SER B 199 6.72 11.82 -42.58
N LEU B 200 7.70 10.92 -42.69
CA LEU B 200 8.23 10.46 -43.96
C LEU B 200 8.12 8.95 -44.01
N SER B 201 8.05 8.40 -45.22
CA SER B 201 8.25 6.98 -45.42
C SER B 201 8.94 6.74 -46.75
N LEU B 202 9.81 5.74 -46.79
CA LEU B 202 10.60 5.42 -47.96
C LEU B 202 10.13 4.09 -48.53
N ALA B 203 9.92 4.04 -49.84
CA ALA B 203 9.64 2.77 -50.48
C ALA B 203 10.90 1.91 -50.52
N PRO B 204 10.76 0.61 -50.74
CA PRO B 204 11.94 -0.21 -51.04
C PRO B 204 12.70 0.28 -52.26
N ASP B 205 11.99 0.84 -53.25
CA ASP B 205 12.57 1.79 -54.19
C ASP B 205 12.85 3.09 -53.44
N THR B 206 13.99 3.12 -52.78
CA THR B 206 14.31 4.25 -51.90
C THR B 206 14.42 5.55 -52.68
N ARG B 207 14.28 5.49 -54.01
CA ARG B 207 14.11 6.71 -54.78
C ARG B 207 12.84 7.45 -54.37
N LEU B 208 11.81 6.72 -53.99
CA LEU B 208 10.51 7.31 -53.72
C LEU B 208 10.31 7.41 -52.21
N PHE B 209 9.93 8.60 -51.75
CA PHE B 209 9.53 8.83 -50.38
C PHE B 209 8.29 9.69 -50.29
N VAL B 210 7.31 9.28 -49.50
CA VAL B 210 6.12 10.07 -49.26
C VAL B 210 6.37 10.90 -48.01
N SER B 211 5.80 12.10 -47.98
CA SER B 211 5.81 12.91 -46.77
C SER B 211 4.44 13.46 -46.49
N GLY B 212 4.03 13.37 -45.23
CA GLY B 212 2.74 13.82 -44.78
C GLY B 212 2.80 15.29 -44.43
N ALA B 213 2.02 16.10 -45.13
CA ALA B 213 1.95 17.50 -44.77
C ALA B 213 1.30 17.66 -43.40
N CYS B 214 1.42 18.83 -42.81
CA CYS B 214 0.58 19.25 -41.72
C CYS B 214 -0.63 20.01 -42.24
N ASP B 215 -0.69 20.36 -43.53
CA ASP B 215 -1.98 20.47 -44.19
C ASP B 215 -2.52 19.07 -44.45
N ALA B 216 -3.74 19.01 -44.98
CA ALA B 216 -4.42 17.77 -45.27
C ALA B 216 -3.66 16.83 -46.22
N SER B 217 -2.68 17.32 -46.99
CA SER B 217 -2.21 16.59 -48.15
C SER B 217 -1.07 15.66 -47.78
N ALA B 218 -0.87 14.65 -48.61
CA ALA B 218 0.39 13.93 -48.71
C ALA B 218 0.95 14.10 -50.11
N LYS B 219 2.27 14.24 -50.21
CA LYS B 219 3.00 14.34 -51.48
C LYS B 219 3.95 13.18 -51.64
N LEU B 220 4.01 12.59 -52.83
CA LEU B 220 5.06 11.67 -53.18
C LEU B 220 6.19 12.43 -53.87
N TRP B 221 7.42 12.20 -53.45
CA TRP B 221 8.60 12.78 -54.08
C TRP B 221 9.44 11.68 -54.72
N ASP B 222 10.17 12.01 -55.76
CA ASP B 222 11.33 11.23 -56.19
C ASP B 222 12.58 12.04 -55.85
N VAL B 223 13.47 11.38 -55.11
CA VAL B 223 14.77 11.86 -54.66
C VAL B 223 15.58 12.58 -55.75
N ARG B 224 15.61 12.07 -56.99
CA ARG B 224 16.36 12.69 -58.09
C ARG B 224 15.57 13.79 -58.79
N GLU B 225 14.27 13.61 -58.92
CA GLU B 225 13.36 14.55 -59.58
C GLU B 225 13.23 15.87 -58.80
N GLY B 226 13.38 15.82 -57.47
CA GLY B 226 13.45 17.01 -56.62
C GLY B 226 12.15 17.80 -56.52
N MET B 227 11.01 17.21 -56.90
CA MET B 227 9.67 17.80 -56.81
C MET B 227 8.60 16.71 -56.72
N CYS B 228 7.38 17.07 -56.29
CA CYS B 228 6.35 16.09 -56.00
C CYS B 228 5.76 15.52 -57.28
N ARG B 229 5.75 14.20 -57.44
CA ARG B 229 5.03 13.58 -58.55
C ARG B 229 3.53 13.71 -58.38
N GLN B 230 3.04 13.66 -57.15
CA GLN B 230 1.62 13.53 -56.89
C GLN B 230 1.30 14.21 -55.57
N THR B 231 0.02 14.53 -55.38
CA THR B 231 -0.43 15.11 -54.11
C THR B 231 -1.77 14.48 -53.74
N PHE B 232 -1.73 13.55 -52.80
CA PHE B 232 -2.93 12.92 -52.27
C PHE B 232 -3.51 13.78 -51.16
N THR B 233 -4.84 13.78 -51.05
CA THR B 233 -5.46 14.85 -50.27
C THR B 233 -6.74 14.42 -49.57
N GLY B 234 -7.08 13.14 -49.52
CA GLY B 234 -8.39 12.74 -49.04
C GLY B 234 -8.64 13.11 -47.60
N HIS B 235 -7.58 13.32 -46.82
CA HIS B 235 -7.70 13.63 -45.41
C HIS B 235 -8.32 15.00 -45.16
N GLU B 236 -8.90 15.15 -43.96
CA GLU B 236 -9.58 16.39 -43.53
C GLU B 236 -8.67 17.30 -42.69
N SER B 237 -7.74 16.74 -41.92
CA SER B 237 -6.87 17.43 -40.96
C SER B 237 -5.44 16.92 -41.09
N ASP B 238 -4.57 17.27 -40.16
CA ASP B 238 -3.13 17.07 -40.27
C ASP B 238 -2.80 15.58 -40.42
N ILE B 239 -1.93 15.21 -41.36
CA ILE B 239 -1.46 13.83 -41.45
C ILE B 239 -0.34 13.66 -40.42
N ASN B 240 -0.60 12.85 -39.39
CA ASN B 240 0.39 12.65 -38.34
C ASN B 240 1.42 11.58 -38.68
N ALA B 241 1.05 10.59 -39.50
CA ALA B 241 2.02 9.56 -39.84
C ALA B 241 1.64 8.90 -41.16
N ILE B 242 2.64 8.27 -41.77
CA ILE B 242 2.56 7.81 -43.15
C ILE B 242 3.48 6.61 -43.30
N CYS B 243 3.10 5.68 -44.18
CA CYS B 243 3.90 4.48 -44.39
C CYS B 243 3.53 3.82 -45.70
N PHE B 244 4.55 3.45 -46.47
CA PHE B 244 4.34 2.66 -47.68
C PHE B 244 3.80 1.27 -47.36
N PHE B 245 2.77 0.88 -48.11
CA PHE B 245 2.45 -0.53 -48.26
C PHE B 245 3.68 -1.26 -48.79
N PRO B 246 3.93 -2.52 -48.36
CA PRO B 246 5.31 -3.01 -48.39
C PRO B 246 5.91 -3.09 -49.78
N ASN B 247 5.09 -3.24 -50.82
CA ASN B 247 5.59 -3.22 -52.19
C ASN B 247 5.83 -1.81 -52.71
N GLY B 248 5.52 -0.79 -51.92
CA GLY B 248 5.69 0.59 -52.34
C GLY B 248 4.58 1.13 -53.21
N ASN B 249 3.62 0.30 -53.61
CA ASN B 249 2.59 0.75 -54.54
C ASN B 249 1.52 1.59 -53.87
N ALA B 250 1.45 1.57 -52.54
CA ALA B 250 0.42 2.26 -51.79
C ALA B 250 0.98 2.64 -50.44
N PHE B 251 0.32 3.58 -49.77
CA PHE B 251 0.77 4.01 -48.46
C PHE B 251 -0.42 4.43 -47.61
N ALA B 252 -0.31 4.14 -46.31
CA ALA B 252 -1.32 4.50 -45.32
C ALA B 252 -1.03 5.87 -44.74
N THR B 253 -2.04 6.44 -44.09
CA THR B 253 -1.93 7.78 -43.52
C THR B 253 -2.85 7.90 -42.33
N GLY B 254 -2.29 8.29 -41.20
CA GLY B 254 -3.05 8.66 -40.02
C GLY B 254 -3.24 10.16 -39.95
N SER B 255 -4.31 10.59 -39.28
CA SER B 255 -4.60 12.01 -39.20
C SER B 255 -5.24 12.33 -37.85
N ASP B 256 -5.11 13.58 -37.42
CA ASP B 256 -5.93 14.16 -36.34
C ASP B 256 -7.43 14.10 -36.64
N ASP B 257 -7.86 13.87 -37.90
CA ASP B 257 -9.26 13.64 -38.25
C ASP B 257 -9.79 12.26 -37.77
N ALA B 258 -8.96 11.49 -37.06
CA ALA B 258 -9.15 10.13 -36.56
C ALA B 258 -9.21 9.03 -37.62
N THR B 259 -9.39 9.35 -38.89
CA THR B 259 -9.44 8.33 -39.92
C THR B 259 -8.03 7.82 -40.20
N CYS B 260 -7.93 6.54 -40.51
CA CYS B 260 -6.85 6.04 -41.33
C CYS B 260 -7.29 6.05 -42.78
N ARG B 261 -6.34 6.25 -43.69
CA ARG B 261 -6.62 6.17 -45.11
C ARG B 261 -5.46 5.50 -45.84
N LEU B 262 -5.81 4.68 -46.83
CA LEU B 262 -4.82 4.07 -47.72
C LEU B 262 -4.90 4.73 -49.09
N PHE B 263 -3.76 5.18 -49.59
CA PHE B 263 -3.64 5.73 -50.93
C PHE B 263 -2.79 4.82 -51.80
N ASP B 264 -3.21 4.63 -53.05
CA ASP B 264 -2.38 3.98 -54.05
C ASP B 264 -1.81 5.01 -55.01
N LEU B 265 -0.52 4.88 -55.31
CA LEU B 265 0.15 5.86 -56.16
C LEU B 265 -0.50 5.94 -57.54
N ARG B 266 -0.71 4.77 -58.16
CA ARG B 266 -1.21 4.73 -59.52
C ARG B 266 -2.69 5.12 -59.59
N ALA B 267 -3.45 4.83 -58.54
CA ALA B 267 -4.81 5.37 -58.47
C ALA B 267 -4.80 6.85 -58.13
N ASP B 268 -3.70 7.37 -57.58
CA ASP B 268 -3.57 8.77 -57.21
C ASP B 268 -4.64 9.23 -56.23
N GLN B 269 -5.26 8.32 -55.48
CA GLN B 269 -6.45 8.69 -54.71
C GLN B 269 -6.65 7.68 -53.59
N GLU B 270 -7.55 8.03 -52.67
CA GLU B 270 -7.88 7.18 -51.54
C GLU B 270 -8.56 5.89 -52.03
N LEU B 271 -7.95 4.75 -51.70
CA LEU B 271 -8.59 3.46 -51.97
C LEU B 271 -9.51 3.00 -50.85
N MET B 272 -9.21 3.35 -49.60
CA MET B 272 -9.99 2.82 -48.48
C MET B 272 -9.78 3.70 -47.26
N THR B 273 -10.88 4.14 -46.66
CA THR B 273 -10.87 4.73 -45.33
C THR B 273 -11.04 3.66 -44.27
N TYR B 274 -10.42 3.87 -43.11
CA TYR B 274 -10.68 3.09 -41.92
C TYR B 274 -11.13 4.02 -40.81
N SER B 275 -12.27 3.72 -40.19
CA SER B 275 -12.78 4.55 -39.12
C SER B 275 -13.88 3.79 -38.38
N HIS B 276 -14.16 4.25 -37.17
CA HIS B 276 -15.44 4.02 -36.49
C HIS B 276 -15.92 5.33 -35.92
N ASP B 277 -17.24 5.49 -35.85
CA ASP B 277 -17.78 6.67 -35.17
C ASP B 277 -17.39 6.68 -33.71
N ASN B 278 -17.02 5.53 -33.15
CA ASN B 278 -16.52 5.46 -31.78
C ASN B 278 -15.18 6.16 -31.60
N ILE B 279 -14.38 6.36 -32.65
CA ILE B 279 -12.95 6.66 -32.55
C ILE B 279 -12.75 8.11 -32.95
N ILE B 280 -12.85 9.01 -31.97
CA ILE B 280 -12.60 10.45 -32.17
C ILE B 280 -11.13 10.86 -32.05
N CYS B 281 -10.28 10.01 -31.49
CA CYS B 281 -8.87 10.29 -31.27
C CYS B 281 -8.08 10.23 -32.58
N GLY B 282 -7.17 11.18 -32.75
CA GLY B 282 -6.30 11.17 -33.91
C GLY B 282 -5.38 9.97 -33.91
N ILE B 283 -5.06 9.48 -35.10
CA ILE B 283 -4.00 8.49 -35.27
C ILE B 283 -2.65 9.19 -35.16
N THR B 284 -1.73 8.56 -34.43
CA THR B 284 -0.42 9.11 -34.16
C THR B 284 0.70 8.38 -34.88
N SER B 285 0.52 7.12 -35.24
CA SER B 285 1.52 6.41 -36.02
C SER B 285 0.84 5.28 -36.77
N VAL B 286 1.48 4.85 -37.86
CA VAL B 286 0.95 3.78 -38.70
C VAL B 286 2.12 2.99 -39.25
N SER B 287 1.88 1.70 -39.47
CA SER B 287 2.75 0.90 -40.33
C SER B 287 2.06 -0.41 -40.67
N PHE B 288 2.61 -1.09 -41.67
CA PHE B 288 2.02 -2.33 -42.18
C PHE B 288 2.77 -3.53 -41.64
N SER B 289 2.07 -4.66 -41.57
CA SER B 289 2.73 -5.95 -41.44
C SER B 289 3.45 -6.31 -42.74
N LYS B 290 4.28 -7.35 -42.68
CA LYS B 290 5.11 -7.72 -43.81
C LYS B 290 4.26 -7.99 -45.06
N SER B 291 3.11 -8.65 -44.89
CA SER B 291 2.21 -8.89 -46.00
C SER B 291 1.41 -7.66 -46.40
N GLY B 292 1.51 -6.58 -45.63
CA GLY B 292 0.61 -5.46 -45.79
C GLY B 292 -0.81 -5.71 -45.31
N ARG B 293 -1.17 -6.95 -45.02
CA ARG B 293 -2.57 -7.26 -44.77
C ARG B 293 -3.07 -6.62 -43.47
N LEU B 294 -2.17 -6.41 -42.52
CA LEU B 294 -2.47 -5.70 -41.29
C LEU B 294 -1.87 -4.31 -41.35
N LEU B 295 -2.72 -3.31 -41.11
CA LEU B 295 -2.27 -1.94 -40.88
C LEU B 295 -2.47 -1.61 -39.42
N LEU B 296 -1.39 -1.23 -38.75
CA LEU B 296 -1.39 -1.01 -37.30
C LEU B 296 -1.34 0.48 -37.04
N ALA B 297 -2.21 0.96 -36.16
CA ALA B 297 -2.30 2.38 -35.84
C ALA B 297 -2.32 2.60 -34.35
N GLY B 298 -1.50 3.53 -33.88
CA GLY B 298 -1.59 4.04 -32.53
C GLY B 298 -2.46 5.28 -32.47
N TYR B 299 -3.02 5.56 -31.30
CA TYR B 299 -4.01 6.62 -31.16
C TYR B 299 -3.69 7.47 -29.94
N ASP B 300 -4.41 8.59 -29.81
CA ASP B 300 -4.51 9.26 -28.53
C ASP B 300 -5.25 8.40 -27.52
N ASP B 301 -6.17 7.56 -27.96
CA ASP B 301 -6.53 6.39 -27.18
C ASP B 301 -5.31 5.51 -27.07
N PHE B 302 -5.00 5.07 -25.85
CA PHE B 302 -3.76 4.35 -25.65
C PHE B 302 -3.79 2.99 -26.34
N ASN B 303 -4.97 2.51 -26.69
CA ASN B 303 -5.07 1.25 -27.42
C ASN B 303 -4.60 1.46 -28.86
N CYS B 304 -3.72 0.58 -29.33
CA CYS B 304 -3.55 0.44 -30.77
C CYS B 304 -4.75 -0.31 -31.35
N ASN B 305 -5.18 0.11 -32.53
CA ASN B 305 -6.11 -0.65 -33.35
C ASN B 305 -5.37 -1.26 -34.52
N VAL B 306 -5.66 -2.53 -34.80
CA VAL B 306 -5.14 -3.23 -35.96
C VAL B 306 -6.27 -3.38 -36.96
N TRP B 307 -6.01 -2.98 -38.20
CA TRP B 307 -7.01 -2.97 -39.25
C TRP B 307 -6.66 -4.02 -40.30
N ASP B 308 -7.68 -4.72 -40.79
CA ASP B 308 -7.55 -5.50 -42.00
C ASP B 308 -7.39 -4.55 -43.17
N ALA B 309 -6.18 -4.48 -43.72
CA ALA B 309 -5.90 -3.50 -44.76
C ALA B 309 -6.80 -3.69 -45.97
N LEU B 310 -7.29 -4.91 -46.19
CA LEU B 310 -8.19 -5.17 -47.31
C LEU B 310 -9.66 -5.07 -46.94
N LYS B 311 -10.03 -5.41 -45.70
CA LYS B 311 -11.44 -5.49 -45.32
C LYS B 311 -11.93 -4.29 -44.53
N ALA B 312 -11.02 -3.45 -44.03
CA ALA B 312 -11.36 -2.38 -43.09
C ALA B 312 -11.97 -2.89 -41.78
N ASP B 313 -11.86 -4.19 -41.50
CA ASP B 313 -12.23 -4.69 -40.18
C ASP B 313 -11.24 -4.18 -39.13
N ARG B 314 -11.77 -3.77 -37.98
CA ARG B 314 -10.93 -3.56 -36.80
C ARG B 314 -10.57 -4.93 -36.22
N ALA B 315 -9.69 -5.62 -36.94
CA ALA B 315 -9.42 -7.02 -36.67
C ALA B 315 -8.81 -7.28 -35.29
N GLY B 316 -8.30 -6.26 -34.62
CA GLY B 316 -7.78 -6.49 -33.29
C GLY B 316 -7.36 -5.18 -32.63
N VAL B 317 -6.93 -5.32 -31.37
CA VAL B 317 -6.54 -4.17 -30.55
C VAL B 317 -5.38 -4.59 -29.67
N LEU B 318 -4.50 -3.64 -29.39
CA LEU B 318 -3.33 -3.84 -28.52
C LEU B 318 -3.40 -2.83 -27.37
N ALA B 319 -4.03 -3.23 -26.28
CA ALA B 319 -4.50 -2.27 -25.29
C ALA B 319 -3.39 -1.80 -24.35
N GLY B 320 -2.26 -2.49 -24.33
CA GLY B 320 -1.41 -2.56 -23.15
C GLY B 320 -0.58 -1.34 -22.85
N HIS B 321 -1.03 -0.15 -23.25
CA HIS B 321 -0.34 1.08 -22.94
C HIS B 321 -1.21 1.97 -22.06
N ASP B 322 -0.55 2.77 -21.22
CA ASP B 322 -1.22 3.62 -20.26
C ASP B 322 -1.10 5.10 -20.61
N ASN B 323 -0.61 5.42 -21.80
CA ASN B 323 -0.60 6.79 -22.29
C ASN B 323 -0.55 6.75 -23.81
N ARG B 324 -0.71 7.92 -24.41
CA ARG B 324 -0.69 8.04 -25.86
C ARG B 324 0.40 7.16 -26.46
N VAL B 325 0.08 6.49 -27.56
CA VAL B 325 1.10 5.86 -28.38
C VAL B 325 1.79 6.94 -29.19
N SER B 326 3.10 7.08 -29.01
CA SER B 326 3.86 8.09 -29.72
C SER B 326 4.37 7.60 -31.06
N CYS B 327 4.73 6.32 -31.16
CA CYS B 327 5.34 5.81 -32.37
C CYS B 327 5.15 4.31 -32.45
N LEU B 328 5.32 3.79 -33.65
CA LEU B 328 5.10 2.38 -33.92
C LEU B 328 6.11 1.93 -34.97
N GLY B 329 6.44 0.65 -34.94
CA GLY B 329 7.33 0.09 -35.93
C GLY B 329 7.14 -1.40 -36.10
N VAL B 330 7.17 -1.87 -37.34
CA VAL B 330 7.10 -3.29 -37.65
C VAL B 330 8.46 -3.74 -38.19
N THR B 331 8.96 -4.85 -37.68
CA THR B 331 10.26 -5.33 -38.11
C THR B 331 10.25 -5.60 -39.61
N ASP B 332 11.45 -5.60 -40.19
CA ASP B 332 11.58 -5.88 -41.62
C ASP B 332 10.95 -7.22 -41.98
N ASP B 333 11.08 -8.20 -41.10
CA ASP B 333 10.47 -9.51 -41.29
C ASP B 333 9.08 -9.62 -40.67
N GLY B 334 8.51 -8.52 -40.20
CA GLY B 334 7.16 -8.56 -39.67
C GLY B 334 6.99 -9.38 -38.42
N MET B 335 8.09 -9.74 -37.75
CA MET B 335 7.98 -10.64 -36.61
C MET B 335 7.30 -10.00 -35.42
N ALA B 336 7.46 -8.69 -35.24
CA ALA B 336 6.96 -8.05 -34.02
C ALA B 336 6.76 -6.57 -34.25
N VAL B 337 6.02 -5.95 -33.34
CA VAL B 337 5.53 -4.58 -33.47
C VAL B 337 5.94 -3.80 -32.24
N ALA B 338 6.99 -3.01 -32.35
CA ALA B 338 7.33 -2.08 -31.28
C ALA B 338 6.26 -1.00 -31.19
N THR B 339 6.04 -0.50 -29.98
CA THR B 339 5.16 0.66 -29.79
C THR B 339 5.67 1.50 -28.64
N GLY B 340 6.06 2.74 -28.95
CA GLY B 340 6.54 3.67 -27.95
C GLY B 340 5.43 4.60 -27.49
N SER B 341 5.03 4.46 -26.23
CA SER B 341 4.00 5.31 -25.64
C SER B 341 4.63 6.58 -25.08
N TRP B 342 3.82 7.42 -24.45
CA TRP B 342 4.34 8.44 -23.57
C TRP B 342 4.55 7.98 -22.15
N ASP B 343 4.29 6.71 -21.84
CA ASP B 343 5.05 6.11 -20.76
C ASP B 343 6.49 5.93 -21.22
N SER B 344 7.39 5.71 -20.27
CA SER B 344 8.72 5.25 -20.67
C SER B 344 8.69 3.87 -21.30
N PHE B 345 7.59 3.14 -21.19
CA PHE B 345 7.55 1.75 -21.63
C PHE B 345 7.46 1.67 -23.14
N LEU B 346 8.42 0.98 -23.75
CA LEU B 346 8.29 0.50 -25.12
C LEU B 346 7.91 -0.97 -25.06
N LYS B 347 6.78 -1.33 -25.64
CA LYS B 347 6.25 -2.68 -25.59
C LYS B 347 6.35 -3.32 -26.96
N ILE B 348 6.90 -4.53 -27.02
CA ILE B 348 7.08 -5.25 -28.27
C ILE B 348 5.94 -6.26 -28.38
N TRP B 349 4.91 -5.89 -29.14
CA TRP B 349 3.78 -6.78 -29.36
C TRP B 349 4.10 -7.80 -30.43
N ASN B 350 3.50 -8.97 -30.30
CA ASN B 350 3.66 -10.02 -31.30
C ASN B 350 2.59 -11.09 -31.15
N THR C 6 4.42 40.89 -55.26
CA THR C 6 4.41 39.88 -54.15
C THR C 6 4.76 38.49 -54.68
N ALA C 7 5.58 37.77 -53.93
CA ALA C 7 6.02 36.45 -54.37
C ALA C 7 4.86 35.47 -54.53
N SER C 8 3.69 35.78 -53.95
CA SER C 8 2.50 34.97 -54.19
C SER C 8 2.24 34.75 -55.68
N ILE C 9 2.67 35.68 -56.52
CA ILE C 9 2.55 35.47 -57.97
C ILE C 9 3.39 34.27 -58.40
N ALA C 10 4.64 34.21 -57.94
CA ALA C 10 5.49 33.06 -58.25
C ALA C 10 4.98 31.81 -57.56
N GLN C 11 4.53 31.96 -56.31
CA GLN C 11 3.94 30.82 -55.59
C GLN C 11 2.77 30.23 -56.37
N ALA C 12 1.86 31.08 -56.86
CA ALA C 12 0.76 30.59 -57.67
C ALA C 12 1.23 29.98 -58.98
N ARG C 13 2.17 30.65 -59.67
CA ARG C 13 2.72 30.08 -60.90
C ARG C 13 3.40 28.73 -60.66
N LYS C 14 4.13 28.60 -59.56
CA LYS C 14 4.69 27.30 -59.20
C LYS C 14 3.60 26.28 -58.92
N LEU C 15 2.59 26.68 -58.16
CA LEU C 15 1.45 25.80 -57.92
C LEU C 15 0.78 25.37 -59.22
N VAL C 16 0.57 26.32 -60.13
CA VAL C 16 0.04 25.98 -61.44
C VAL C 16 0.92 24.95 -62.14
N GLU C 17 2.24 25.16 -62.12
CA GLU C 17 3.13 24.20 -62.76
C GLU C 17 3.05 22.83 -62.10
N GLN C 18 2.99 22.78 -60.79
CA GLN C 18 2.84 21.51 -60.07
C GLN C 18 1.50 20.88 -60.39
N LEU C 19 0.41 21.65 -60.45
CA LEU C 19 -0.89 21.14 -60.88
C LEU C 19 -0.86 20.70 -62.34
N LYS C 20 -0.12 21.40 -63.19
CA LYS C 20 0.05 20.96 -64.57
C LYS C 20 0.71 19.59 -64.63
N MET C 21 1.81 19.40 -63.90
CA MET C 21 2.41 18.07 -63.81
C MET C 21 1.40 17.04 -63.30
N GLU C 22 0.65 17.39 -62.26
CA GLU C 22 -0.32 16.46 -61.69
C GLU C 22 -1.52 16.22 -62.59
N ALA C 23 -1.78 17.10 -63.55
CA ALA C 23 -2.72 16.77 -64.62
C ALA C 23 -2.08 15.85 -65.65
N ASN C 24 -0.80 16.04 -65.93
CA ASN C 24 -0.12 15.27 -66.98
C ASN C 24 0.14 13.83 -66.57
N ILE C 25 0.30 13.56 -65.27
CA ILE C 25 0.52 12.18 -64.84
C ILE C 25 -0.60 11.26 -65.29
N ASP C 26 -0.26 9.99 -65.51
CA ASP C 26 -1.16 8.89 -65.78
C ASP C 26 -1.88 8.44 -64.52
N ARG C 27 -2.98 7.71 -64.72
CA ARG C 27 -3.72 7.10 -63.63
C ARG C 27 -4.21 5.73 -64.07
N ILE C 28 -4.42 4.85 -63.10
CA ILE C 28 -4.77 3.45 -63.38
C ILE C 28 -6.08 3.11 -62.68
N LYS C 29 -6.83 2.20 -63.29
CA LYS C 29 -8.08 1.74 -62.70
C LYS C 29 -7.86 1.20 -61.29
N VAL C 30 -8.68 1.68 -60.36
CA VAL C 30 -8.57 1.26 -58.96
C VAL C 30 -8.73 -0.24 -58.82
N SER C 31 -9.66 -0.83 -59.58
CA SER C 31 -9.84 -2.28 -59.57
C SER C 31 -8.55 -3.02 -59.91
N LYS C 32 -7.74 -2.47 -60.82
CA LYS C 32 -6.46 -3.10 -61.10
C LYS C 32 -5.48 -2.93 -59.94
N ALA C 33 -5.42 -1.72 -59.38
CA ALA C 33 -4.62 -1.50 -58.18
C ALA C 33 -5.03 -2.42 -57.04
N ALA C 34 -6.33 -2.55 -56.81
CA ALA C 34 -6.82 -3.47 -55.78
C ALA C 34 -6.41 -4.90 -56.06
N ALA C 35 -6.54 -5.36 -57.30
CA ALA C 35 -6.14 -6.73 -57.61
C ALA C 35 -4.67 -6.95 -57.29
N ASP C 36 -3.82 -5.96 -57.54
CA ASP C 36 -2.43 -6.04 -57.12
C ASP C 36 -2.31 -6.15 -55.61
N LEU C 37 -3.03 -5.30 -54.88
CA LEU C 37 -2.99 -5.35 -53.42
C LEU C 37 -3.49 -6.70 -52.91
N MET C 38 -4.61 -7.18 -53.44
CA MET C 38 -5.09 -8.50 -53.07
C MET C 38 -4.04 -9.56 -53.36
N ALA C 39 -3.48 -9.54 -54.56
CA ALA C 39 -2.46 -10.51 -54.93
C ALA C 39 -1.24 -10.44 -54.01
N TYR C 40 -0.83 -9.23 -53.62
CA TYR C 40 0.35 -9.12 -52.76
C TYR C 40 0.11 -9.73 -51.38
N CYS C 41 -1.03 -9.44 -50.76
CA CYS C 41 -1.35 -10.10 -49.50
C CYS C 41 -1.38 -11.61 -49.66
N GLU C 42 -2.06 -12.08 -50.71
CA GLU C 42 -2.12 -13.51 -50.98
C GLU C 42 -0.74 -14.07 -51.30
N ALA C 43 0.17 -13.24 -51.79
CA ALA C 43 1.55 -13.65 -52.01
C ALA C 43 2.34 -13.83 -50.74
N HIS C 44 1.87 -13.35 -49.59
CA HIS C 44 2.68 -13.32 -48.39
C HIS C 44 1.99 -13.84 -47.12
N ALA C 45 0.67 -14.02 -47.14
CA ALA C 45 -0.04 -14.46 -45.95
C ALA C 45 0.49 -15.79 -45.43
N LYS C 46 1.05 -16.62 -46.32
CA LYS C 46 1.70 -17.85 -45.90
C LYS C 46 2.82 -17.60 -44.89
N GLU C 47 3.49 -16.45 -44.97
CA GLU C 47 4.65 -16.17 -44.14
C GLU C 47 4.40 -15.15 -43.03
N ASP C 48 3.45 -14.24 -43.21
CA ASP C 48 3.27 -13.10 -42.33
C ASP C 48 3.15 -13.52 -40.87
N PRO C 49 4.14 -13.23 -40.02
CA PRO C 49 4.15 -13.81 -38.67
C PRO C 49 3.04 -13.27 -37.79
N LEU C 50 2.50 -12.10 -38.10
CA LEU C 50 1.42 -11.52 -37.31
C LEU C 50 0.07 -12.08 -37.73
N LEU C 51 -0.09 -12.30 -39.04
CA LEU C 51 -1.29 -12.97 -39.53
C LEU C 51 -1.26 -14.45 -39.21
N THR C 52 -0.08 -15.07 -39.18
CA THR C 52 0.06 -16.52 -39.14
C THR C 52 1.09 -16.87 -38.06
N PRO C 53 0.64 -17.09 -36.82
CA PRO C 53 1.56 -17.39 -35.72
C PRO C 53 2.36 -18.66 -35.95
N VAL C 54 3.46 -18.78 -35.21
CA VAL C 54 4.36 -19.92 -35.32
C VAL C 54 4.90 -20.27 -33.94
N PRO C 55 5.47 -21.48 -33.79
CA PRO C 55 5.99 -21.91 -32.49
C PRO C 55 7.16 -21.06 -31.99
N ALA C 56 7.41 -21.21 -30.69
CA ALA C 56 8.47 -20.47 -30.00
C ALA C 56 9.86 -20.83 -30.51
N SER C 57 9.99 -21.94 -31.22
CA SER C 57 11.25 -22.24 -31.90
C SER C 57 11.42 -21.38 -33.14
N GLU C 58 10.33 -21.03 -33.81
CA GLU C 58 10.39 -20.14 -34.96
C GLU C 58 10.52 -18.69 -34.51
N ASN C 59 9.78 -18.30 -33.48
CA ASN C 59 9.68 -16.91 -33.08
C ASN C 59 10.53 -16.65 -31.85
N PRO C 60 11.57 -15.81 -31.93
CA PRO C 60 12.42 -15.57 -30.77
C PRO C 60 11.71 -14.84 -29.64
N PHE C 61 10.57 -14.23 -29.91
CA PHE C 61 9.74 -13.64 -28.86
C PHE C 61 8.80 -14.66 -28.22
N ARG C 62 8.77 -15.88 -28.74
CA ARG C 62 7.98 -16.97 -28.17
C ARG C 62 6.61 -16.49 -27.71
N GLN D 1 -9.68 18.19 -52.32
CA GLN D 1 -10.53 17.75 -51.18
C GLN D 1 -10.99 18.93 -50.32
N VAL D 2 -10.24 19.35 -49.29
CA VAL D 2 -10.70 20.39 -48.33
C VAL D 2 -10.71 21.75 -49.01
N GLN D 3 -11.89 22.33 -49.15
CA GLN D 3 -12.07 23.51 -50.00
C GLN D 3 -13.11 24.49 -49.43
N LEU D 4 -12.70 25.76 -49.41
CA LEU D 4 -13.33 26.90 -48.73
C LEU D 4 -13.44 28.08 -49.71
N GLN D 5 -14.54 28.81 -49.67
CA GLN D 5 -14.73 30.02 -50.46
C GLN D 5 -15.58 31.07 -49.74
N GLU D 6 -14.94 32.14 -49.27
CA GLU D 6 -15.57 33.34 -48.72
C GLU D 6 -16.36 34.13 -49.76
N SER D 7 -17.39 34.84 -49.31
CA SER D 7 -18.32 35.56 -50.18
C SER D 7 -19.01 36.72 -49.46
N GLY D 8 -19.54 37.67 -50.24
CA GLY D 8 -20.38 38.76 -49.74
C GLY D 8 -19.63 39.99 -49.25
N GLY D 9 -18.37 40.16 -49.63
CA GLY D 9 -17.52 41.29 -49.25
C GLY D 9 -17.77 42.56 -50.06
N GLY D 10 -16.71 43.23 -50.50
CA GLY D 10 -16.75 44.46 -51.31
C GLY D 10 -16.79 45.76 -50.51
N LEU D 11 -17.03 46.88 -51.19
CA LEU D 11 -17.20 48.19 -50.56
C LEU D 11 -18.57 48.31 -49.87
N VAL D 12 -18.57 48.95 -48.70
CA VAL D 12 -19.75 49.34 -47.92
C VAL D 12 -19.46 50.65 -47.16
N GLN D 13 -20.48 51.46 -46.90
CA GLN D 13 -20.30 52.76 -46.24
C GLN D 13 -19.95 52.60 -44.74
N PRO D 14 -19.15 53.51 -44.14
CA PRO D 14 -18.94 53.55 -42.69
C PRO D 14 -20.24 53.71 -41.90
N GLY D 15 -20.33 53.05 -40.76
CA GLY D 15 -21.57 52.88 -39.98
C GLY D 15 -22.58 51.94 -40.64
N GLY D 16 -22.34 51.47 -41.86
CA GLY D 16 -23.17 50.51 -42.58
C GLY D 16 -23.14 49.09 -42.01
N SER D 17 -23.86 48.19 -42.68
CA SER D 17 -24.00 46.78 -42.30
C SER D 17 -23.96 45.85 -43.52
N LEU D 18 -23.50 44.61 -43.33
CA LEU D 18 -23.19 43.65 -44.38
C LEU D 18 -23.05 42.23 -43.82
N ARG D 19 -23.60 41.20 -44.47
CA ARG D 19 -23.37 39.78 -44.13
C ARG D 19 -22.30 39.17 -45.04
N LEU D 20 -21.17 38.74 -44.47
CA LEU D 20 -20.28 37.79 -45.14
C LEU D 20 -20.81 36.36 -44.99
N SER D 21 -20.40 35.45 -45.87
CA SER D 21 -20.61 34.02 -45.68
C SER D 21 -19.51 33.19 -46.34
N CYS D 22 -19.29 31.97 -45.87
CA CYS D 22 -18.29 30.98 -46.29
C CYS D 22 -18.93 29.60 -46.52
N ALA D 23 -18.72 28.96 -47.68
CA ALA D 23 -19.11 27.59 -47.94
C ALA D 23 -17.91 26.66 -47.76
N ALA D 24 -18.05 25.66 -46.89
CA ALA D 24 -17.02 24.69 -46.58
C ALA D 24 -17.36 23.32 -47.16
N SER D 25 -16.36 22.63 -47.71
CA SER D 25 -16.54 21.40 -48.46
C SER D 25 -15.36 20.44 -48.31
N GLY D 26 -15.60 19.16 -48.55
CA GLY D 26 -14.61 18.10 -48.43
C GLY D 26 -14.30 17.60 -47.01
N PHE D 27 -15.04 18.02 -45.98
CA PHE D 27 -14.88 17.55 -44.60
C PHE D 27 -16.18 17.62 -43.82
N THR D 28 -16.30 16.87 -42.73
CA THR D 28 -17.50 16.86 -41.88
C THR D 28 -17.54 18.11 -40.99
N PHE D 29 -18.12 19.19 -41.53
CA PHE D 29 -18.08 20.54 -40.97
C PHE D 29 -18.55 20.65 -39.52
N SER D 30 -19.59 19.92 -39.14
CA SER D 30 -20.12 19.91 -37.77
C SER D 30 -19.12 19.46 -36.71
N ASN D 31 -18.04 18.75 -37.08
CA ASN D 31 -17.05 18.30 -36.11
C ASN D 31 -16.06 19.40 -35.70
N TYR D 32 -16.01 20.53 -36.41
CA TYR D 32 -14.96 21.55 -36.25
C TYR D 32 -15.48 22.84 -35.63
N LYS D 33 -14.73 23.40 -34.68
CA LYS D 33 -14.82 24.82 -34.30
C LYS D 33 -14.35 25.67 -35.48
N MET D 34 -14.97 26.84 -35.65
CA MET D 34 -14.80 27.70 -36.82
C MET D 34 -14.46 29.12 -36.40
N ASN D 35 -13.65 29.84 -37.17
CA ASN D 35 -13.22 31.21 -36.90
C ASN D 35 -13.35 32.12 -38.13
N TRP D 36 -13.58 33.42 -37.91
CA TRP D 36 -13.28 34.48 -38.87
C TRP D 36 -12.04 35.25 -38.41
N VAL D 37 -11.09 35.43 -39.32
CA VAL D 37 -9.77 36.04 -39.09
C VAL D 37 -9.51 37.06 -40.20
N ARG D 38 -9.00 38.24 -39.89
CA ARG D 38 -8.91 39.36 -40.84
C ARG D 38 -7.50 39.92 -40.96
N GLN D 39 -7.14 40.35 -42.15
CA GLN D 39 -5.86 40.99 -42.49
C GLN D 39 -6.14 42.40 -43.07
N ALA D 40 -6.23 43.38 -42.18
CA ALA D 40 -6.28 44.79 -42.55
C ALA D 40 -4.90 45.28 -43.04
N PRO D 41 -4.80 46.40 -43.78
CA PRO D 41 -3.53 47.07 -44.02
C PRO D 41 -2.69 47.22 -42.75
N GLY D 42 -1.43 46.76 -42.81
CA GLY D 42 -0.44 46.89 -41.76
C GLY D 42 -0.62 45.92 -40.60
N LYS D 43 -1.86 45.59 -40.25
CA LYS D 43 -2.09 44.61 -39.21
C LYS D 43 -1.65 43.23 -39.67
N GLY D 44 -1.37 42.37 -38.70
CA GLY D 44 -1.31 40.94 -38.93
C GLY D 44 -2.69 40.32 -38.99
N LEU D 45 -2.70 38.99 -39.08
CA LEU D 45 -3.92 38.17 -39.07
C LEU D 45 -4.55 38.21 -37.69
N GLU D 46 -5.41 39.20 -37.45
CA GLU D 46 -6.20 39.31 -36.23
C GLU D 46 -7.32 38.26 -36.25
N TRP D 47 -7.44 37.48 -35.17
CA TRP D 47 -8.64 36.72 -34.89
C TRP D 47 -9.81 37.67 -34.57
N VAL D 48 -10.92 37.52 -35.29
CA VAL D 48 -12.12 38.35 -35.14
C VAL D 48 -13.17 37.63 -34.32
N SER D 49 -13.54 36.41 -34.69
CA SER D 49 -14.63 35.74 -34.01
C SER D 49 -14.49 34.23 -34.19
N ASP D 50 -15.07 33.48 -33.26
CA ASP D 50 -15.14 32.03 -33.30
C ASP D 50 -16.52 31.49 -32.90
N ILE D 51 -16.81 30.27 -33.37
CA ILE D 51 -18.07 29.60 -33.07
C ILE D 51 -17.78 28.12 -32.87
N SER D 52 -18.29 27.56 -31.79
CA SER D 52 -18.14 26.14 -31.51
C SER D 52 -18.84 25.27 -32.54
N GLN D 53 -18.59 23.96 -32.47
CA GLN D 53 -19.31 22.90 -33.20
C GLN D 53 -20.81 22.99 -33.01
N SER D 54 -21.22 23.25 -31.77
CA SER D 54 -22.64 23.38 -31.44
C SER D 54 -23.25 24.67 -31.98
N GLY D 55 -22.42 25.65 -32.32
CA GLY D 55 -22.92 26.99 -32.60
C GLY D 55 -23.33 27.77 -31.37
N ALA D 56 -23.29 27.15 -30.20
CA ALA D 56 -23.74 27.81 -28.97
C ALA D 56 -22.61 28.64 -28.37
N SER D 57 -21.48 28.02 -28.07
CA SER D 57 -20.34 28.75 -27.55
C SER D 57 -19.75 29.64 -28.62
N ILE D 58 -19.59 30.93 -28.28
CA ILE D 58 -19.23 31.97 -29.24
C ILE D 58 -18.39 32.99 -28.48
N SER D 59 -17.52 33.69 -29.20
CA SER D 59 -16.89 34.87 -28.64
C SER D 59 -16.41 35.77 -29.77
N TYR D 60 -16.00 36.97 -29.40
CA TYR D 60 -15.60 38.00 -30.35
C TYR D 60 -14.41 38.76 -29.81
N THR D 61 -13.57 39.24 -30.71
CA THR D 61 -12.58 40.25 -30.34
C THR D 61 -13.27 41.47 -29.75
N GLY D 62 -12.64 42.04 -28.72
CA GLY D 62 -13.31 43.04 -27.91
C GLY D 62 -13.81 44.24 -28.68
N SER D 63 -13.08 44.66 -29.72
CA SER D 63 -13.53 45.74 -30.58
C SER D 63 -14.70 45.34 -31.47
N VAL D 64 -15.16 44.10 -31.48
CA VAL D 64 -16.22 43.60 -32.36
C VAL D 64 -17.36 42.96 -31.58
N LYS D 65 -17.24 42.79 -30.25
CA LYS D 65 -18.39 42.38 -29.43
C LYS D 65 -19.62 43.22 -29.75
N GLY D 66 -20.71 42.54 -30.06
CA GLY D 66 -21.98 43.17 -30.41
C GLY D 66 -22.04 43.88 -31.74
N ARG D 67 -20.96 44.50 -32.23
CA ARG D 67 -20.97 45.15 -33.54
C ARG D 67 -21.18 44.14 -34.66
N PHE D 68 -20.46 43.02 -34.65
CA PHE D 68 -20.70 41.92 -35.59
C PHE D 68 -21.44 40.79 -34.87
N THR D 69 -21.88 39.79 -35.62
CA THR D 69 -22.37 38.55 -35.05
C THR D 69 -22.03 37.40 -36.00
N ILE D 70 -21.72 36.25 -35.42
CA ILE D 70 -21.30 35.07 -36.16
C ILE D 70 -22.35 33.97 -35.99
N SER D 71 -22.50 33.16 -37.02
CA SER D 71 -23.41 32.02 -36.94
C SER D 71 -22.98 30.97 -37.96
N ARG D 72 -23.49 29.76 -37.77
CA ARG D 72 -23.14 28.62 -38.60
C ARG D 72 -24.36 27.76 -38.86
N ASP D 73 -24.31 26.99 -39.94
CA ASP D 73 -25.30 25.95 -40.21
C ASP D 73 -24.56 24.64 -40.45
N ASN D 74 -24.78 23.68 -39.56
CA ASN D 74 -24.07 22.40 -39.62
C ASN D 74 -24.63 21.46 -40.66
N ALA D 75 -25.86 21.69 -41.13
CA ALA D 75 -26.38 20.94 -42.26
C ALA D 75 -25.90 21.52 -43.59
N LYS D 76 -25.99 22.83 -43.75
CA LYS D 76 -25.58 23.46 -45.00
C LYS D 76 -24.06 23.58 -45.14
N ASN D 77 -23.28 23.14 -44.16
CA ASN D 77 -21.81 23.11 -44.17
C ASN D 77 -21.22 24.51 -44.44
N THR D 78 -21.65 25.50 -43.68
CA THR D 78 -21.43 26.92 -43.98
C THR D 78 -21.36 27.80 -42.72
N LEU D 79 -20.67 28.92 -42.85
CA LEU D 79 -20.43 29.88 -41.78
C LEU D 79 -20.80 31.29 -42.27
N TYR D 80 -21.55 32.04 -41.48
CA TYR D 80 -22.03 33.38 -41.76
C TYR D 80 -21.43 34.38 -40.77
N LEU D 81 -21.23 35.61 -41.20
CA LEU D 81 -20.85 36.72 -40.32
C LEU D 81 -21.67 37.96 -40.68
N GLN D 82 -22.70 38.21 -39.88
CA GLN D 82 -23.41 39.47 -39.86
C GLN D 82 -22.47 40.57 -39.34
N MET D 83 -22.43 41.73 -39.99
CA MET D 83 -21.63 42.87 -39.54
C MET D 83 -22.48 44.13 -39.51
N ASN D 84 -22.36 44.93 -38.46
CA ASN D 84 -23.12 46.17 -38.28
C ASN D 84 -22.22 47.27 -37.71
N SER D 85 -22.61 48.53 -37.88
CA SER D 85 -21.90 49.67 -37.28
C SER D 85 -20.39 49.67 -37.62
N LEU D 86 -20.09 49.38 -38.88
CA LEU D 86 -18.74 49.18 -39.42
C LEU D 86 -17.86 50.42 -39.26
N LYS D 87 -16.69 50.27 -38.63
CA LYS D 87 -15.68 51.33 -38.51
C LYS D 87 -14.72 51.27 -39.71
N PRO D 88 -14.21 52.40 -40.22
CA PRO D 88 -13.27 52.40 -41.34
C PRO D 88 -12.09 51.43 -41.17
N GLU D 89 -11.54 51.33 -39.96
CA GLU D 89 -10.45 50.38 -39.62
C GLU D 89 -10.82 48.90 -39.73
N ASP D 90 -12.11 48.55 -39.80
CA ASP D 90 -12.57 47.18 -40.09
C ASP D 90 -12.30 46.75 -41.54
N THR D 91 -11.85 47.66 -42.42
CA THR D 91 -11.39 47.35 -43.79
C THR D 91 -10.30 46.27 -43.79
N ALA D 92 -10.54 45.10 -44.39
CA ALA D 92 -9.58 44.01 -44.43
C ALA D 92 -9.92 42.93 -45.47
N VAL D 93 -8.96 42.07 -45.80
CA VAL D 93 -9.31 40.74 -46.28
C VAL D 93 -9.84 39.96 -45.09
N TYR D 94 -11.09 39.52 -45.13
CA TYR D 94 -11.66 38.61 -44.15
C TYR D 94 -11.57 37.19 -44.67
N TYR D 95 -11.00 36.30 -43.86
CA TYR D 95 -10.87 34.87 -44.14
C TYR D 95 -11.74 34.03 -43.21
N CYS D 96 -12.37 33.00 -43.75
CA CYS D 96 -12.94 31.89 -43.03
C CYS D 96 -11.79 30.93 -42.65
N ALA D 97 -11.58 30.68 -41.37
CA ALA D 97 -10.53 29.80 -40.86
C ALA D 97 -11.13 28.68 -40.02
N ARG D 98 -10.87 27.42 -40.36
CA ARG D 98 -11.22 26.28 -39.52
C ARG D 98 -10.20 26.15 -38.41
N CYS D 99 -10.63 25.75 -37.22
CA CYS D 99 -9.68 25.20 -36.24
C CYS D 99 -9.06 23.90 -36.81
N PRO D 100 -7.86 23.49 -36.37
CA PRO D 100 -7.07 22.55 -37.14
C PRO D 100 -7.69 21.16 -37.19
N ALA D 101 -8.32 20.72 -36.10
CA ALA D 101 -8.68 19.33 -35.85
C ALA D 101 -10.08 19.22 -35.21
N PRO D 102 -10.78 18.10 -35.42
CA PRO D 102 -12.17 17.95 -35.01
C PRO D 102 -12.33 17.72 -33.51
N PHE D 103 -13.55 17.93 -33.02
CA PHE D 103 -14.00 17.78 -31.63
C PHE D 103 -13.26 18.68 -30.60
N THR D 104 -12.40 19.57 -31.06
CA THR D 104 -11.52 20.43 -30.26
C THR D 104 -12.23 21.58 -29.55
N ARG D 105 -11.62 22.05 -28.45
CA ARG D 105 -11.77 23.42 -27.92
C ARG D 105 -10.63 24.34 -28.42
N ASP D 106 -9.54 23.71 -28.84
CA ASP D 106 -8.15 24.18 -28.88
C ASP D 106 -7.87 25.39 -29.78
N CYS D 107 -8.19 25.26 -31.07
CA CYS D 107 -8.06 26.29 -32.10
C CYS D 107 -6.72 27.05 -32.22
N PHE D 108 -5.58 26.37 -32.10
CA PHE D 108 -4.29 26.96 -32.44
C PHE D 108 -4.20 27.36 -33.93
N ASP D 109 -3.22 28.20 -34.26
CA ASP D 109 -2.72 28.43 -35.62
C ASP D 109 -3.62 29.16 -36.64
N VAL D 110 -4.91 29.39 -36.38
CA VAL D 110 -5.79 30.13 -37.30
C VAL D 110 -5.34 31.56 -37.61
N THR D 111 -4.54 32.18 -36.75
CA THR D 111 -3.90 33.48 -36.95
C THR D 111 -2.48 33.38 -37.55
N SER D 112 -1.91 32.19 -37.68
CA SER D 112 -0.56 32.00 -38.21
C SER D 112 -0.49 32.28 -39.71
N THR D 113 0.55 32.96 -40.14
CA THR D 113 0.83 33.17 -41.57
C THR D 113 1.15 31.82 -42.23
N THR D 114 0.75 31.61 -43.49
CA THR D 114 0.85 30.35 -44.26
C THR D 114 0.00 29.15 -43.81
N TYR D 115 -0.81 29.27 -42.75
CA TYR D 115 -1.74 28.24 -42.25
C TYR D 115 -2.61 27.60 -43.34
N ALA D 116 -2.97 26.32 -43.16
CA ALA D 116 -3.54 25.50 -44.21
C ALA D 116 -5.04 25.73 -44.37
N TYR D 117 -5.81 25.45 -43.30
CA TYR D 117 -7.27 25.36 -43.27
C TYR D 117 -7.97 26.72 -43.18
N ARG D 118 -7.54 27.64 -44.05
CA ARG D 118 -8.08 29.00 -44.17
C ARG D 118 -8.30 29.29 -45.65
N GLY D 119 -9.41 29.93 -45.98
CA GLY D 119 -9.82 30.18 -47.36
C GLY D 119 -8.97 31.24 -48.07
N GLN D 120 -9.39 31.59 -49.28
CA GLN D 120 -8.70 32.59 -50.13
C GLN D 120 -8.97 34.03 -49.68
N GLY D 121 -9.94 34.23 -48.79
CA GLY D 121 -10.37 35.51 -48.28
C GLY D 121 -11.32 36.26 -49.20
N THR D 122 -12.18 37.09 -48.63
CA THR D 122 -12.96 38.11 -49.34
C THR D 122 -12.59 39.50 -48.80
N GLN D 123 -12.21 40.41 -49.69
CA GLN D 123 -11.92 41.80 -49.32
C GLN D 123 -13.20 42.50 -48.85
N VAL D 124 -13.12 43.28 -47.78
CA VAL D 124 -14.19 44.16 -47.34
C VAL D 124 -13.60 45.54 -47.13
N THR D 125 -14.15 46.55 -47.79
CA THR D 125 -13.71 47.93 -47.65
C THR D 125 -14.79 48.73 -46.95
N VAL D 126 -14.45 49.38 -45.83
CA VAL D 126 -15.32 50.28 -45.09
C VAL D 126 -14.87 51.71 -45.37
N SER D 127 -15.51 52.32 -46.37
CA SER D 127 -15.12 53.64 -46.88
C SER D 127 -16.26 54.28 -47.68
N SER D 128 -16.19 55.58 -47.89
CA SER D 128 -17.25 56.37 -48.52
C SER D 128 -16.67 57.33 -49.56
N THR E 42 -10.84 -53.47 75.97
CA THR E 42 -11.86 -52.86 75.13
C THR E 42 -11.29 -52.16 73.91
N ARG E 43 -9.97 -51.97 73.86
CA ARG E 43 -9.31 -51.39 72.70
C ARG E 43 -7.96 -52.08 72.52
N LEU E 44 -7.51 -52.15 71.26
CA LEU E 44 -6.19 -52.66 70.93
C LEU E 44 -5.32 -51.54 70.38
N SER E 45 -4.18 -51.31 71.01
CA SER E 45 -3.17 -50.39 70.51
C SER E 45 -2.01 -51.25 70.00
N LEU E 46 -2.21 -51.84 68.82
CA LEU E 46 -1.23 -52.75 68.24
C LEU E 46 -0.16 -51.95 67.51
N ALA E 47 1.05 -51.91 68.08
CA ALA E 47 2.11 -51.13 67.46
C ALA E 47 3.47 -51.68 67.88
N TYR E 48 4.48 -51.32 67.09
CA TYR E 48 5.89 -51.54 67.44
C TYR E 48 6.19 -52.98 67.88
N LEU E 49 5.63 -53.95 67.16
CA LEU E 49 5.80 -55.34 67.55
C LEU E 49 5.91 -56.21 66.30
N PRO E 50 6.55 -57.38 66.42
CA PRO E 50 6.70 -58.32 65.28
C PRO E 50 5.42 -59.10 64.99
N VAL E 51 4.40 -58.41 64.47
CA VAL E 51 3.28 -59.05 63.82
C VAL E 51 3.41 -58.88 62.31
N LYS E 52 3.32 -59.99 61.58
CA LYS E 52 3.53 -60.00 60.14
C LYS E 52 2.31 -60.45 59.36
N VAL E 53 1.45 -61.26 59.96
CA VAL E 53 0.15 -61.60 59.40
C VAL E 53 -0.89 -61.42 60.50
N ILE E 54 -2.05 -60.90 60.12
CA ILE E 54 -3.26 -61.00 60.95
C ILE E 54 -4.08 -62.18 60.43
N PRO E 55 -4.20 -63.26 61.19
CA PRO E 55 -4.84 -64.46 60.65
C PRO E 55 -6.35 -64.28 60.52
N SER E 56 -6.94 -65.14 59.71
CA SER E 56 -8.38 -65.14 59.49
C SER E 56 -9.15 -65.31 60.79
N GLN E 57 -10.08 -64.38 61.04
CA GLN E 57 -10.90 -64.34 62.25
C GLN E 57 -10.08 -64.41 63.54
N ALA E 58 -8.80 -64.05 63.48
CA ALA E 58 -7.93 -64.24 64.65
C ALA E 58 -8.47 -63.53 65.88
N PHE E 59 -9.16 -62.41 65.71
CA PHE E 59 -9.67 -61.64 66.84
C PHE E 59 -10.84 -62.30 67.58
N ARG E 60 -11.56 -63.22 66.95
CA ARG E 60 -12.68 -63.84 67.65
C ARG E 60 -12.21 -64.57 68.90
N GLY E 61 -13.06 -64.57 69.91
CA GLY E 61 -12.64 -64.72 71.29
C GLY E 61 -12.68 -63.37 71.98
N LEU E 62 -12.37 -62.32 71.23
CA LEU E 62 -12.73 -60.96 71.60
C LEU E 62 -14.17 -60.67 71.21
N ASN E 63 -14.91 -60.03 72.13
CA ASN E 63 -16.08 -59.25 71.73
C ASN E 63 -16.32 -58.07 72.66
N GLU E 64 -15.33 -57.68 73.44
CA GLU E 64 -15.36 -56.45 74.23
C GLU E 64 -14.79 -55.26 73.47
N VAL E 65 -14.07 -55.52 72.38
CA VAL E 65 -13.34 -54.47 71.68
C VAL E 65 -14.30 -53.55 70.95
N ILE E 66 -14.05 -52.25 71.05
CA ILE E 66 -14.85 -51.21 70.40
C ILE E 66 -13.99 -50.52 69.37
N LYS E 67 -12.70 -50.41 69.65
CA LYS E 67 -11.76 -49.71 68.77
C LYS E 67 -10.54 -50.60 68.57
N ILE E 68 -10.03 -50.60 67.34
CA ILE E 68 -8.73 -51.18 67.00
C ILE E 68 -7.92 -50.13 66.27
N GLU E 69 -6.63 -50.02 66.63
CA GLU E 69 -5.63 -49.49 65.73
C GLU E 69 -4.59 -50.56 65.43
N ILE E 70 -4.09 -50.53 64.20
CA ILE E 70 -2.97 -51.37 63.77
C ILE E 70 -1.96 -50.40 63.16
N SER E 71 -1.02 -49.93 63.97
CA SER E 71 -0.28 -48.73 63.64
C SER E 71 1.18 -48.90 64.01
N GLN E 72 2.01 -48.03 63.43
CA GLN E 72 3.43 -47.94 63.75
C GLN E 72 4.09 -49.31 63.74
N ILE E 73 3.93 -50.01 62.62
CA ILE E 73 4.29 -51.43 62.54
C ILE E 73 4.83 -51.72 61.14
N ASP E 74 6.16 -51.73 61.01
CA ASP E 74 6.79 -52.15 59.77
C ASP E 74 6.67 -53.65 59.54
N SER E 75 6.55 -54.42 60.62
CA SER E 75 6.55 -55.87 60.48
C SER E 75 5.36 -56.38 59.67
N LEU E 76 4.24 -55.68 59.70
CA LEU E 76 3.01 -56.23 59.12
C LEU E 76 3.11 -56.22 57.60
N GLU E 77 2.90 -57.40 57.00
CA GLU E 77 2.82 -57.54 55.55
C GLU E 77 1.40 -57.58 55.03
N ARG E 78 0.51 -58.33 55.69
CA ARG E 78 -0.80 -58.60 55.12
C ARG E 78 -1.80 -58.87 56.23
N ILE E 79 -3.07 -58.74 55.88
CA ILE E 79 -4.20 -59.13 56.72
C ILE E 79 -5.01 -60.18 55.98
N GLU E 80 -5.25 -61.31 56.63
CA GLU E 80 -5.95 -62.42 56.00
C GLU E 80 -7.43 -62.11 55.84
N ALA E 81 -8.05 -62.84 54.92
CA ALA E 81 -9.49 -62.79 54.75
C ALA E 81 -10.22 -63.13 56.04
N ASN E 82 -11.35 -62.44 56.26
CA ASN E 82 -12.16 -62.60 57.46
C ASN E 82 -11.39 -62.33 58.76
N ALA E 83 -10.27 -61.62 58.68
CA ALA E 83 -9.56 -61.24 59.90
C ALA E 83 -10.48 -60.49 60.86
N PHE E 84 -11.08 -59.40 60.38
CA PHE E 84 -12.14 -58.70 61.11
C PHE E 84 -13.50 -59.23 60.66
N ASP E 85 -13.73 -60.50 60.96
CA ASP E 85 -15.01 -61.15 60.67
C ASP E 85 -15.87 -61.19 61.93
N ASN E 86 -17.00 -60.49 61.87
CA ASN E 86 -18.04 -60.56 62.90
C ASN E 86 -17.49 -60.32 64.31
N LEU E 87 -16.57 -59.37 64.42
CA LEU E 87 -16.14 -58.89 65.73
C LEU E 87 -17.20 -57.94 66.28
N LEU E 88 -18.45 -58.43 66.34
CA LEU E 88 -19.63 -57.57 66.25
C LEU E 88 -19.55 -56.33 67.13
N ASN E 89 -18.93 -56.43 68.30
CA ASN E 89 -18.85 -55.27 69.18
C ASN E 89 -18.00 -54.15 68.61
N LEU E 90 -17.11 -54.44 67.66
CA LEU E 90 -16.18 -53.44 67.16
C LEU E 90 -16.92 -52.37 66.36
N SER E 91 -16.53 -51.11 66.56
CA SER E 91 -17.06 -50.00 65.77
C SER E 91 -16.01 -49.17 65.06
N GLU E 92 -14.73 -49.28 65.41
CA GLU E 92 -13.70 -48.38 64.91
C GLU E 92 -12.45 -49.16 64.54
N ILE E 93 -11.90 -48.87 63.37
CA ILE E 93 -10.67 -49.48 62.88
C ILE E 93 -9.73 -48.39 62.40
N LEU E 94 -8.46 -48.49 62.78
CA LEU E 94 -7.42 -47.56 62.34
C LEU E 94 -6.20 -48.35 61.89
N ILE E 95 -6.25 -48.85 60.65
CA ILE E 95 -5.06 -49.38 60.00
C ILE E 95 -4.21 -48.19 59.57
N GLN E 96 -2.96 -48.15 60.03
CA GLN E 96 -2.21 -46.91 59.97
C GLN E 96 -0.71 -47.19 59.90
N ASN E 97 0.01 -46.29 59.25
CA ASN E 97 1.46 -46.16 59.36
C ASN E 97 2.18 -47.50 59.25
N THR E 98 2.05 -48.13 58.08
CA THR E 98 2.56 -49.49 57.89
C THR E 98 2.93 -49.66 56.41
N LYS E 99 4.11 -49.14 56.07
CA LYS E 99 4.53 -49.10 54.66
C LYS E 99 4.66 -50.49 54.07
N ASN E 100 4.92 -51.50 54.90
CA ASN E 100 5.06 -52.87 54.43
C ASN E 100 3.74 -53.61 54.31
N LEU E 101 2.64 -53.03 54.78
CA LEU E 101 1.32 -53.65 54.60
C LEU E 101 0.98 -53.61 53.11
N ARG E 102 1.48 -54.61 52.39
CA ARG E 102 1.42 -54.61 50.94
C ARG E 102 0.14 -55.20 50.38
N TYR E 103 -0.62 -55.92 51.20
CA TYR E 103 -1.64 -56.84 50.70
C TYR E 103 -2.69 -56.98 51.79
N ILE E 104 -3.94 -56.66 51.48
CA ILE E 104 -5.08 -57.02 52.30
C ILE E 104 -6.00 -57.93 51.50
N GLU E 105 -6.33 -59.08 52.08
CA GLU E 105 -7.10 -60.08 51.36
C GLU E 105 -8.57 -59.64 51.24
N PRO E 106 -9.25 -60.08 50.18
CA PRO E 106 -10.69 -59.85 50.07
C PRO E 106 -11.46 -60.34 51.29
N GLY E 107 -12.48 -59.58 51.68
CA GLY E 107 -13.26 -59.89 52.86
C GLY E 107 -12.55 -59.88 54.19
N ALA E 108 -11.34 -59.30 54.25
CA ALA E 108 -10.66 -59.19 55.53
C ALA E 108 -11.55 -58.49 56.56
N PHE E 109 -12.36 -57.53 56.12
CA PHE E 109 -13.42 -56.94 56.93
C PHE E 109 -14.74 -57.47 56.41
N ILE E 110 -15.51 -58.14 57.27
CA ILE E 110 -16.71 -58.83 56.80
C ILE E 110 -17.68 -59.02 57.95
N ASN E 111 -18.97 -58.95 57.62
CA ASN E 111 -20.06 -59.31 58.52
C ASN E 111 -19.97 -58.65 59.89
N LEU E 112 -19.89 -57.31 59.90
CA LEU E 112 -19.59 -56.57 61.11
C LEU E 112 -20.57 -55.41 61.22
N PRO E 113 -21.72 -55.65 61.85
CA PRO E 113 -22.81 -54.64 61.83
C PRO E 113 -22.47 -53.32 62.51
N ARG E 114 -21.51 -53.28 63.43
CA ARG E 114 -21.25 -52.09 64.21
C ARG E 114 -20.12 -51.22 63.69
N LEU E 115 -19.41 -51.64 62.64
CA LEU E 115 -18.27 -50.86 62.21
C LEU E 115 -18.72 -49.49 61.72
N LYS E 116 -18.01 -48.46 62.15
CA LYS E 116 -18.38 -47.07 61.90
C LYS E 116 -17.26 -46.31 61.20
N TYR E 117 -16.10 -46.22 61.84
CA TYR E 117 -14.94 -45.50 61.32
C TYR E 117 -13.90 -46.52 60.90
N LEU E 118 -13.44 -46.41 59.66
CA LEU E 118 -12.51 -47.37 59.06
C LEU E 118 -11.39 -46.60 58.37
N SER E 119 -10.32 -46.32 59.10
CA SER E 119 -9.18 -45.59 58.55
C SER E 119 -8.12 -46.56 58.08
N ILE E 120 -7.60 -46.32 56.88
CA ILE E 120 -6.64 -47.19 56.22
C ILE E 120 -5.63 -46.26 55.56
N CYS E 121 -4.67 -45.78 56.33
CA CYS E 121 -3.92 -44.60 55.92
C CYS E 121 -2.42 -44.82 56.05
N ASN E 122 -1.69 -44.32 55.04
CA ASN E 122 -0.24 -44.43 54.99
C ASN E 122 0.23 -45.89 55.02
N THR E 123 -0.19 -46.63 54.01
CA THR E 123 0.01 -48.07 53.98
C THR E 123 0.50 -48.49 52.60
N GLY E 124 1.08 -49.70 52.56
CA GLY E 124 1.55 -50.30 51.32
C GLY E 124 0.46 -50.80 50.39
N ILE E 125 -0.80 -50.52 50.68
CA ILE E 125 -1.89 -51.21 49.99
C ILE E 125 -1.88 -50.81 48.52
N ARG E 126 -1.70 -51.79 47.66
CA ARG E 126 -1.60 -51.56 46.22
C ARG E 126 -2.93 -51.67 45.51
N LYS E 127 -3.88 -52.44 46.07
CA LYS E 127 -5.22 -52.54 45.53
C LYS E 127 -6.24 -52.12 46.58
N PHE E 128 -7.26 -51.40 46.13
CA PHE E 128 -8.30 -50.89 47.00
C PHE E 128 -8.87 -52.00 47.89
N PRO E 129 -8.95 -51.80 49.20
CA PRO E 129 -9.37 -52.90 50.09
C PRO E 129 -10.84 -53.23 49.92
N ASP E 130 -11.15 -54.52 49.98
CA ASP E 130 -12.54 -54.98 49.90
C ASP E 130 -13.27 -54.71 51.21
N VAL E 131 -13.82 -53.50 51.34
CA VAL E 131 -14.68 -53.14 52.47
C VAL E 131 -16.13 -53.54 52.28
N THR E 132 -16.50 -54.04 51.10
CA THR E 132 -17.92 -54.22 50.78
C THR E 132 -18.61 -55.16 51.76
N LYS E 133 -17.94 -56.24 52.15
CA LYS E 133 -18.58 -57.34 52.87
C LYS E 133 -18.79 -57.05 54.35
N VAL E 134 -18.39 -55.90 54.87
CA VAL E 134 -18.66 -55.60 56.28
C VAL E 134 -20.15 -55.47 56.54
N PHE E 135 -20.93 -55.04 55.55
CA PHE E 135 -22.39 -54.95 55.68
C PHE E 135 -22.78 -54.24 56.97
N SER E 136 -22.09 -53.15 57.29
CA SER E 136 -22.39 -52.43 58.52
C SER E 136 -23.76 -51.76 58.42
N SER E 137 -24.24 -51.29 59.57
CA SER E 137 -25.45 -50.46 59.61
C SER E 137 -25.32 -49.23 60.51
N GLU E 138 -24.12 -48.89 60.97
CA GLU E 138 -23.97 -47.78 61.91
C GLU E 138 -24.29 -46.45 61.24
N SER E 139 -24.85 -45.54 62.04
CA SER E 139 -25.65 -44.43 61.52
C SER E 139 -24.92 -43.63 60.45
N ASN E 140 -23.60 -43.47 60.59
CA ASN E 140 -22.82 -42.71 59.61
C ASN E 140 -21.45 -43.35 59.49
N PHE E 141 -21.27 -44.17 58.45
CA PHE E 141 -19.97 -44.80 58.22
C PHE E 141 -18.99 -43.78 57.66
N ILE E 142 -17.73 -43.90 58.07
CA ILE E 142 -16.69 -42.95 57.73
C ILE E 142 -15.48 -43.75 57.28
N LEU E 143 -15.43 -44.09 56.00
CA LEU E 143 -14.23 -44.67 55.43
C LEU E 143 -13.20 -43.58 55.24
N GLU E 144 -11.96 -43.84 55.65
CA GLU E 144 -10.88 -42.85 55.57
C GLU E 144 -9.65 -43.52 54.97
N ILE E 145 -9.68 -43.70 53.65
CA ILE E 145 -8.54 -44.23 52.91
C ILE E 145 -7.68 -43.03 52.57
N CYS E 146 -6.45 -42.99 53.08
CA CYS E 146 -5.58 -41.86 52.76
C CYS E 146 -4.12 -42.25 52.69
N ASP E 147 -3.36 -41.44 51.96
CA ASP E 147 -1.91 -41.55 51.78
C ASP E 147 -1.47 -42.89 51.19
N ASN E 148 -2.39 -43.69 50.67
CA ASN E 148 -2.02 -44.97 50.06
C ASN E 148 -1.63 -44.73 48.61
N LEU E 149 -0.44 -44.15 48.46
CA LEU E 149 0.10 -43.78 47.16
C LEU E 149 0.13 -44.93 46.16
N HIS E 150 0.09 -46.17 46.63
CA HIS E 150 0.11 -47.32 45.73
C HIS E 150 -1.24 -47.67 45.13
N ILE E 151 -2.37 -47.23 45.69
CA ILE E 151 -3.65 -47.73 45.19
C ILE E 151 -3.89 -47.16 43.80
N THR E 152 -3.99 -48.06 42.82
CA THR E 152 -4.09 -47.63 41.42
C THR E 152 -5.41 -46.92 41.14
N THR E 153 -6.51 -47.45 41.68
CA THR E 153 -7.84 -47.11 41.19
C THR E 153 -8.86 -47.53 42.23
N ILE E 154 -10.07 -47.00 42.07
CA ILE E 154 -11.23 -47.44 42.85
C ILE E 154 -12.08 -48.34 41.96
N PRO E 155 -12.26 -49.61 42.32
CA PRO E 155 -13.00 -50.52 41.44
C PRO E 155 -14.47 -50.11 41.27
N GLY E 156 -15.05 -50.58 40.19
CA GLY E 156 -16.51 -50.57 40.08
C GLY E 156 -17.16 -51.32 41.23
N ASN E 157 -18.26 -50.75 41.74
CA ASN E 157 -18.96 -51.25 42.91
C ASN E 157 -18.08 -51.33 44.16
N ALA E 158 -16.93 -50.67 44.15
CA ALA E 158 -16.00 -50.80 45.27
C ALA E 158 -16.65 -50.45 46.60
N PHE E 159 -17.66 -49.57 46.59
CA PHE E 159 -18.37 -49.20 47.80
C PHE E 159 -19.72 -49.90 47.92
N GLN E 160 -19.96 -50.94 47.12
CA GLN E 160 -21.22 -51.66 47.23
C GLN E 160 -21.36 -52.29 48.61
N GLY E 161 -22.55 -52.17 49.19
CA GLY E 161 -22.92 -52.95 50.36
C GLY E 161 -22.21 -52.59 51.65
N MET E 162 -21.04 -51.95 51.58
CA MET E 162 -20.21 -51.79 52.76
C MET E 162 -20.99 -51.15 53.92
N ASN E 163 -21.87 -50.21 53.62
CA ASN E 163 -22.88 -49.79 54.58
C ASN E 163 -24.21 -49.61 53.86
N ASN E 164 -25.27 -50.19 54.43
CA ASN E 164 -26.60 -49.95 53.90
C ASN E 164 -27.15 -48.60 54.35
N GLU E 165 -26.90 -48.26 55.61
CA GLU E 165 -26.95 -46.89 56.07
C GLU E 165 -25.94 -46.03 55.33
N SER E 166 -26.14 -44.71 55.43
CA SER E 166 -25.37 -43.74 54.64
C SER E 166 -23.89 -43.81 54.98
N VAL E 167 -23.08 -43.31 54.05
CA VAL E 167 -21.63 -43.47 54.10
C VAL E 167 -20.97 -42.15 53.73
N THR E 168 -19.75 -41.96 54.24
CA THR E 168 -18.88 -40.87 53.84
C THR E 168 -17.50 -41.44 53.51
N LEU E 169 -16.84 -40.83 52.52
CA LEU E 169 -15.63 -41.38 51.92
C LEU E 169 -14.55 -40.32 51.92
N LYS E 170 -13.75 -40.28 52.99
CA LYS E 170 -12.58 -39.42 53.04
C LYS E 170 -11.42 -40.14 52.36
N LEU E 171 -11.04 -39.67 51.18
CA LEU E 171 -10.15 -40.40 50.29
C LEU E 171 -8.85 -39.64 50.02
N TYR E 172 -8.31 -38.97 51.03
CA TYR E 172 -7.27 -37.99 50.81
C TYR E 172 -6.01 -38.62 50.24
N GLY E 173 -5.41 -37.93 49.27
CA GLY E 173 -4.00 -38.08 49.00
C GLY E 173 -3.58 -39.44 48.50
N ASN E 174 -4.51 -40.28 48.08
CA ASN E 174 -4.14 -41.57 47.51
C ASN E 174 -3.77 -41.43 46.04
N GLY E 175 -3.23 -42.52 45.50
CA GLY E 175 -2.73 -42.59 44.14
C GLY E 175 -3.74 -42.80 43.05
N PHE E 176 -5.04 -42.64 43.29
CA PHE E 176 -6.01 -43.11 42.30
C PHE E 176 -5.77 -42.45 40.95
N GLU E 177 -5.68 -43.28 39.92
CA GLU E 177 -5.62 -42.77 38.56
C GLU E 177 -7.01 -42.52 38.00
N GLU E 178 -7.95 -43.44 38.27
CA GLU E 178 -9.28 -43.37 37.70
C GLU E 178 -10.28 -43.94 38.70
N VAL E 179 -11.52 -43.51 38.56
CA VAL E 179 -12.66 -44.12 39.23
C VAL E 179 -13.50 -44.80 38.17
N GLN E 180 -13.75 -46.10 38.36
CA GLN E 180 -14.43 -46.88 37.34
C GLN E 180 -15.92 -46.55 37.31
N SER E 181 -16.57 -47.01 36.25
CA SER E 181 -18.02 -46.91 36.15
C SER E 181 -18.70 -47.58 37.33
N HIS E 182 -19.74 -46.92 37.85
CA HIS E 182 -20.50 -47.40 39.01
C HIS E 182 -19.60 -47.75 40.20
N ALA E 183 -18.44 -47.10 40.30
CA ALA E 183 -17.59 -47.33 41.46
C ALA E 183 -18.35 -47.04 42.75
N PHE E 184 -19.11 -45.94 42.77
CA PHE E 184 -20.11 -45.71 43.80
C PHE E 184 -21.36 -46.47 43.40
N ASN E 185 -21.73 -47.49 44.17
CA ASN E 185 -22.94 -48.24 43.93
C ASN E 185 -23.61 -48.62 45.24
N GLY E 186 -24.93 -48.80 45.16
CA GLY E 186 -25.68 -49.43 46.22
C GLY E 186 -25.69 -48.70 47.55
N THR E 187 -25.47 -47.39 47.55
CA THR E 187 -25.41 -46.67 48.81
C THR E 187 -25.90 -45.24 48.63
N THR E 188 -26.45 -44.69 49.70
CA THR E 188 -26.65 -43.25 49.85
C THR E 188 -25.30 -42.67 50.28
N LEU E 189 -24.52 -42.23 49.30
CA LEU E 189 -23.24 -41.58 49.55
C LEU E 189 -23.50 -40.16 49.99
N THR E 190 -23.17 -39.84 51.24
CA THR E 190 -23.31 -38.47 51.73
C THR E 190 -22.14 -37.59 51.31
N SER E 191 -20.99 -37.76 51.96
CA SER E 191 -19.84 -36.90 51.69
C SER E 191 -18.73 -37.70 51.02
N LEU E 192 -18.27 -37.22 49.87
CA LEU E 192 -17.11 -37.74 49.18
C LEU E 192 -16.01 -36.68 49.20
N GLU E 193 -14.82 -37.04 49.68
CA GLU E 193 -13.69 -36.12 49.69
C GLU E 193 -12.52 -36.77 48.96
N LEU E 194 -12.51 -36.61 47.64
CA LEU E 194 -11.42 -37.02 46.76
C LEU E 194 -10.22 -36.09 46.80
N LYS E 195 -10.19 -35.12 47.71
CA LYS E 195 -9.18 -34.07 47.66
C LYS E 195 -7.76 -34.63 47.73
N GLU E 196 -6.85 -33.93 47.06
CA GLU E 196 -5.41 -34.20 47.05
C GLU E 196 -5.04 -35.53 46.44
N ASN E 197 -5.99 -36.26 45.84
CA ASN E 197 -5.63 -37.40 44.98
C ASN E 197 -5.03 -36.85 43.69
N VAL E 198 -3.79 -36.39 43.79
CA VAL E 198 -3.17 -35.63 42.69
C VAL E 198 -3.11 -36.41 41.39
N HIS E 199 -3.25 -37.73 41.44
CA HIS E 199 -3.21 -38.54 40.23
C HIS E 199 -4.56 -38.76 39.58
N LEU E 200 -5.66 -38.39 40.23
CA LEU E 200 -6.98 -38.78 39.74
C LEU E 200 -7.37 -37.84 38.60
N GLU E 201 -6.80 -38.11 37.42
CA GLU E 201 -7.08 -37.25 36.28
C GLU E 201 -8.53 -37.33 35.82
N LYS E 202 -9.19 -38.48 36.02
CA LYS E 202 -10.47 -38.71 35.37
C LYS E 202 -11.31 -39.66 36.22
N MET E 203 -12.45 -39.18 36.72
CA MET E 203 -13.56 -40.06 37.03
C MET E 203 -14.25 -40.52 35.75
N HIS E 204 -14.64 -41.79 35.72
CA HIS E 204 -15.56 -42.24 34.68
C HIS E 204 -16.87 -41.46 34.81
N ASN E 205 -17.46 -41.10 33.66
CA ASN E 205 -18.62 -40.23 33.63
C ASN E 205 -19.87 -40.82 34.28
N GLY E 206 -19.90 -42.13 34.54
CA GLY E 206 -20.96 -42.74 35.30
C GLY E 206 -20.54 -43.35 36.62
N ALA E 207 -19.44 -42.85 37.19
CA ALA E 207 -18.95 -43.40 38.46
C ALA E 207 -20.03 -43.35 39.53
N PHE E 208 -20.80 -42.26 39.58
CA PHE E 208 -21.89 -42.16 40.55
C PHE E 208 -23.10 -42.98 40.16
N ARG E 209 -23.13 -43.55 38.96
CA ARG E 209 -24.38 -44.01 38.37
C ARG E 209 -25.06 -45.09 39.22
N GLY E 210 -24.32 -45.79 40.07
CA GLY E 210 -24.90 -46.78 40.95
C GLY E 210 -25.38 -46.27 42.30
N ALA E 211 -24.89 -45.13 42.74
CA ALA E 211 -25.16 -44.63 44.08
C ALA E 211 -26.25 -43.56 44.05
N THR E 212 -26.70 -43.18 45.25
CA THR E 212 -27.46 -41.95 45.46
C THR E 212 -26.59 -40.97 46.26
N GLY E 213 -26.55 -39.72 45.80
CA GLY E 213 -25.57 -38.77 46.28
C GLY E 213 -24.55 -38.48 45.19
N PRO E 214 -23.41 -37.90 45.57
CA PRO E 214 -23.07 -37.37 46.89
C PRO E 214 -23.92 -36.18 47.30
N LYS E 215 -24.06 -35.98 48.61
CA LYS E 215 -24.57 -34.72 49.13
C LYS E 215 -23.46 -33.68 49.23
N THR E 216 -22.23 -34.12 49.46
CA THR E 216 -21.06 -33.25 49.52
C THR E 216 -19.96 -33.87 48.67
N LEU E 217 -19.25 -33.03 47.93
CA LEU E 217 -18.21 -33.50 47.01
C LEU E 217 -17.06 -32.52 47.03
N ASP E 218 -15.93 -32.94 47.60
CA ASP E 218 -14.71 -32.16 47.58
C ASP E 218 -13.74 -32.82 46.60
N ILE E 219 -13.31 -32.06 45.59
CA ILE E 219 -12.39 -32.57 44.58
C ILE E 219 -11.16 -31.68 44.49
N SER E 220 -10.83 -30.99 45.57
CA SER E 220 -9.72 -30.05 45.55
C SER E 220 -8.40 -30.74 45.26
N SER E 221 -7.51 -30.02 44.57
CA SER E 221 -6.17 -30.48 44.21
C SER E 221 -6.15 -31.74 43.35
N THR E 222 -7.28 -32.15 42.76
CA THR E 222 -7.35 -33.48 42.18
C THR E 222 -6.65 -33.59 40.84
N LYS E 223 -6.45 -32.49 40.13
CA LYS E 223 -6.15 -32.53 38.70
C LYS E 223 -7.23 -33.23 37.90
N LEU E 224 -8.44 -33.31 38.45
CA LEU E 224 -9.56 -33.88 37.69
C LEU E 224 -9.90 -32.97 36.52
N GLN E 225 -10.09 -33.58 35.35
CA GLN E 225 -10.41 -32.81 34.16
C GLN E 225 -11.84 -32.29 34.21
N ALA E 226 -12.79 -33.13 34.57
CA ALA E 226 -14.18 -32.70 34.69
C ALA E 226 -14.91 -33.64 35.62
N LEU E 227 -16.01 -33.14 36.18
CA LEU E 227 -16.88 -33.96 36.99
C LEU E 227 -17.64 -34.97 36.13
N PRO E 228 -18.13 -36.05 36.75
CA PRO E 228 -18.96 -37.00 36.00
C PRO E 228 -20.17 -36.35 35.35
N SER E 229 -20.80 -37.10 34.46
CA SER E 229 -21.97 -36.64 33.74
C SER E 229 -23.25 -36.75 34.55
N TYR E 230 -23.24 -37.44 35.69
CA TYR E 230 -24.49 -37.92 36.29
C TYR E 230 -24.36 -37.89 37.81
N GLY E 231 -25.50 -37.79 38.47
CA GLY E 231 -25.53 -37.86 39.92
C GLY E 231 -25.23 -36.55 40.61
N LEU E 232 -24.45 -35.69 39.95
CA LEU E 232 -24.07 -34.41 40.54
C LEU E 232 -25.28 -33.61 40.98
N GLU E 233 -26.42 -33.82 40.32
CA GLU E 233 -27.69 -33.23 40.75
C GLU E 233 -27.99 -33.52 42.21
N SER E 234 -27.37 -34.54 42.79
CA SER E 234 -27.50 -34.80 44.23
C SER E 234 -26.77 -33.77 45.08
N ILE E 235 -25.77 -33.08 44.53
CA ILE E 235 -24.78 -32.40 45.36
C ILE E 235 -25.41 -31.16 45.98
N GLN E 236 -25.41 -31.12 47.31
CA GLN E 236 -25.74 -29.90 48.04
C GLN E 236 -24.60 -28.88 48.05
N ARG E 237 -23.36 -29.33 48.20
CA ARG E 237 -22.24 -28.40 48.04
C ARG E 237 -21.03 -29.09 47.44
N LEU E 238 -20.40 -28.40 46.50
CA LEU E 238 -19.07 -28.73 45.99
C LEU E 238 -17.98 -28.07 46.81
N ILE E 239 -16.81 -28.66 46.77
CA ILE E 239 -15.56 -27.94 47.00
C ILE E 239 -14.58 -28.38 45.92
N ALA E 240 -13.87 -27.42 45.35
CA ALA E 240 -12.89 -27.70 44.31
C ALA E 240 -11.83 -26.61 44.31
N THR E 241 -11.14 -26.43 45.43
CA THR E 241 -10.03 -25.50 45.46
C THR E 241 -8.80 -26.11 44.82
N SER E 242 -7.90 -25.24 44.37
CA SER E 242 -6.86 -25.59 43.39
C SER E 242 -7.54 -26.34 42.24
N SER E 243 -7.09 -27.55 41.89
CA SER E 243 -7.78 -28.38 40.91
C SER E 243 -7.85 -27.69 39.55
N TYR E 244 -6.74 -27.03 39.17
CA TYR E 244 -6.71 -26.22 37.96
C TYR E 244 -7.11 -27.00 36.72
N SER E 245 -6.98 -28.32 36.74
CA SER E 245 -7.45 -29.14 35.62
C SER E 245 -8.96 -29.08 35.44
N LEU E 246 -9.71 -28.65 36.44
CA LEU E 246 -11.17 -28.67 36.34
C LEU E 246 -11.68 -27.47 35.57
N LYS E 247 -11.14 -27.25 34.38
CA LYS E 247 -11.37 -26.02 33.63
C LYS E 247 -12.81 -25.85 33.19
N LYS E 248 -13.65 -26.86 33.32
CA LYS E 248 -15.01 -26.81 32.77
C LYS E 248 -15.91 -27.58 33.72
N LEU E 249 -16.71 -26.84 34.50
CA LEU E 249 -17.80 -27.45 35.25
C LEU E 249 -18.93 -27.92 34.34
N PRO E 250 -19.70 -28.91 34.78
CA PRO E 250 -20.89 -29.30 34.03
C PRO E 250 -21.99 -28.25 34.11
N SER E 251 -23.01 -28.45 33.29
CA SER E 251 -24.02 -27.43 33.05
C SER E 251 -24.69 -26.99 34.35
N ARG E 252 -24.90 -25.68 34.46
CA ARG E 252 -25.40 -25.08 35.70
C ARG E 252 -26.68 -25.74 36.16
N GLU E 253 -27.59 -26.06 35.23
CA GLU E 253 -28.83 -26.70 35.61
C GLU E 253 -28.64 -28.11 36.14
N THR E 254 -27.46 -28.71 35.95
CA THR E 254 -27.17 -29.96 36.63
C THR E 254 -27.15 -29.76 38.14
N PHE E 255 -26.59 -28.64 38.59
CA PHE E 255 -26.39 -28.37 40.01
C PHE E 255 -27.67 -27.88 40.69
N VAL E 256 -28.79 -28.54 40.39
CA VAL E 256 -30.08 -28.09 40.93
C VAL E 256 -30.08 -28.09 42.45
N ASN E 257 -29.43 -29.07 43.07
CA ASN E 257 -29.34 -29.11 44.53
C ASN E 257 -28.34 -28.14 45.14
N LEU E 258 -27.50 -27.50 44.34
CA LEU E 258 -26.27 -26.93 44.88
C LEU E 258 -26.57 -25.74 45.78
N LEU E 259 -25.97 -25.77 46.97
CA LEU E 259 -26.10 -24.71 47.95
C LEU E 259 -24.81 -23.93 48.15
N GLU E 260 -23.66 -24.54 47.89
CA GLU E 260 -22.38 -23.86 47.99
C GLU E 260 -21.42 -24.51 47.01
N ALA E 261 -20.44 -23.73 46.57
CA ALA E 261 -19.24 -24.25 45.93
C ALA E 261 -18.04 -23.45 46.40
N THR E 262 -16.85 -23.97 46.11
CA THR E 262 -15.62 -23.21 46.30
C THR E 262 -14.63 -23.67 45.24
N LEU E 263 -14.31 -22.76 44.32
CA LEU E 263 -13.88 -23.12 42.98
C LEU E 263 -12.71 -22.23 42.59
N THR E 264 -11.52 -22.81 42.40
CA THR E 264 -10.36 -22.00 42.05
C THR E 264 -10.35 -21.72 40.54
N TYR E 265 -11.38 -21.02 40.11
CA TYR E 265 -11.44 -20.33 38.82
C TYR E 265 -12.61 -19.35 38.89
N PRO E 266 -12.39 -18.14 39.36
CA PRO E 266 -13.51 -17.34 39.88
C PRO E 266 -14.70 -17.23 38.94
N ILE E 267 -14.45 -17.12 37.64
CA ILE E 267 -15.54 -16.96 36.67
C ILE E 267 -16.62 -18.03 36.80
N HIS E 268 -16.27 -19.23 37.25
CA HIS E 268 -17.29 -20.27 37.37
C HIS E 268 -18.43 -19.87 38.30
N CYS E 269 -18.17 -19.01 39.29
CA CYS E 269 -19.26 -18.58 40.16
C CYS E 269 -20.41 -17.95 39.39
N CYS E 270 -20.16 -17.42 38.20
CA CYS E 270 -21.24 -16.86 37.40
C CYS E 270 -22.06 -17.88 36.64
N ALA E 271 -21.72 -19.17 36.71
CA ALA E 271 -22.76 -20.17 36.51
C ALA E 271 -23.80 -20.03 37.60
N PHE E 272 -23.36 -20.00 38.85
CA PHE E 272 -24.23 -19.98 40.02
C PHE E 272 -24.79 -18.59 40.31
N ARG E 273 -24.30 -17.56 39.62
CA ARG E 273 -25.00 -16.28 39.56
C ARG E 273 -26.36 -16.42 38.89
N ASN E 274 -26.54 -17.43 38.04
CA ASN E 274 -27.87 -17.79 37.57
C ASN E 274 -28.62 -18.55 38.65
N LEU E 275 -29.85 -18.14 38.90
CA LEU E 275 -30.62 -18.58 40.05
C LEU E 275 -31.93 -19.23 39.59
N PRO E 276 -32.49 -20.16 40.38
CA PRO E 276 -33.78 -20.75 40.03
C PRO E 276 -34.91 -19.72 39.94
N GLY E 318 -22.28 -23.80 65.38
CA GLY E 318 -22.55 -23.02 64.19
C GLY E 318 -24.03 -22.88 63.89
N TRP E 319 -24.36 -22.03 62.94
CA TRP E 319 -25.75 -21.82 62.55
C TRP E 319 -26.28 -23.06 61.84
N ASP E 320 -27.57 -23.05 61.52
CA ASP E 320 -28.18 -24.11 60.74
C ASP E 320 -29.26 -23.51 59.87
N TYR E 321 -29.57 -24.19 58.77
CA TYR E 321 -30.65 -23.83 57.87
C TYR E 321 -31.74 -24.89 57.95
N GLU E 322 -32.94 -24.49 58.38
CA GLU E 322 -34.01 -25.44 58.63
C GLU E 322 -34.64 -25.95 57.34
N TYR E 323 -34.46 -25.23 56.23
CA TYR E 323 -35.08 -25.66 54.97
C TYR E 323 -34.40 -26.88 54.36
N GLY E 324 -33.15 -27.14 54.72
CA GLY E 324 -32.39 -28.14 54.00
C GLY E 324 -32.26 -27.77 52.54
N PHE E 325 -32.75 -28.64 51.67
CA PHE E 325 -32.83 -28.36 50.23
C PHE E 325 -33.89 -27.33 49.88
N CYS E 326 -34.75 -26.96 50.83
CA CYS E 326 -35.88 -26.08 50.56
C CYS E 326 -35.49 -24.61 50.40
N LEU E 327 -34.20 -24.27 50.37
CA LEU E 327 -33.76 -22.89 50.19
C LEU E 327 -32.64 -22.78 49.16
N PRO E 328 -32.82 -23.30 47.94
CA PRO E 328 -31.77 -23.19 46.93
C PRO E 328 -31.61 -21.79 46.34
N LYS E 329 -32.41 -20.81 46.80
CA LYS E 329 -32.50 -19.52 46.15
C LYS E 329 -31.21 -18.72 46.19
N THR E 330 -30.24 -19.10 47.01
CA THR E 330 -28.95 -18.39 47.08
C THR E 330 -27.80 -19.37 47.13
N PRO E 331 -27.45 -19.98 45.99
CA PRO E 331 -26.27 -20.84 45.96
C PRO E 331 -25.00 -20.04 46.17
N ARG E 332 -24.41 -20.16 47.36
CA ARG E 332 -23.18 -19.44 47.66
C ARG E 332 -22.05 -19.92 46.76
N CYS E 333 -21.13 -19.01 46.44
CA CYS E 333 -19.94 -19.36 45.68
C CYS E 333 -18.78 -18.48 46.15
N ALA E 334 -17.57 -18.96 45.93
CA ALA E 334 -16.37 -18.19 46.20
C ALA E 334 -15.23 -18.78 45.38
N PRO E 335 -14.16 -18.01 45.14
CA PRO E 335 -14.08 -16.56 45.23
C PRO E 335 -14.85 -15.86 44.11
N GLU E 336 -15.19 -14.59 44.30
CA GLU E 336 -15.86 -13.83 43.26
C GLU E 336 -14.86 -13.30 42.22
N PRO E 337 -15.29 -13.11 40.98
CA PRO E 337 -14.37 -12.59 39.95
C PRO E 337 -13.86 -11.20 40.30
N ASP E 338 -12.59 -10.96 39.98
CA ASP E 338 -12.02 -9.63 40.07
C ASP E 338 -12.54 -8.72 38.95
N ALA E 339 -12.26 -7.42 39.11
CA ALA E 339 -12.69 -6.42 38.16
C ALA E 339 -12.16 -6.64 36.75
N PHE E 340 -11.13 -7.48 36.57
CA PHE E 340 -10.71 -7.85 35.22
C PHE E 340 -11.58 -8.93 34.58
N ASN E 341 -12.45 -9.59 35.33
CA ASN E 341 -13.30 -10.63 34.76
C ASN E 341 -14.77 -10.50 35.10
N PRO E 342 -15.33 -9.29 35.29
CA PRO E 342 -16.78 -9.19 35.45
C PRO E 342 -17.50 -9.99 34.38
N CYS E 343 -18.33 -10.90 34.84
CA CYS E 343 -18.77 -12.01 34.03
C CYS E 343 -19.93 -11.63 33.12
N GLU E 344 -19.94 -12.25 31.95
CA GLU E 344 -20.61 -11.74 30.77
C GLU E 344 -20.56 -12.84 29.73
N ASP E 345 -21.38 -12.69 28.70
CA ASP E 345 -20.99 -13.27 27.42
C ASP E 345 -19.97 -12.33 26.79
N ILE E 346 -19.04 -12.90 26.04
CA ILE E 346 -17.83 -12.16 25.70
C ILE E 346 -18.18 -10.85 24.98
N MET E 347 -19.19 -10.88 24.12
CA MET E 347 -19.92 -9.66 23.76
C MET E 347 -21.04 -9.44 24.76
N GLY E 348 -20.95 -8.36 25.53
CA GLY E 348 -21.83 -8.18 26.66
C GLY E 348 -23.29 -8.01 26.30
N TYR E 349 -23.60 -7.82 25.01
CA TYR E 349 -24.95 -7.48 24.58
C TYR E 349 -25.12 -7.98 23.16
N ASP E 350 -26.37 -8.31 22.81
CA ASP E 350 -26.62 -8.76 21.45
C ASP E 350 -26.37 -7.69 20.39
N PHE E 351 -26.60 -6.41 20.72
CA PHE E 351 -26.34 -5.37 19.73
C PHE E 351 -24.86 -5.31 19.38
N LEU E 352 -23.98 -5.45 20.36
CA LEU E 352 -22.56 -5.58 20.03
C LEU E 352 -22.29 -6.87 19.29
N ARG E 353 -22.97 -7.95 19.67
CA ARG E 353 -22.79 -9.23 18.99
C ARG E 353 -23.19 -9.11 17.51
N VAL E 354 -24.27 -8.40 17.24
CA VAL E 354 -24.63 -8.09 15.85
C VAL E 354 -23.62 -7.13 15.25
N LEU E 355 -23.36 -6.02 15.95
CA LEU E 355 -22.56 -4.94 15.37
C LEU E 355 -21.16 -5.40 15.02
N ILE E 356 -20.56 -6.25 15.86
CA ILE E 356 -19.23 -6.77 15.54
C ILE E 356 -19.26 -7.67 14.31
N TRP E 357 -20.35 -8.37 14.05
CA TRP E 357 -20.45 -9.08 12.79
C TRP E 357 -20.50 -8.13 11.60
N LEU E 358 -21.25 -7.03 11.72
CA LEU E 358 -21.24 -6.02 10.67
C LEU E 358 -19.83 -5.48 10.45
N ILE E 359 -19.16 -5.09 11.53
CA ILE E 359 -17.82 -4.50 11.44
C ILE E 359 -16.79 -5.51 10.97
N ASN E 360 -16.96 -6.79 11.31
CA ASN E 360 -16.09 -7.81 10.74
C ASN E 360 -16.17 -7.82 9.22
N ILE E 361 -17.38 -7.91 8.67
CA ILE E 361 -17.53 -7.93 7.22
C ILE E 361 -16.94 -6.66 6.60
N LEU E 362 -17.29 -5.51 7.17
CA LEU E 362 -16.75 -4.24 6.66
C LEU E 362 -15.23 -4.22 6.69
N ALA E 363 -14.64 -4.42 7.86
CA ALA E 363 -13.19 -4.30 7.98
C ALA E 363 -12.46 -5.43 7.25
N ILE E 364 -13.10 -6.57 7.06
CA ILE E 364 -12.51 -7.63 6.26
C ILE E 364 -12.59 -7.29 4.77
N MET E 365 -13.80 -7.11 4.25
CA MET E 365 -13.94 -6.85 2.82
C MET E 365 -13.20 -5.58 2.43
N GLY E 366 -13.35 -4.52 3.22
CA GLY E 366 -12.66 -3.27 2.96
C GLY E 366 -11.16 -3.40 2.79
N ASN E 367 -10.48 -3.83 3.84
CA ASN E 367 -9.02 -3.92 3.80
C ASN E 367 -8.52 -5.02 2.87
N MET E 368 -9.27 -6.11 2.74
CA MET E 368 -8.83 -7.17 1.85
C MET E 368 -8.84 -6.74 0.39
N THR E 369 -9.94 -6.12 -0.06
CA THR E 369 -10.00 -5.62 -1.43
C THR E 369 -8.93 -4.58 -1.69
N VAL E 370 -8.69 -3.68 -0.74
CA VAL E 370 -7.63 -2.68 -0.92
C VAL E 370 -6.29 -3.36 -1.12
N LEU E 371 -5.99 -4.40 -0.35
CA LEU E 371 -4.76 -5.14 -0.57
C LEU E 371 -4.79 -5.85 -1.91
N PHE E 372 -5.88 -6.55 -2.20
CA PHE E 372 -5.99 -7.30 -3.44
C PHE E 372 -5.77 -6.38 -4.65
N VAL E 373 -6.49 -5.26 -4.70
CA VAL E 373 -6.32 -4.30 -5.79
C VAL E 373 -4.89 -3.78 -5.83
N LEU E 374 -4.44 -3.18 -4.73
CA LEU E 374 -3.16 -2.48 -4.72
C LEU E 374 -1.97 -3.40 -4.92
N LEU E 375 -2.11 -4.68 -4.61
CA LEU E 375 -1.02 -5.62 -4.88
C LEU E 375 -1.02 -6.08 -6.33
N THR E 376 -2.19 -6.35 -6.90
CA THR E 376 -2.29 -6.98 -8.21
C THR E 376 -2.27 -6.01 -9.37
N SER E 377 -2.65 -4.75 -9.17
CA SER E 377 -2.72 -3.81 -10.28
C SER E 377 -1.38 -3.64 -10.98
N ARG E 378 -1.46 -3.35 -12.28
CA ARG E 378 -0.29 -3.37 -13.16
C ARG E 378 0.77 -2.35 -12.77
N TYR E 379 0.35 -1.19 -12.26
CA TYR E 379 1.28 -0.09 -12.05
C TYR E 379 2.28 -0.41 -10.94
N LYS E 380 3.44 0.23 -11.03
CA LYS E 380 4.46 0.09 -10.01
C LYS E 380 4.04 0.78 -8.71
N LEU E 381 4.61 0.29 -7.60
CA LEU E 381 4.32 0.77 -6.26
C LEU E 381 4.99 2.12 -6.02
N THR E 382 4.22 3.20 -6.11
CA THR E 382 4.63 4.44 -5.48
C THR E 382 4.62 4.30 -3.96
N VAL E 383 5.50 5.06 -3.30
CA VAL E 383 5.58 5.01 -1.84
C VAL E 383 4.20 5.09 -1.18
N PRO E 384 3.34 6.04 -1.51
CA PRO E 384 2.03 6.08 -0.84
C PRO E 384 1.18 4.88 -1.13
N ARG E 385 1.33 4.25 -2.30
CA ARG E 385 0.64 3.00 -2.55
C ARG E 385 1.21 1.87 -1.70
N PHE E 386 2.53 1.79 -1.60
CA PHE E 386 3.16 0.77 -0.75
C PHE E 386 2.76 0.93 0.71
N LEU E 387 2.84 2.15 1.25
CA LEU E 387 2.41 2.37 2.62
C LEU E 387 0.93 2.08 2.79
N MET E 388 0.11 2.46 1.82
CA MET E 388 -1.31 2.14 1.91
C MET E 388 -1.57 0.64 1.98
N CYS E 389 -0.75 -0.18 1.32
CA CYS E 389 -0.87 -1.62 1.50
C CYS E 389 -0.64 -2.03 2.95
N ASN E 390 0.45 -1.56 3.55
CA ASN E 390 0.72 -1.90 4.94
C ASN E 390 -0.40 -1.45 5.86
N LEU E 391 -0.98 -0.28 5.61
CA LEU E 391 -2.10 0.18 6.42
C LEU E 391 -3.27 -0.78 6.35
N SER E 392 -3.69 -1.15 5.14
CA SER E 392 -4.75 -2.13 5.01
C SER E 392 -4.35 -3.53 5.45
N PHE E 393 -3.07 -3.86 5.51
CA PHE E 393 -2.70 -5.12 6.15
C PHE E 393 -2.92 -5.09 7.65
N ALA E 394 -2.42 -4.05 8.31
CA ALA E 394 -2.69 -3.89 9.74
C ALA E 394 -4.18 -3.88 10.02
N ASP E 395 -4.93 -3.10 9.25
CA ASP E 395 -6.36 -3.01 9.46
C ASP E 395 -7.09 -4.27 9.04
N PHE E 396 -6.47 -5.12 8.23
CA PHE E 396 -7.01 -6.46 8.02
C PHE E 396 -6.77 -7.37 9.22
N CYS E 397 -5.59 -7.29 9.84
CA CYS E 397 -5.40 -8.01 11.09
C CYS E 397 -6.44 -7.61 12.14
N MET E 398 -6.81 -6.33 12.17
CA MET E 398 -7.90 -5.92 13.05
C MET E 398 -9.19 -6.66 12.72
N GLY E 399 -9.46 -6.85 11.43
CA GLY E 399 -10.61 -7.66 11.05
C GLY E 399 -10.49 -9.10 11.52
N LEU E 400 -9.30 -9.69 11.39
CA LEU E 400 -9.10 -11.04 11.89
C LEU E 400 -9.34 -11.11 13.39
N TYR E 401 -8.82 -10.14 14.15
CA TYR E 401 -9.05 -10.13 15.58
C TYR E 401 -10.53 -10.08 15.91
N LEU E 402 -11.25 -9.11 15.37
CA LEU E 402 -12.67 -9.01 15.65
C LEU E 402 -13.46 -10.17 15.05
N LEU E 403 -12.91 -10.85 14.04
CA LEU E 403 -13.50 -12.10 13.61
C LEU E 403 -13.38 -13.18 14.69
N LEU E 404 -12.20 -13.32 15.28
CA LEU E 404 -12.03 -14.26 16.38
C LEU E 404 -13.00 -13.96 17.51
N ILE E 405 -13.04 -12.72 17.96
CA ILE E 405 -13.92 -12.36 19.08
C ILE E 405 -15.36 -12.70 18.74
N ALA E 406 -15.80 -12.32 17.53
CA ALA E 406 -17.17 -12.69 17.15
C ALA E 406 -17.31 -14.18 16.93
N SER E 407 -16.24 -14.86 16.51
CA SER E 407 -16.27 -16.31 16.42
C SER E 407 -16.37 -16.96 17.79
N VAL E 408 -15.45 -16.58 18.69
CA VAL E 408 -15.48 -17.08 20.07
C VAL E 408 -16.82 -16.77 20.72
N ASP E 409 -17.32 -15.55 20.53
CA ASP E 409 -18.65 -15.23 21.04
C ASP E 409 -19.69 -16.18 20.47
N SER E 410 -19.75 -16.31 19.14
CA SER E 410 -20.75 -17.19 18.54
C SER E 410 -20.59 -18.62 19.02
N GLN E 411 -19.36 -19.11 19.11
CA GLN E 411 -19.12 -20.46 19.61
C GLN E 411 -19.62 -20.62 21.05
N THR E 412 -19.46 -19.59 21.87
CA THR E 412 -19.69 -19.70 23.31
C THR E 412 -20.94 -18.96 23.77
N LYS E 413 -21.82 -18.59 22.86
CA LYS E 413 -22.99 -17.78 23.18
C LYS E 413 -23.69 -18.30 24.43
N GLY E 414 -23.84 -17.41 25.42
CA GLY E 414 -24.50 -17.73 26.68
C GLY E 414 -23.75 -18.65 27.63
N GLN E 415 -22.51 -19.06 27.30
CA GLN E 415 -21.94 -20.23 27.96
C GLN E 415 -20.44 -20.04 28.18
N TYR E 416 -20.00 -18.79 28.33
CA TYR E 416 -18.57 -18.47 28.33
C TYR E 416 -17.84 -19.21 29.45
N TYR E 417 -18.41 -19.16 30.66
CA TYR E 417 -17.72 -19.71 31.83
C TYR E 417 -17.24 -21.13 31.62
N ASN E 418 -18.04 -21.98 30.97
CA ASN E 418 -17.57 -23.33 30.68
C ASN E 418 -16.31 -23.34 29.84
N HIS E 419 -16.19 -22.39 28.92
CA HIS E 419 -15.05 -22.31 28.02
C HIS E 419 -13.97 -21.36 28.51
N ALA E 420 -14.32 -20.47 29.43
CA ALA E 420 -13.62 -19.20 29.58
C ALA E 420 -12.13 -19.40 29.82
N ILE E 421 -11.78 -20.16 30.87
CA ILE E 421 -10.38 -20.32 31.22
C ILE E 421 -9.62 -21.05 30.12
N ASP E 422 -10.25 -22.02 29.47
CA ASP E 422 -9.55 -22.72 28.39
C ASP E 422 -9.20 -21.75 27.26
N TRP E 423 -10.18 -20.98 26.80
CA TRP E 423 -9.93 -19.90 25.86
C TRP E 423 -8.92 -18.91 26.44
N GLN E 424 -9.31 -18.25 27.52
CA GLN E 424 -8.62 -17.05 27.96
C GLN E 424 -7.19 -17.35 28.42
N THR E 425 -6.91 -18.56 28.85
CA THR E 425 -5.55 -18.94 29.22
C THR E 425 -4.79 -19.64 28.10
N GLY E 426 -5.49 -20.20 27.12
CA GLY E 426 -4.81 -20.89 26.05
C GLY E 426 -4.05 -19.94 25.14
N SER E 427 -3.21 -20.51 24.29
CA SER E 427 -2.53 -19.72 23.27
C SER E 427 -3.51 -19.08 22.29
N GLY E 428 -4.73 -19.60 22.21
CA GLY E 428 -5.78 -18.98 21.43
C GLY E 428 -6.02 -17.52 21.78
N CYS E 429 -6.41 -17.27 23.03
CA CYS E 429 -6.59 -15.90 23.48
C CYS E 429 -5.29 -15.12 23.44
N SER E 430 -4.16 -15.77 23.70
CA SER E 430 -2.88 -15.08 23.56
C SER E 430 -2.62 -14.66 22.12
N THR E 431 -3.09 -15.44 21.15
CA THR E 431 -2.97 -15.05 19.75
C THR E 431 -3.82 -13.85 19.40
N ALA E 432 -5.12 -13.87 19.74
CA ALA E 432 -5.96 -12.71 19.54
C ALA E 432 -5.38 -11.47 20.22
N GLY E 433 -4.81 -11.65 21.40
CA GLY E 433 -4.12 -10.55 22.06
C GLY E 433 -3.00 -9.97 21.21
N PHE E 434 -2.16 -10.84 20.67
CA PHE E 434 -1.08 -10.41 19.80
C PHE E 434 -1.56 -9.58 18.61
N PHE E 435 -2.63 -10.01 17.94
CA PHE E 435 -3.20 -9.18 16.87
C PHE E 435 -3.64 -7.82 17.36
N THR E 436 -4.31 -7.74 18.51
CA THR E 436 -4.78 -6.44 18.97
C THR E 436 -3.65 -5.45 19.11
N VAL E 437 -2.52 -5.86 19.65
CA VAL E 437 -1.40 -4.94 19.80
C VAL E 437 -0.70 -4.74 18.46
N PHE E 438 -0.42 -5.84 17.76
CA PHE E 438 0.27 -5.74 16.48
C PHE E 438 -0.54 -4.94 15.48
N ALA E 439 -1.82 -5.30 15.32
CA ALA E 439 -2.69 -4.54 14.42
C ALA E 439 -2.78 -3.09 14.83
N SER E 440 -2.95 -2.82 16.11
CA SER E 440 -2.98 -1.42 16.57
C SER E 440 -1.68 -0.71 16.20
N GLU E 441 -0.54 -1.28 16.56
CA GLU E 441 0.71 -0.54 16.43
C GLU E 441 1.13 -0.44 14.97
N LEU E 442 0.94 -1.50 14.18
CA LEU E 442 1.25 -1.37 12.76
C LEU E 442 0.33 -0.35 12.10
N SER E 443 -0.94 -0.35 12.48
CA SER E 443 -1.88 0.60 11.90
C SER E 443 -1.50 2.03 12.29
N VAL E 444 -1.42 2.30 13.59
CA VAL E 444 -1.13 3.65 14.04
C VAL E 444 0.27 4.09 13.61
N TYR E 445 1.24 3.19 13.63
CA TYR E 445 2.55 3.53 13.08
C TYR E 445 2.47 3.90 11.60
N THR E 446 1.79 3.07 10.81
CA THR E 446 1.61 3.37 9.40
C THR E 446 0.96 4.73 9.17
N LEU E 447 -0.08 5.06 9.96
CA LEU E 447 -0.70 6.37 9.82
C LEU E 447 0.28 7.51 10.11
N THR E 448 1.19 7.35 11.06
CA THR E 448 2.22 8.37 11.21
C THR E 448 3.19 8.37 10.04
N VAL E 449 3.56 7.20 9.52
CA VAL E 449 4.50 7.17 8.41
C VAL E 449 3.88 7.76 7.16
N ILE E 450 2.65 7.35 6.83
CA ILE E 450 1.94 7.98 5.73
C ILE E 450 1.85 9.48 5.95
N THR E 451 1.45 9.89 7.14
CA THR E 451 1.20 11.31 7.36
C THR E 451 2.48 12.11 7.59
N LEU E 452 3.57 11.46 7.98
CA LEU E 452 4.87 12.12 7.88
C LEU E 452 5.33 12.21 6.44
N GLU E 453 5.11 11.16 5.65
CA GLU E 453 5.40 11.23 4.23
C GLU E 453 4.62 12.34 3.55
N ARG E 454 3.29 12.38 3.75
CA ARG E 454 2.49 13.43 3.14
C ARG E 454 2.99 14.81 3.52
N TRP E 455 3.33 15.02 4.79
CA TRP E 455 3.92 16.30 5.16
C TRP E 455 5.28 16.49 4.51
N HIS E 456 6.08 15.43 4.44
CA HIS E 456 7.42 15.55 3.89
C HIS E 456 7.38 15.91 2.40
N THR E 457 6.66 15.14 1.61
CA THR E 457 6.62 15.39 0.17
C THR E 457 5.85 16.65 -0.19
N ILE E 458 5.05 17.20 0.71
CA ILE E 458 4.51 18.53 0.47
C ILE E 458 5.36 19.63 1.08
N THR E 459 6.14 19.34 2.12
CA THR E 459 7.05 20.36 2.64
C THR E 459 8.28 20.49 1.77
N TYR E 460 8.98 19.40 1.53
CA TYR E 460 10.13 19.37 0.64
C TYR E 460 9.71 18.97 -0.78
N ALA E 461 8.62 19.59 -1.24
CA ALA E 461 8.07 19.26 -2.54
C ALA E 461 8.99 19.70 -3.66
N ILE E 462 9.42 20.96 -3.64
CA ILE E 462 10.12 21.51 -4.79
C ILE E 462 11.54 20.97 -4.89
N HIS E 463 12.19 20.66 -3.76
CA HIS E 463 13.48 19.98 -3.79
C HIS E 463 13.27 18.50 -4.14
N LEU E 464 12.89 18.29 -5.40
CA LEU E 464 12.26 17.04 -5.79
C LEU E 464 13.18 15.84 -5.67
N ASP E 465 14.48 16.06 -5.43
CA ASP E 465 15.37 14.96 -5.06
C ASP E 465 15.22 14.51 -3.62
N GLN E 466 14.64 15.35 -2.77
CA GLN E 466 14.40 14.99 -1.38
C GLN E 466 13.24 14.03 -1.20
N LYS E 467 12.42 13.83 -2.23
CA LYS E 467 11.25 12.95 -2.11
C LYS E 467 11.65 11.58 -1.60
N LEU E 468 10.85 11.04 -0.68
CA LEU E 468 11.10 9.76 -0.03
C LEU E 468 11.10 8.62 -1.03
N ARG E 469 12.25 8.00 -1.25
CA ARG E 469 12.35 6.88 -2.17
C ARG E 469 11.96 5.58 -1.49
N LEU E 470 11.51 4.62 -2.32
CA LEU E 470 10.87 3.40 -1.83
C LEU E 470 11.78 2.57 -0.95
N ARG E 471 13.09 2.58 -1.19
CA ARG E 471 14.01 1.87 -0.30
C ARG E 471 13.91 2.37 1.14
N HIS E 472 13.95 3.68 1.34
CA HIS E 472 13.77 4.22 2.68
C HIS E 472 12.39 3.90 3.25
N ALA E 473 11.36 3.88 2.40
CA ALA E 473 10.04 3.49 2.88
C ALA E 473 9.99 2.03 3.33
N ILE E 474 10.62 1.14 2.57
CA ILE E 474 10.67 -0.26 3.01
C ILE E 474 11.52 -0.39 4.27
N LEU E 475 12.62 0.35 4.35
CA LEU E 475 13.39 0.38 5.60
C LEU E 475 12.51 0.81 6.77
N ILE E 476 11.84 1.97 6.65
CA ILE E 476 11.05 2.48 7.75
C ILE E 476 9.86 1.58 8.03
N MET E 477 9.16 1.14 6.99
CA MET E 477 8.03 0.25 7.18
C MET E 477 8.44 -1.07 7.80
N LEU E 478 9.59 -1.61 7.40
CA LEU E 478 10.09 -2.80 8.11
C LEU E 478 10.37 -2.50 9.57
N GLY E 479 10.96 -1.35 9.87
CA GLY E 479 11.05 -0.90 11.25
C GLY E 479 9.70 -0.91 11.95
N GLY E 480 8.65 -0.47 11.26
CA GLY E 480 7.31 -0.58 11.80
C GLY E 480 6.88 -2.00 12.11
N TRP E 481 7.15 -2.93 11.19
CA TRP E 481 6.83 -4.32 11.47
C TRP E 481 7.64 -4.86 12.65
N LEU E 482 8.93 -4.56 12.71
CA LEU E 482 9.74 -5.04 13.82
C LEU E 482 9.31 -4.42 15.15
N PHE E 483 9.15 -3.10 15.17
CA PHE E 483 8.60 -2.43 16.34
C PHE E 483 7.25 -3.00 16.75
N SER E 484 6.31 -3.10 15.81
CA SER E 484 4.95 -3.50 16.16
C SER E 484 4.89 -4.97 16.58
N SER E 485 5.69 -5.82 15.96
CA SER E 485 5.75 -7.22 16.38
C SER E 485 6.45 -7.36 17.73
N LEU E 486 7.53 -6.63 17.95
CA LEU E 486 8.19 -6.63 19.25
C LEU E 486 7.25 -6.21 20.36
N ILE E 487 6.55 -5.08 20.20
CA ILE E 487 5.65 -4.62 21.25
C ILE E 487 4.50 -5.58 21.47
N ALA E 488 4.04 -6.25 20.43
CA ALA E 488 3.07 -7.32 20.60
C ALA E 488 3.68 -8.59 21.18
N MET E 489 5.00 -8.77 21.09
CA MET E 489 5.61 -9.97 21.65
C MET E 489 5.90 -9.87 23.15
N LEU E 490 6.18 -8.67 23.66
CA LEU E 490 6.45 -8.54 25.10
C LEU E 490 5.35 -9.08 25.99
N PRO E 491 4.07 -8.98 25.65
CA PRO E 491 3.05 -9.73 26.40
C PRO E 491 3.30 -11.23 26.42
N LEU E 492 3.76 -11.80 25.32
CA LEU E 492 4.07 -13.23 25.28
C LEU E 492 5.27 -13.56 26.15
N VAL E 493 6.25 -12.67 26.24
CA VAL E 493 7.35 -12.80 27.19
C VAL E 493 6.87 -12.44 28.59
N GLY E 494 5.56 -12.34 28.77
CA GLY E 494 4.98 -12.21 30.09
C GLY E 494 5.04 -10.84 30.72
N VAL E 495 5.45 -9.81 29.97
CA VAL E 495 5.47 -8.47 30.52
C VAL E 495 4.05 -7.96 30.74
N SER E 496 3.07 -8.59 30.11
CA SER E 496 1.67 -8.40 30.48
C SER E 496 0.86 -9.54 29.87
N ASN E 497 0.11 -10.23 30.72
CA ASN E 497 -0.60 -11.43 30.30
C ASN E 497 -1.80 -11.05 29.44
N TYR E 498 -1.81 -11.51 28.19
CA TYR E 498 -3.03 -11.42 27.40
C TYR E 498 -4.19 -12.15 28.06
N MET E 499 -3.90 -13.12 28.93
CA MET E 499 -4.95 -13.92 29.57
C MET E 499 -5.78 -13.13 30.56
N LYS E 500 -5.43 -11.88 30.86
CA LYS E 500 -6.00 -11.22 32.02
C LYS E 500 -7.45 -10.81 31.81
N VAL E 501 -7.95 -10.78 30.56
CA VAL E 501 -9.30 -10.30 30.29
C VAL E 501 -9.91 -11.11 29.15
N SER E 502 -11.24 -11.13 29.12
CA SER E 502 -11.96 -11.98 28.18
C SER E 502 -11.61 -11.66 26.72
N ILE E 503 -11.59 -10.37 26.37
CA ILE E 503 -11.25 -9.95 25.01
C ILE E 503 -9.75 -9.95 24.75
N CYS E 504 -8.97 -10.52 25.67
CA CYS E 504 -7.56 -10.80 25.41
C CYS E 504 -6.74 -9.54 25.18
N PHE E 505 -7.25 -8.37 25.52
CA PHE E 505 -6.39 -7.21 25.61
C PHE E 505 -5.32 -7.44 26.69
N PRO E 506 -4.21 -6.72 26.61
CA PRO E 506 -3.16 -6.78 27.63
C PRO E 506 -3.52 -6.02 28.91
N MET E 507 -4.73 -6.25 29.42
CA MET E 507 -5.22 -5.56 30.61
C MET E 507 -4.63 -6.16 31.89
N ASP E 508 -3.31 -6.09 31.99
CA ASP E 508 -2.61 -6.46 33.21
C ASP E 508 -1.52 -5.43 33.48
N VAL E 509 -1.49 -4.90 34.70
CA VAL E 509 -0.47 -3.95 35.11
C VAL E 509 -0.05 -4.25 36.53
N GLU E 510 0.11 -5.53 36.86
CA GLU E 510 0.54 -5.91 38.20
C GLU E 510 1.86 -5.25 38.55
N THR E 511 2.87 -5.41 37.72
CA THR E 511 4.17 -4.81 37.97
C THR E 511 4.24 -3.39 37.43
N THR E 512 5.17 -2.61 37.99
CA THR E 512 5.44 -1.29 37.46
C THR E 512 5.96 -1.35 36.02
N LEU E 513 6.75 -2.38 35.72
CA LEU E 513 7.17 -2.59 34.34
C LEU E 513 5.96 -2.80 33.43
N SER E 514 5.04 -3.66 33.85
CA SER E 514 3.83 -3.87 33.06
C SER E 514 3.04 -2.58 32.88
N GLN E 515 2.91 -1.79 33.95
CA GLN E 515 2.25 -0.49 33.84
C GLN E 515 2.98 0.43 32.87
N VAL E 516 4.31 0.53 33.00
CA VAL E 516 5.07 1.38 32.08
C VAL E 516 4.96 0.87 30.65
N TYR E 517 4.94 -0.44 30.47
CA TYR E 517 4.72 -0.99 29.14
C TYR E 517 3.38 -0.57 28.56
N ILE E 518 2.30 -0.76 29.30
CA ILE E 518 0.98 -0.37 28.80
C ILE E 518 0.89 1.14 28.63
N LEU E 519 1.47 1.90 29.56
CA LEU E 519 1.56 3.34 29.38
C LEU E 519 2.35 3.72 28.13
N THR E 520 3.39 2.94 27.80
CA THR E 520 4.18 3.26 26.62
C THR E 520 3.35 3.18 25.34
N ILE E 521 2.71 2.04 25.09
CA ILE E 521 1.98 1.89 23.83
C ILE E 521 0.86 2.91 23.74
N LEU E 522 0.17 3.18 24.86
CA LEU E 522 -0.93 4.13 24.83
C LEU E 522 -0.45 5.57 24.68
N ILE E 523 0.62 5.93 25.39
CA ILE E 523 1.18 7.27 25.23
C ILE E 523 1.67 7.47 23.80
N LEU E 524 2.31 6.46 23.22
CA LEU E 524 2.73 6.55 21.82
C LEU E 524 1.55 6.76 20.88
N ASN E 525 0.43 6.07 21.13
CA ASN E 525 -0.73 6.28 20.28
C ASN E 525 -1.34 7.65 20.45
N VAL E 526 -1.23 8.26 21.62
CA VAL E 526 -1.60 9.66 21.76
C VAL E 526 -0.63 10.56 21.00
N VAL E 527 0.67 10.36 21.19
CA VAL E 527 1.67 11.15 20.48
C VAL E 527 1.56 10.97 18.97
N ALA E 528 1.29 9.74 18.53
CA ALA E 528 1.07 9.49 17.11
C ALA E 528 -0.05 10.35 16.55
N PHE E 529 -1.17 10.44 17.25
CA PHE E 529 -2.22 11.36 16.83
C PHE E 529 -1.77 12.81 16.79
N PHE E 530 -1.04 13.26 17.81
CA PHE E 530 -0.61 14.66 17.82
C PHE E 530 0.33 15.01 16.67
N ILE E 531 1.25 14.11 16.31
CA ILE E 531 2.06 14.41 15.12
C ILE E 531 1.25 14.28 13.84
N ILE E 532 0.28 13.37 13.78
CA ILE E 532 -0.62 13.36 12.65
C ILE E 532 -1.34 14.69 12.51
N CYS E 533 -1.85 15.24 13.61
CA CYS E 533 -2.45 16.56 13.55
C CYS E 533 -1.42 17.63 13.23
N ALA E 534 -0.28 17.61 13.93
CA ALA E 534 0.75 18.62 13.71
C ALA E 534 1.27 18.61 12.28
N CYS E 535 1.42 17.43 11.68
CA CYS E 535 1.72 17.35 10.26
C CYS E 535 0.73 18.11 9.41
N TYR E 536 -0.55 17.79 9.53
CA TYR E 536 -1.55 18.42 8.67
C TYR E 536 -1.71 19.91 8.95
N ILE E 537 -1.40 20.36 10.16
CA ILE E 537 -1.33 21.81 10.39
C ILE E 537 -0.21 22.43 9.57
N LYS E 538 0.99 21.87 9.65
CA LYS E 538 2.10 22.42 8.89
C LYS E 538 1.86 22.35 7.39
N ILE E 539 1.22 21.28 6.92
CA ILE E 539 0.74 21.25 5.54
C ILE E 539 -0.16 22.44 5.25
N TYR E 540 -1.21 22.62 6.06
CA TYR E 540 -2.18 23.67 5.77
C TYR E 540 -1.56 25.06 5.75
N PHE E 541 -0.68 25.36 6.71
CA PHE E 541 0.01 26.64 6.67
C PHE E 541 0.95 26.74 5.48
N ALA E 542 1.59 25.63 5.10
CA ALA E 542 2.44 25.65 3.92
C ALA E 542 1.63 25.74 2.64
N VAL E 543 0.49 25.05 2.59
CA VAL E 543 -0.24 24.93 1.33
C VAL E 543 -1.09 26.14 1.04
N ARG E 544 -1.73 26.73 2.05
CA ARG E 544 -2.70 27.78 1.78
C ARG E 544 -2.05 28.95 1.07
N ASN E 545 -2.73 29.44 0.04
CA ASN E 545 -2.30 30.53 -0.81
C ASN E 545 -2.21 31.84 -0.04
N PRO E 546 -1.01 32.39 0.17
CA PRO E 546 -0.90 33.57 1.03
C PRO E 546 -1.54 34.81 0.42
N GLU E 547 -1.41 34.98 -0.89
CA GLU E 547 -1.81 36.21 -1.55
C GLU E 547 -2.46 35.97 -2.91
N LEU E 548 -2.78 34.71 -3.23
CA LEU E 548 -3.41 34.31 -4.49
C LEU E 548 -4.56 33.37 -4.20
N MET E 549 -5.26 33.63 -3.10
CA MET E 549 -6.13 32.63 -2.49
C MET E 549 -7.26 32.20 -3.42
N ALA E 550 -7.44 30.89 -3.54
CA ALA E 550 -8.61 30.30 -4.17
C ALA E 550 -9.50 29.72 -3.08
N THR E 551 -10.08 30.63 -2.28
CA THR E 551 -10.57 30.30 -0.95
C THR E 551 -11.55 29.14 -0.99
N ASN E 552 -12.30 29.00 -2.08
CA ASN E 552 -13.16 27.84 -2.27
C ASN E 552 -12.40 26.52 -2.10
N LYS E 553 -11.25 26.40 -2.77
CA LYS E 553 -10.42 25.20 -2.63
C LYS E 553 -9.49 25.26 -1.42
N ASP E 554 -8.98 26.45 -1.07
CA ASP E 554 -8.19 26.57 0.15
C ASP E 554 -8.96 26.09 1.37
N THR E 555 -10.24 26.43 1.46
CA THR E 555 -11.09 25.90 2.52
C THR E 555 -11.45 24.43 2.28
N LYS E 556 -11.56 24.02 1.02
CA LYS E 556 -11.78 22.60 0.73
C LYS E 556 -10.71 21.71 1.34
N ILE E 557 -9.47 22.18 1.43
CA ILE E 557 -8.44 21.42 2.12
C ILE E 557 -8.87 21.09 3.55
N ALA E 558 -9.14 22.11 4.35
CA ALA E 558 -9.51 21.87 5.74
C ALA E 558 -10.79 21.05 5.85
N LYS E 559 -11.81 21.40 5.07
CA LYS E 559 -13.06 20.65 5.14
C LYS E 559 -12.87 19.20 4.71
N LYS E 560 -11.87 18.91 3.89
CA LYS E 560 -11.49 17.54 3.59
C LYS E 560 -10.53 16.97 4.62
N MET E 561 -9.37 17.60 4.78
CA MET E 561 -8.32 17.01 5.61
C MET E 561 -8.76 16.80 7.05
N ALA E 562 -9.68 17.63 7.55
CA ALA E 562 -10.20 17.40 8.90
C ALA E 562 -10.78 16.01 9.06
N ILE E 563 -11.39 15.47 8.01
CA ILE E 563 -11.92 14.11 8.08
C ILE E 563 -10.81 13.12 8.42
N LEU E 564 -9.62 13.32 7.86
CA LEU E 564 -8.51 12.40 8.13
C LEU E 564 -8.05 12.44 9.57
N ILE E 565 -8.13 13.61 10.23
CA ILE E 565 -7.87 13.68 11.65
C ILE E 565 -9.05 13.16 12.47
N PHE E 566 -10.26 13.60 12.13
CA PHE E 566 -11.41 13.33 12.99
C PHE E 566 -11.69 11.84 13.12
N THR E 567 -11.53 11.07 12.05
CA THR E 567 -11.66 9.62 12.20
C THR E 567 -10.57 9.05 13.09
N ASP E 568 -9.32 9.47 12.89
CA ASP E 568 -8.26 9.02 13.79
C ASP E 568 -8.50 9.46 15.22
N PHE E 569 -9.09 10.63 15.43
CA PHE E 569 -9.45 11.03 16.79
C PHE E 569 -10.47 10.10 17.42
N THR E 570 -11.61 9.91 16.76
CA THR E 570 -12.65 9.06 17.32
C THR E 570 -12.24 7.59 17.44
N CYS E 571 -11.17 7.18 16.77
CA CYS E 571 -10.58 5.88 17.07
C CYS E 571 -9.64 5.93 18.26
N MET E 572 -8.65 6.82 18.20
CA MET E 572 -7.57 6.78 19.19
C MET E 572 -7.96 7.44 20.49
N ALA E 573 -8.57 8.62 20.43
CA ALA E 573 -8.73 9.43 21.63
C ALA E 573 -9.66 8.79 22.67
N PRO E 574 -10.79 8.22 22.26
CA PRO E 574 -11.61 7.49 23.26
C PRO E 574 -10.85 6.35 23.92
N ILE E 575 -10.23 5.50 23.12
CA ILE E 575 -9.48 4.37 23.65
C ILE E 575 -8.45 4.84 24.68
N SER E 576 -7.62 5.80 24.30
CA SER E 576 -6.57 6.26 25.22
C SER E 576 -7.11 7.00 26.42
N PHE E 577 -8.21 7.73 26.29
CA PHE E 577 -8.74 8.45 27.45
C PHE E 577 -9.10 7.48 28.58
N PHE E 578 -9.85 6.42 28.25
CA PHE E 578 -10.16 5.39 29.22
C PHE E 578 -8.93 4.55 29.55
N ALA E 579 -8.25 4.04 28.52
CA ALA E 579 -7.18 3.08 28.75
C ALA E 579 -5.99 3.68 29.49
N ILE E 580 -5.69 4.96 29.28
CA ILE E 580 -4.62 5.57 30.08
C ILE E 580 -5.05 5.68 31.53
N SER E 581 -6.31 6.01 31.80
CA SER E 581 -6.80 6.05 33.17
C SER E 581 -6.69 4.69 33.82
N ALA E 582 -7.13 3.64 33.12
CA ALA E 582 -6.96 2.28 33.61
C ALA E 582 -5.49 1.92 33.77
N ALA E 583 -4.61 2.46 32.93
CA ALA E 583 -3.19 2.23 33.09
C ALA E 583 -2.61 2.96 34.30
N PHE E 584 -3.24 4.05 34.73
CA PHE E 584 -2.96 4.59 36.05
C PHE E 584 -3.61 3.82 37.18
N LYS E 585 -4.22 2.67 36.91
CA LYS E 585 -4.98 1.92 37.90
C LYS E 585 -6.17 2.74 38.43
N VAL E 586 -6.67 3.66 37.62
CA VAL E 586 -7.86 4.43 37.96
C VAL E 586 -8.96 4.04 36.99
N PRO E 587 -9.52 2.84 37.09
CA PRO E 587 -10.52 2.40 36.11
C PRO E 587 -11.78 3.24 36.20
N LEU E 588 -12.17 3.83 35.07
CA LEU E 588 -13.34 4.68 34.98
C LEU E 588 -14.52 3.99 34.33
N ILE E 589 -14.40 2.72 33.96
CA ILE E 589 -15.44 2.03 33.20
C ILE E 589 -15.53 0.58 33.64
N THR E 590 -16.74 0.05 33.65
CA THR E 590 -16.94 -1.37 33.88
C THR E 590 -16.52 -2.16 32.65
N VAL E 591 -15.79 -3.25 32.87
CA VAL E 591 -15.16 -3.96 31.77
C VAL E 591 -16.19 -4.57 30.82
N THR E 592 -17.42 -4.77 31.28
CA THR E 592 -18.49 -5.13 30.35
C THR E 592 -19.02 -3.93 29.58
N ASN E 593 -18.85 -2.71 30.10
CA ASN E 593 -19.04 -1.53 29.27
C ASN E 593 -17.89 -1.31 28.29
N SER E 594 -16.68 -1.69 28.68
CA SER E 594 -15.52 -1.52 27.80
C SER E 594 -15.65 -2.29 26.49
N LYS E 595 -16.50 -3.31 26.43
CA LYS E 595 -16.80 -3.93 25.15
C LYS E 595 -17.38 -2.92 24.16
N VAL E 596 -18.10 -1.91 24.66
CA VAL E 596 -18.60 -0.84 23.78
C VAL E 596 -17.45 -0.05 23.17
N LEU E 597 -16.49 0.37 23.99
CA LEU E 597 -15.31 1.04 23.45
C LEU E 597 -14.59 0.18 22.43
N LEU E 598 -14.49 -1.12 22.69
CA LEU E 598 -13.87 -2.00 21.71
C LEU E 598 -14.61 -1.93 20.37
N VAL E 599 -15.88 -2.31 20.36
CA VAL E 599 -16.56 -2.53 19.09
C VAL E 599 -17.03 -1.24 18.43
N LEU E 600 -17.35 -0.20 19.19
CA LEU E 600 -17.70 1.08 18.56
C LEU E 600 -16.48 1.79 17.99
N PHE E 601 -15.38 1.84 18.73
CA PHE E 601 -14.32 2.80 18.41
C PHE E 601 -13.02 2.15 18.00
N TYR E 602 -12.64 1.03 18.60
CA TYR E 602 -11.41 0.36 18.18
C TYR E 602 -11.37 0.05 16.69
N PRO E 603 -12.45 -0.41 16.05
CA PRO E 603 -12.38 -0.70 14.61
C PRO E 603 -12.43 0.53 13.72
N ILE E 604 -12.76 1.72 14.24
CA ILE E 604 -13.04 2.86 13.38
C ILE E 604 -11.87 3.11 12.44
N ASN E 605 -10.66 3.21 12.98
CA ASN E 605 -9.49 3.31 12.12
C ASN E 605 -9.47 2.16 11.11
N SER E 606 -9.54 0.94 11.60
CA SER E 606 -9.40 -0.21 10.72
C SER E 606 -10.57 -0.42 9.79
N CYS E 607 -11.60 0.42 9.79
CA CYS E 607 -12.59 0.40 8.73
C CYS E 607 -12.73 1.71 7.97
N ALA E 608 -12.48 2.86 8.60
CA ALA E 608 -12.45 4.13 7.87
C ALA E 608 -11.21 4.26 6.99
N ASN E 609 -10.06 3.82 7.49
CA ASN E 609 -8.82 3.95 6.73
C ASN E 609 -8.91 3.42 5.30
N PRO E 610 -9.43 2.23 5.04
CA PRO E 610 -9.53 1.78 3.65
C PRO E 610 -10.40 2.66 2.77
N PHE E 611 -11.35 3.40 3.32
CA PHE E 611 -12.01 4.46 2.57
C PHE E 611 -11.07 5.65 2.38
N LEU E 612 -10.75 6.34 3.48
CA LEU E 612 -10.15 7.66 3.39
C LEU E 612 -8.83 7.62 2.64
N TYR E 613 -8.04 6.58 2.84
CA TYR E 613 -6.70 6.49 2.29
C TYR E 613 -6.62 5.65 1.02
N ALA E 614 -7.73 5.09 0.54
CA ALA E 614 -7.67 4.35 -0.71
C ALA E 614 -8.92 4.49 -1.58
N ILE E 615 -10.03 3.89 -1.14
CA ILE E 615 -11.16 3.68 -2.05
C ILE E 615 -11.73 5.00 -2.55
N PHE E 616 -11.63 6.06 -1.77
CA PHE E 616 -12.03 7.38 -2.24
C PHE E 616 -10.98 8.07 -3.11
N THR E 617 -9.89 7.41 -3.46
CA THR E 617 -8.88 8.04 -4.29
C THR E 617 -9.01 7.59 -5.75
N LYS E 618 -8.91 8.57 -6.65
CA LYS E 618 -9.04 8.31 -8.08
C LYS E 618 -8.03 7.28 -8.57
N THR E 619 -6.81 7.33 -8.06
CA THR E 619 -5.78 6.39 -8.49
C THR E 619 -6.07 4.96 -8.03
N PHE E 620 -6.80 4.79 -6.94
CA PHE E 620 -7.33 3.46 -6.65
C PHE E 620 -8.49 3.11 -7.58
N GLN E 621 -9.46 4.02 -7.74
CA GLN E 621 -10.65 3.68 -8.50
C GLN E 621 -10.30 3.25 -9.91
N ARG E 622 -9.31 3.91 -10.51
CA ARG E 622 -8.76 3.44 -11.78
C ARG E 622 -8.40 1.96 -11.70
N ASP E 623 -7.58 1.59 -10.73
CA ASP E 623 -7.14 0.21 -10.62
C ASP E 623 -8.29 -0.74 -10.33
N PHE E 624 -9.29 -0.29 -9.58
CA PHE E 624 -10.48 -1.10 -9.35
C PHE E 624 -11.24 -1.37 -10.64
N PHE E 625 -11.52 -0.31 -11.41
CA PHE E 625 -12.21 -0.49 -12.69
C PHE E 625 -11.39 -1.33 -13.67
N LEU E 626 -10.06 -1.14 -13.69
CA LEU E 626 -9.21 -2.00 -14.50
C LEU E 626 -9.30 -3.46 -14.08
N LEU E 627 -9.35 -3.72 -12.77
CA LEU E 627 -9.50 -5.10 -12.33
C LEU E 627 -10.90 -5.64 -12.61
N LEU E 628 -11.93 -4.81 -12.53
CA LEU E 628 -13.22 -5.22 -13.05
C LEU E 628 -13.14 -5.57 -14.53
N SER E 629 -12.42 -4.77 -15.30
CA SER E 629 -12.20 -5.09 -16.70
C SER E 629 -11.43 -6.39 -16.87
N LYS E 630 -10.38 -6.59 -16.06
CA LYS E 630 -9.67 -7.86 -16.11
C LYS E 630 -10.58 -9.04 -15.74
N PHE E 631 -11.60 -8.80 -14.92
CA PHE E 631 -12.60 -9.81 -14.62
C PHE E 631 -13.87 -9.66 -15.46
N GLY E 632 -13.84 -8.83 -16.49
CA GLY E 632 -14.96 -8.71 -17.39
C GLY E 632 -16.21 -8.07 -16.82
N CYS E 633 -16.13 -7.51 -15.62
CA CYS E 633 -17.31 -7.02 -14.92
C CYS E 633 -17.65 -5.59 -15.34
N CYS E 634 -17.76 -5.37 -16.64
CA CYS E 634 -17.97 -4.02 -17.18
C CYS E 634 -19.25 -3.40 -16.61
N GLN F 29 -6.60 -19.71 80.26
CA GLN F 29 -7.83 -19.50 79.44
C GLN F 29 -8.81 -20.64 79.65
N ASP F 30 -10.10 -20.32 79.58
CA ASP F 30 -11.15 -21.28 79.87
C ASP F 30 -11.06 -22.50 78.95
N CYS F 31 -11.50 -23.64 79.48
CA CYS F 31 -11.51 -24.91 78.76
C CYS F 31 -12.45 -25.88 79.46
N PRO F 32 -13.74 -25.88 79.09
CA PRO F 32 -14.71 -26.74 79.77
C PRO F 32 -14.56 -28.20 79.38
N GLU F 33 -14.70 -29.09 80.36
CA GLU F 33 -14.69 -30.51 80.06
C GLU F 33 -15.92 -30.87 79.23
N CYS F 34 -15.75 -31.83 78.34
CA CYS F 34 -16.84 -32.23 77.47
C CYS F 34 -17.93 -32.97 78.25
N THR F 35 -19.18 -32.61 77.97
CA THR F 35 -20.32 -33.10 78.74
C THR F 35 -21.56 -32.95 77.88
N LEU F 36 -22.63 -33.60 78.31
CA LEU F 36 -23.94 -33.40 77.69
C LEU F 36 -24.45 -32.00 78.01
N GLN F 37 -24.87 -31.29 76.97
CA GLN F 37 -25.46 -29.97 77.13
C GLN F 37 -26.65 -29.83 76.19
N GLU F 38 -27.53 -28.88 76.53
CA GLU F 38 -28.76 -28.68 75.78
C GLU F 38 -28.47 -28.13 74.39
N ASN F 39 -28.97 -28.80 73.37
CA ASN F 39 -28.88 -28.31 72.01
C ASN F 39 -29.87 -27.17 71.79
N PRO F 40 -29.42 -25.96 71.46
CA PRO F 40 -30.38 -24.85 71.35
C PRO F 40 -31.34 -25.01 70.19
N PHE F 41 -30.89 -25.62 69.09
CA PHE F 41 -31.73 -25.70 67.90
C PHE F 41 -32.89 -26.67 68.09
N PHE F 42 -32.64 -27.78 68.78
CA PHE F 42 -33.55 -28.92 68.73
C PHE F 42 -33.99 -29.42 70.10
N SER F 43 -33.50 -28.85 71.20
CA SER F 43 -34.02 -29.22 72.50
C SER F 43 -35.47 -28.78 72.62
N GLN F 44 -36.38 -29.67 72.25
CA GLN F 44 -37.79 -29.44 72.46
C GLN F 44 -38.09 -29.15 73.93
N PRO F 45 -38.85 -28.10 74.24
CA PRO F 45 -39.31 -27.91 75.62
C PRO F 45 -39.98 -29.17 76.17
N GLY F 46 -39.52 -29.60 77.34
CA GLY F 46 -39.98 -30.84 77.93
C GLY F 46 -39.37 -32.08 77.34
N ALA F 47 -38.48 -31.94 76.35
CA ALA F 47 -37.79 -33.08 75.75
C ALA F 47 -36.43 -32.60 75.28
N PRO F 48 -35.52 -32.32 76.21
CA PRO F 48 -34.25 -31.69 75.83
C PRO F 48 -33.42 -32.61 74.95
N ILE F 49 -32.63 -31.98 74.08
CA ILE F 49 -31.68 -32.67 73.22
C ILE F 49 -30.29 -32.39 73.77
N LEU F 50 -29.54 -33.45 74.04
CA LEU F 50 -28.23 -33.34 74.68
C LEU F 50 -27.13 -33.57 73.66
N GLN F 51 -26.09 -32.74 73.74
CA GLN F 51 -25.01 -32.73 72.77
C GLN F 51 -23.68 -32.78 73.51
N CYS F 52 -22.80 -33.67 73.08
CA CYS F 52 -21.44 -33.72 73.62
C CYS F 52 -20.67 -32.53 73.06
N MET F 53 -20.21 -31.64 73.95
CA MET F 53 -19.37 -30.54 73.53
C MET F 53 -18.40 -30.16 74.64
N GLY F 54 -17.18 -29.83 74.28
CA GLY F 54 -16.20 -29.37 75.25
C GLY F 54 -14.78 -29.56 74.80
N CYS F 55 -13.88 -29.19 75.70
CA CYS F 55 -12.48 -28.91 75.41
C CYS F 55 -11.57 -30.03 75.92
N CYS F 56 -10.74 -30.58 75.03
CA CYS F 56 -10.11 -31.88 75.24
C CYS F 56 -8.67 -31.89 74.74
N PHE F 57 -7.90 -32.82 75.31
CA PHE F 57 -6.45 -32.82 75.26
C PHE F 57 -5.92 -33.13 73.87
N SER F 58 -4.73 -32.59 73.58
CA SER F 58 -3.95 -33.04 72.43
C SER F 58 -2.47 -32.82 72.72
N ARG F 59 -1.64 -33.60 72.01
CA ARG F 59 -0.18 -33.62 72.21
C ARG F 59 0.47 -33.79 70.85
N ALA F 60 1.00 -32.70 70.30
CA ALA F 60 1.51 -32.67 68.94
C ALA F 60 3.00 -32.32 68.95
N TYR F 61 3.81 -33.17 68.32
CA TYR F 61 5.25 -33.15 68.49
C TYR F 61 5.91 -33.53 67.17
N PRO F 62 7.15 -33.12 66.95
CA PRO F 62 7.88 -33.56 65.75
C PRO F 62 7.96 -35.08 65.64
N THR F 63 7.61 -35.58 64.46
CA THR F 63 7.45 -37.01 64.23
C THR F 63 8.76 -37.75 64.51
N PRO F 64 8.82 -38.63 65.50
CA PRO F 64 10.10 -39.29 65.82
C PRO F 64 10.51 -40.33 64.79
N LEU F 65 11.82 -40.47 64.62
CA LEU F 65 12.36 -41.31 63.56
C LEU F 65 11.81 -42.74 63.64
N ARG F 66 11.66 -43.26 64.85
CA ARG F 66 11.11 -44.61 65.02
C ARG F 66 9.76 -44.74 64.33
N SER F 67 8.92 -43.71 64.44
CA SER F 67 7.67 -43.71 63.71
C SER F 67 7.91 -43.49 62.22
N LYS F 68 8.79 -42.56 61.86
CA LYS F 68 9.04 -42.29 60.45
C LYS F 68 9.44 -43.55 59.71
N LYS F 69 10.29 -44.38 60.31
CA LYS F 69 10.69 -45.63 59.69
C LYS F 69 9.50 -46.50 59.31
N THR F 70 8.38 -46.35 60.02
CA THR F 70 7.19 -47.14 59.72
C THR F 70 6.36 -46.57 58.58
N MET F 71 6.58 -45.32 58.22
CA MET F 71 5.66 -44.60 57.33
C MET F 71 6.07 -44.78 55.87
N LEU F 72 5.05 -44.86 55.00
CA LEU F 72 5.28 -44.77 53.56
C LEU F 72 5.43 -43.31 53.15
N VAL F 73 4.35 -42.55 53.23
CA VAL F 73 4.44 -41.10 53.08
C VAL F 73 4.95 -40.55 54.41
N GLN F 74 6.16 -40.02 54.40
CA GLN F 74 6.78 -39.57 55.63
C GLN F 74 6.16 -38.27 56.11
N LYS F 75 6.07 -38.13 57.43
CA LYS F 75 5.51 -36.96 58.07
C LYS F 75 6.60 -36.27 58.88
N ASN F 76 6.52 -34.94 58.95
CA ASN F 76 7.44 -34.16 59.76
C ASN F 76 6.89 -33.74 61.11
N VAL F 77 5.56 -33.75 61.27
CA VAL F 77 4.95 -33.43 62.56
C VAL F 77 3.82 -34.41 62.83
N THR F 78 3.64 -34.74 64.11
CA THR F 78 2.67 -35.74 64.53
C THR F 78 1.80 -35.17 65.64
N SER F 79 0.50 -35.43 65.55
CA SER F 79 -0.46 -34.97 66.56
C SER F 79 -1.13 -36.18 67.20
N GLU F 80 -0.85 -36.38 68.49
CA GLU F 80 -1.74 -37.16 69.35
C GLU F 80 -2.90 -36.30 69.80
N SER F 81 -4.12 -36.79 69.63
CA SER F 81 -5.30 -35.93 69.74
C SER F 81 -6.49 -36.78 70.14
N THR F 82 -7.52 -36.09 70.63
CA THR F 82 -8.77 -36.71 71.04
C THR F 82 -9.93 -35.79 70.71
N CYS F 83 -11.09 -36.38 70.46
CA CYS F 83 -12.29 -35.63 70.14
C CYS F 83 -13.46 -36.25 70.89
N CYS F 84 -14.42 -35.40 71.26
CA CYS F 84 -15.51 -35.82 72.13
C CYS F 84 -16.50 -36.67 71.35
N VAL F 85 -16.29 -37.98 71.39
CA VAL F 85 -17.19 -38.94 70.78
C VAL F 85 -18.39 -39.12 71.70
N ALA F 86 -19.59 -39.04 71.13
CA ALA F 86 -20.77 -39.51 71.85
C ALA F 86 -20.74 -41.04 71.92
N LYS F 87 -20.12 -41.57 72.97
CA LYS F 87 -19.95 -43.00 73.13
C LYS F 87 -21.26 -43.75 73.35
N SER F 88 -22.35 -43.05 73.66
CA SER F 88 -23.67 -43.65 73.52
C SER F 88 -24.68 -42.58 73.13
N TYR F 89 -25.74 -43.01 72.46
CA TYR F 89 -26.77 -42.11 71.98
C TYR F 89 -28.02 -42.93 71.65
N ASN F 90 -29.13 -42.23 71.46
CA ASN F 90 -30.35 -42.84 70.98
C ASN F 90 -30.94 -42.00 69.85
N ARG F 91 -31.49 -42.68 68.85
CA ARG F 91 -32.19 -42.00 67.78
C ARG F 91 -33.55 -41.50 68.23
N VAL F 92 -33.83 -40.22 67.94
CA VAL F 92 -35.07 -39.57 68.34
C VAL F 92 -35.46 -38.61 67.23
N THR F 93 -36.75 -38.30 67.15
CA THR F 93 -37.25 -37.37 66.15
C THR F 93 -37.52 -35.99 66.77
N VAL F 94 -37.73 -35.03 65.89
CA VAL F 94 -38.06 -33.65 66.27
C VAL F 94 -38.85 -33.04 65.11
N MET F 95 -39.45 -31.88 65.36
CA MET F 95 -40.25 -31.20 64.35
C MET F 95 -39.49 -31.10 63.04
N GLY F 96 -40.13 -31.54 61.96
CA GLY F 96 -39.47 -31.82 60.70
C GLY F 96 -39.34 -33.30 60.39
N GLY F 97 -39.54 -34.16 61.38
CA GLY F 97 -39.73 -35.58 61.15
C GLY F 97 -38.45 -36.36 60.92
N PHE F 98 -37.31 -35.70 60.72
CA PHE F 98 -36.05 -36.42 60.70
C PHE F 98 -35.76 -36.98 62.09
N LYS F 99 -34.79 -37.88 62.16
CA LYS F 99 -34.41 -38.50 63.43
C LYS F 99 -33.05 -37.96 63.87
N VAL F 100 -33.05 -37.28 65.02
CA VAL F 100 -31.84 -36.86 65.71
C VAL F 100 -31.34 -38.03 66.55
N GLU F 101 -30.04 -38.05 66.83
CA GLU F 101 -29.48 -38.99 67.80
C GLU F 101 -29.14 -38.25 69.07
N ASN F 102 -29.82 -38.64 70.16
CA ASN F 102 -29.74 -37.97 71.45
C ASN F 102 -28.57 -38.53 72.24
N HIS F 103 -27.50 -37.75 72.36
CA HIS F 103 -26.30 -38.23 73.01
C HIS F 103 -26.56 -38.53 74.48
N THR F 104 -25.92 -39.58 74.98
CA THR F 104 -26.26 -40.18 76.27
C THR F 104 -25.04 -40.45 77.14
N ALA F 105 -23.85 -40.57 76.57
CA ALA F 105 -22.61 -40.44 77.31
C ALA F 105 -21.55 -39.90 76.36
N CYS F 106 -20.59 -39.17 76.91
CA CYS F 106 -19.58 -38.49 76.13
C CYS F 106 -18.19 -38.92 76.55
N HIS F 107 -17.29 -39.03 75.57
CA HIS F 107 -15.96 -39.56 75.79
C HIS F 107 -15.05 -38.97 74.71
N CYS F 108 -14.07 -38.17 75.13
CA CYS F 108 -13.08 -37.65 74.20
C CYS F 108 -12.13 -38.75 73.75
N SER F 109 -12.15 -39.01 72.43
CA SER F 109 -11.77 -40.31 71.87
C SER F 109 -11.39 -40.09 70.41
N THR F 110 -11.58 -41.11 69.58
CA THR F 110 -11.16 -41.03 68.18
C THR F 110 -11.78 -39.82 67.50
N CYS F 111 -10.93 -39.02 66.87
CA CYS F 111 -11.37 -37.94 65.99
C CYS F 111 -11.77 -38.49 64.63
N TYR F 112 -12.84 -37.94 64.07
CA TYR F 112 -13.33 -38.35 62.76
C TYR F 112 -13.22 -37.26 61.71
N TYR F 113 -13.24 -35.99 62.11
CA TYR F 113 -13.31 -34.88 61.16
C TYR F 113 -12.16 -33.90 61.39
N HIS F 114 -11.03 -34.43 61.86
CA HIS F 114 -9.89 -33.60 62.23
C HIS F 114 -8.93 -33.38 61.07
N LYS F 115 -8.79 -34.36 60.18
CA LYS F 115 -7.96 -34.18 59.00
C LYS F 115 -8.65 -33.24 58.02
N SER F 116 -7.86 -32.35 57.43
CA SER F 116 -8.29 -31.58 56.27
C SER F 116 -7.09 -31.11 55.47
N LYS G 22 -0.41 -21.34 83.40
CA LYS G 22 -1.72 -21.79 82.85
C LYS G 22 -2.53 -22.50 83.93
N GLU G 23 -3.80 -22.74 83.64
CA GLU G 23 -4.69 -23.35 84.62
C GLU G 23 -4.17 -24.73 85.03
N PRO G 24 -4.38 -25.12 86.28
CA PRO G 24 -4.00 -26.48 86.69
C PRO G 24 -4.84 -27.55 86.02
N LEU G 25 -6.07 -27.23 85.64
CA LEU G 25 -6.96 -28.15 84.96
C LEU G 25 -7.14 -27.73 83.50
N ARG G 26 -6.88 -28.67 82.61
CA ARG G 26 -7.09 -28.49 81.17
C ARG G 26 -6.50 -27.18 80.63
N PRO G 27 -5.19 -26.97 80.78
CA PRO G 27 -4.57 -25.76 80.23
C PRO G 27 -4.76 -25.69 78.72
N ARG G 28 -5.25 -24.53 78.25
CA ARG G 28 -5.61 -24.40 76.85
C ARG G 28 -4.37 -24.44 75.95
N CYS G 29 -4.56 -25.01 74.77
CA CYS G 29 -3.51 -25.29 73.80
C CYS G 29 -2.50 -24.17 73.68
N ARG G 30 -1.23 -24.51 73.91
CA ARG G 30 -0.13 -23.55 73.87
C ARG G 30 1.16 -24.35 73.71
N PRO G 31 2.26 -23.70 73.32
CA PRO G 31 3.56 -24.39 73.36
C PRO G 31 4.04 -24.62 74.78
N ILE G 32 4.52 -25.84 75.02
CA ILE G 32 5.02 -26.25 76.32
C ILE G 32 6.46 -26.73 76.17
N ASN G 33 7.20 -26.68 77.27
CA ASN G 33 8.51 -27.31 77.31
C ASN G 33 8.42 -28.79 76.96
N ALA G 34 9.51 -29.30 76.38
CA ALA G 34 9.64 -30.71 76.05
C ALA G 34 11.11 -31.07 76.07
N THR G 35 11.39 -32.35 76.29
CA THR G 35 12.73 -32.94 76.18
C THR G 35 12.71 -34.04 75.14
N LEU G 36 12.99 -33.67 73.90
CA LEU G 36 12.63 -34.48 72.74
C LEU G 36 13.84 -35.22 72.21
N ALA G 37 13.71 -36.54 72.08
CA ALA G 37 14.71 -37.35 71.42
C ALA G 37 14.73 -37.05 69.92
N VAL G 38 15.94 -36.98 69.36
CA VAL G 38 16.13 -36.63 67.96
C VAL G 38 17.29 -37.44 67.40
N GLU G 39 17.24 -37.70 66.10
CA GLU G 39 18.17 -38.61 65.44
C GLU G 39 18.22 -38.22 63.97
N LYS G 40 19.23 -38.76 63.27
CA LYS G 40 19.22 -38.79 61.82
C LYS G 40 19.43 -40.22 61.31
N GLU G 41 18.91 -40.47 60.11
CA GLU G 41 18.59 -41.83 59.67
C GLU G 41 19.71 -42.82 59.95
N GLY G 42 20.95 -42.43 59.67
CA GLY G 42 22.09 -43.32 59.84
C GLY G 42 22.65 -43.42 61.24
N CYS G 43 22.20 -42.58 62.16
CA CYS G 43 22.85 -42.49 63.45
C CYS G 43 22.82 -43.84 64.18
N PRO G 44 23.96 -44.32 64.69
CA PRO G 44 23.93 -45.38 65.70
C PRO G 44 23.49 -44.91 67.07
N VAL G 45 23.28 -43.61 67.24
CA VAL G 45 23.19 -42.97 68.55
C VAL G 45 21.97 -42.06 68.55
N CYS G 46 21.30 -41.97 69.70
CA CYS G 46 20.14 -41.13 69.87
C CYS G 46 20.49 -39.87 70.64
N ILE G 47 20.05 -38.73 70.11
CA ILE G 47 20.30 -37.42 70.69
C ILE G 47 18.99 -36.93 71.31
N THR G 48 19.11 -35.93 72.18
CA THR G 48 17.94 -35.35 72.83
C THR G 48 18.19 -33.86 73.05
N VAL G 49 17.10 -33.08 73.01
CA VAL G 49 17.17 -31.64 73.15
C VAL G 49 16.03 -31.18 74.05
N ASN G 50 16.34 -30.22 74.92
CA ASN G 50 15.32 -29.49 75.67
C ASN G 50 14.66 -28.46 74.76
N THR G 51 13.36 -28.61 74.52
CA THR G 51 12.68 -27.90 73.44
C THR G 51 11.23 -27.69 73.85
N THR G 52 10.40 -27.28 72.89
CA THR G 52 8.97 -27.11 73.12
C THR G 52 8.15 -27.79 72.03
N ILE G 53 6.96 -28.25 72.41
CA ILE G 53 6.03 -28.91 71.51
C ILE G 53 4.63 -28.37 71.81
N CYS G 54 3.76 -28.41 70.80
CA CYS G 54 2.38 -28.03 70.99
C CYS G 54 1.62 -29.13 71.74
N ALA G 55 0.91 -28.74 72.79
CA ALA G 55 0.12 -29.67 73.57
C ALA G 55 -0.93 -28.90 74.35
N GLY G 56 -1.87 -29.64 74.93
CA GLY G 56 -2.89 -29.09 75.80
C GLY G 56 -4.29 -29.44 75.32
N TYR G 57 -5.24 -28.57 75.67
CA TYR G 57 -6.65 -28.79 75.41
C TYR G 57 -7.17 -27.66 74.54
N CYS G 58 -8.08 -27.99 73.63
CA CYS G 58 -8.74 -26.97 72.84
C CYS G 58 -10.11 -27.46 72.43
N PRO G 59 -11.03 -26.56 72.06
CA PRO G 59 -12.44 -26.94 71.95
C PRO G 59 -12.71 -27.96 70.86
N THR G 60 -13.63 -28.87 71.16
CA THR G 60 -14.08 -29.87 70.21
C THR G 60 -15.55 -30.15 70.48
N MET G 61 -16.25 -30.64 69.46
CA MET G 61 -17.63 -31.07 69.64
C MET G 61 -18.04 -31.93 68.44
N THR G 62 -19.27 -32.43 68.48
CA THR G 62 -19.86 -33.09 67.33
C THR G 62 -21.35 -32.75 67.26
N ARG G 63 -21.92 -33.00 66.09
CA ARG G 63 -23.24 -32.51 65.73
C ARG G 63 -24.28 -33.60 65.95
N VAL G 64 -25.35 -33.26 66.67
CA VAL G 64 -26.36 -34.25 67.02
C VAL G 64 -27.19 -34.64 65.81
N LEU G 65 -27.38 -33.72 64.86
CA LEU G 65 -28.12 -33.98 63.64
C LEU G 65 -27.17 -34.15 62.47
N GLN G 66 -27.36 -35.24 61.72
CA GLN G 66 -26.38 -35.64 60.71
C GLN G 66 -27.11 -36.03 59.42
N GLY G 67 -26.33 -36.08 58.35
CA GLY G 67 -26.83 -36.41 57.03
C GLY G 67 -27.51 -35.26 56.32
N VAL G 68 -28.50 -34.64 56.97
CA VAL G 68 -29.09 -33.43 56.41
C VAL G 68 -28.12 -32.26 56.50
N LEU G 69 -27.35 -32.20 57.58
CA LEU G 69 -26.29 -31.22 57.73
C LEU G 69 -24.94 -31.85 57.44
N PRO G 70 -23.93 -31.02 57.12
CA PRO G 70 -22.58 -31.55 56.91
C PRO G 70 -21.94 -32.11 58.17
N ALA G 71 -20.74 -32.67 58.01
CA ALA G 71 -19.86 -32.90 59.14
C ALA G 71 -19.50 -31.59 59.82
N LEU G 72 -18.99 -31.71 61.04
CA LEU G 72 -18.54 -30.57 61.83
C LEU G 72 -17.03 -30.66 62.04
N PRO G 73 -16.25 -29.70 61.58
CA PRO G 73 -14.79 -29.83 61.64
C PRO G 73 -14.28 -29.83 63.08
N GLN G 74 -13.45 -30.82 63.40
CA GLN G 74 -12.94 -31.04 64.76
C GLN G 74 -11.51 -30.53 64.81
N VAL G 75 -11.38 -29.22 65.02
CA VAL G 75 -10.06 -28.60 65.18
C VAL G 75 -9.30 -29.24 66.32
N VAL G 76 -7.96 -29.21 66.21
CA VAL G 76 -7.06 -29.83 67.18
C VAL G 76 -5.87 -28.90 67.41
N CYS G 77 -5.19 -29.12 68.54
CA CYS G 77 -4.03 -28.32 68.90
C CYS G 77 -2.89 -28.61 67.93
N ASN G 78 -2.45 -27.57 67.23
CA ASN G 78 -1.57 -27.71 66.08
C ASN G 78 -0.58 -26.55 66.01
N TYR G 79 0.52 -26.78 65.32
CA TYR G 79 1.58 -25.78 65.18
C TYR G 79 1.09 -24.61 64.35
N ARG G 80 1.06 -23.43 64.95
CA ARG G 80 0.79 -22.20 64.20
C ARG G 80 2.05 -21.66 63.54
N ASP G 81 3.18 -21.64 64.24
CA ASP G 81 4.46 -21.39 63.60
C ASP G 81 5.58 -21.96 64.45
N VAL G 82 6.75 -22.11 63.80
CA VAL G 82 7.93 -22.72 64.41
C VAL G 82 9.16 -21.94 64.02
N ARG G 83 10.24 -22.16 64.75
CA ARG G 83 11.59 -22.01 64.23
C ARG G 83 12.30 -23.36 64.28
N PHE G 84 13.57 -23.36 63.88
CA PHE G 84 14.38 -24.56 63.94
C PHE G 84 15.64 -24.38 64.79
N GLU G 85 16.09 -25.50 65.34
CA GLU G 85 17.34 -25.62 66.07
C GLU G 85 18.08 -26.84 65.55
N SER G 86 19.38 -26.90 65.82
CA SER G 86 20.19 -27.94 65.18
C SER G 86 21.48 -28.14 65.97
N ILE G 87 22.11 -29.28 65.73
CA ILE G 87 23.42 -29.59 66.28
C ILE G 87 24.15 -30.53 65.31
N ARG G 88 25.48 -30.43 65.30
CA ARG G 88 26.29 -31.38 64.54
C ARG G 88 26.33 -32.72 65.25
N LEU G 89 26.13 -33.79 64.48
CA LEU G 89 25.84 -35.09 65.06
C LEU G 89 27.06 -35.68 65.77
N PRO G 90 26.84 -36.44 66.86
CA PRO G 90 27.95 -37.01 67.64
C PRO G 90 28.43 -38.36 67.10
N GLY G 91 28.93 -38.35 65.86
CA GLY G 91 29.56 -39.54 65.31
C GLY G 91 28.64 -40.45 64.53
N CYS G 92 27.53 -39.93 64.01
CA CYS G 92 26.72 -40.63 63.04
C CYS G 92 27.51 -40.78 61.74
N PRO G 93 27.01 -41.60 60.80
CA PRO G 93 27.84 -41.96 59.64
C PRO G 93 28.22 -40.75 58.80
N ARG G 94 29.37 -40.86 58.14
CA ARG G 94 29.80 -39.88 57.17
C ARG G 94 28.95 -39.96 55.90
N GLY G 95 29.09 -38.95 55.06
CA GLY G 95 28.28 -38.81 53.86
C GLY G 95 26.88 -38.30 54.16
N VAL G 96 26.30 -38.77 55.27
CA VAL G 96 25.16 -38.06 55.85
C VAL G 96 25.64 -36.68 56.29
N ASN G 97 24.75 -35.70 56.17
CA ASN G 97 25.11 -34.35 56.59
C ASN G 97 25.47 -34.34 58.08
N PRO G 98 26.50 -33.60 58.48
CA PRO G 98 26.93 -33.65 59.89
C PRO G 98 25.88 -33.15 60.86
N VAL G 99 24.93 -32.33 60.41
CA VAL G 99 24.03 -31.60 61.30
C VAL G 99 22.66 -32.23 61.27
N VAL G 100 22.07 -32.38 62.45
CA VAL G 100 20.65 -32.67 62.62
C VAL G 100 19.95 -31.37 62.97
N SER G 101 18.78 -31.15 62.38
CA SER G 101 18.00 -29.94 62.61
C SER G 101 16.55 -30.30 62.91
N TYR G 102 15.93 -29.47 63.74
CA TYR G 102 14.65 -29.81 64.34
C TYR G 102 13.90 -28.52 64.67
N ALA G 103 12.58 -28.63 64.70
CA ALA G 103 11.73 -27.47 64.94
C ALA G 103 11.66 -27.12 66.42
N VAL G 104 11.31 -25.86 66.69
CA VAL G 104 10.92 -25.40 68.02
C VAL G 104 9.52 -24.78 67.90
N ALA G 105 8.60 -25.29 68.71
CA ALA G 105 7.22 -24.79 68.71
C ALA G 105 7.20 -23.38 69.28
N LEU G 106 6.93 -22.39 68.42
CA LEU G 106 6.89 -20.99 68.85
C LEU G 106 5.48 -20.52 69.17
N SER G 107 4.47 -20.97 68.43
CA SER G 107 3.09 -20.74 68.79
C SER G 107 2.24 -21.89 68.26
N CYS G 108 1.09 -22.08 68.89
CA CYS G 108 0.20 -23.19 68.61
C CYS G 108 -1.23 -22.69 68.49
N GLN G 109 -2.07 -23.48 67.81
CA GLN G 109 -3.45 -23.09 67.60
C GLN G 109 -4.32 -24.34 67.50
N CYS G 110 -5.59 -24.16 67.84
CA CYS G 110 -6.62 -25.19 67.66
C CYS G 110 -7.08 -25.17 66.21
N ALA G 111 -6.54 -26.10 65.42
CA ALA G 111 -6.76 -26.08 63.98
C ALA G 111 -6.80 -27.52 63.47
N LEU G 112 -7.28 -27.67 62.24
CA LEU G 112 -7.30 -28.97 61.59
C LEU G 112 -5.90 -29.44 61.24
N CYS G 113 -5.65 -30.73 61.41
CA CYS G 113 -4.35 -31.30 61.04
C CYS G 113 -4.28 -31.40 59.53
N ARG G 114 -3.18 -30.91 58.95
CA ARG G 114 -2.99 -30.93 57.51
C ARG G 114 -2.62 -32.33 57.04
N ARG G 115 -3.55 -32.98 56.34
CA ARG G 115 -3.33 -34.31 55.80
C ARG G 115 -2.02 -34.40 55.05
N SER G 116 -1.69 -33.36 54.29
CA SER G 116 -0.44 -33.32 53.53
C SER G 116 0.80 -33.48 54.40
N THR G 117 0.72 -33.15 55.68
CA THR G 117 1.91 -32.81 56.45
C THR G 117 1.93 -33.46 57.83
N THR G 118 0.79 -33.78 58.40
CA THR G 118 0.68 -34.32 59.74
C THR G 118 0.13 -35.73 59.63
N ASP G 119 0.49 -36.58 60.58
CA ASP G 119 -0.36 -37.70 60.96
C ASP G 119 -1.02 -37.38 62.29
N CYS G 120 -2.33 -37.57 62.35
CA CYS G 120 -3.12 -37.17 63.49
C CYS G 120 -4.10 -38.28 63.82
N GLY G 121 -4.16 -38.64 65.09
CA GLY G 121 -5.04 -39.70 65.53
C GLY G 121 -5.03 -39.83 67.04
N GLY G 122 -5.47 -40.99 67.51
CA GLY G 122 -5.48 -41.26 68.93
C GLY G 122 -4.10 -41.30 69.53
N PRO G 123 -4.02 -41.21 70.86
CA PRO G 123 -2.71 -41.19 71.53
C PRO G 123 -1.89 -42.44 71.22
N LYS G 124 -0.61 -42.22 70.95
CA LYS G 124 0.35 -43.31 70.85
C LYS G 124 0.99 -43.63 72.20
N ASP G 125 1.08 -42.65 73.09
CA ASP G 125 1.94 -42.72 74.27
C ASP G 125 3.37 -43.11 73.88
N HIS G 126 3.82 -42.60 72.74
CA HIS G 126 5.13 -43.00 72.24
C HIS G 126 6.23 -42.41 73.12
N PRO G 127 7.24 -43.19 73.51
CA PRO G 127 8.33 -42.61 74.30
C PRO G 127 9.09 -41.56 73.49
N LEU G 128 9.01 -40.30 73.94
CA LEU G 128 9.79 -39.22 73.34
C LEU G 128 11.17 -39.08 73.95
N THR G 129 11.50 -39.86 74.96
CA THR G 129 12.90 -40.09 75.29
C THR G 129 13.51 -41.08 74.31
N CYS G 130 14.83 -41.26 74.41
CA CYS G 130 15.52 -42.27 73.63
C CYS G 130 15.19 -43.67 74.14
N ASP G 131 13.91 -44.04 74.10
CA ASP G 131 13.46 -45.36 74.52
C ASP G 131 14.06 -45.76 75.86
#